data_4BTX
#
_entry.id   4BTX
#
_cell.length_a   226.350
_cell.length_b   226.350
_cell.length_c   217.226
_cell.angle_alpha   90.00
_cell.angle_beta   90.00
_cell.angle_gamma   120.00
#
_symmetry.space_group_name_H-M   'P 65 2 2'
#
loop_
_entity.id
_entity.type
_entity.pdbx_description
1 polymer 'MEMBRANE PRIMARY AMINE OXIDASE'
2 branched beta-D-mannopyranose-(1-4)-2-acetamido-2-deoxy-beta-D-glucopyranose-(1-4)-2-acetamido-2-deoxy-beta-D-glucopyranose
3 branched alpha-D-mannopyranose-(1-4)-2-acetamido-2-deoxy-beta-D-glucopyranose-(1-4)-2-acetamido-2-deoxy-beta-D-glucopyranose
4 non-polymer 'COPPER (II) ION'
5 non-polymer 'CALCIUM ION'
6 non-polymer 2-acetamido-2-deoxy-beta-D-glucopyranose
7 non-polymer 5-isopropylamino-2-phenyl-6-(1H-1,2,4-triazol-5-yl)-3(2H)-pyridazinone
8 non-polymer alpha-D-mannopyranose
9 water water
#
_entity_poly.entity_id   1
_entity_poly.type   'polypeptide(L)'
_entity_poly.pdbx_seq_one_letter_code
;GRGGDGGEPSQLPHCPSVSPSAQPWTHPGQSQLFADLSREELTAVMRFLTQRLGPGLVDAAQARPSDNCVFSVELQLPPK
AAALAHLDRGSPPPAREALAIVFFGRQPQPNVSELVVGPLPHPSYMRDVTVERHGGPLPYHRRPVLFQEYLDIDQMIFNR
ELPQASGLLHHCCFYKHRGRNLVTMTTAPRGLQSGDRATWFGLYYNISGAGFFLHHVGLELLVNHKALDPARWTIQKVFY
QGRYYDSLAQLEAQFEAGLVNVVLIPDNGTGGSWSLKSPVPPGPAPPLQFYPQGPRFSVQGSRVASSLWTFSFGLGAFSG
PRIFDVRFQGERLVYEISLQEALAIYGGNSPAAMTTRYVDGGFGMGKYTTPLTRGVDCPYLATYVDWHFLLESQAPKTIR
DAFCVFEQNQGLPLRRHHSDLYSHYFGGLAETVLVVRSMSTLLN(TPQ)DYVWDTVFHPSGAIEIRFYATGYISSAFLFG
ATGKYGNQVSEHTLGTVHTHSAHFKVDLDVAGLENWVWAEDMVFVPMAVPWSPEHQLQRLQVTRKLLEMEEQAAFLVGSA
TPRYLYLASNHSNKWGHPRGYRIQMLSFAGEPLPQNSSMARGFSWERYQLAVTQRKEEEPSSSSVFNQNDPWAPTVDFSD
FINNETIAGKDLVAWVTAGFLHIPHAEDIPNTVTVGNGVGFFLRPYNFFDEDPSFYSADSIYFRGDQDAGACEVNPLACL
PQAAACAPDLPAFSHGGFSHN
;
_entity_poly.pdbx_strand_id   A,B
#
# COMPACT_ATOMS: atom_id res chain seq x y z
N PRO A 28 11.77 14.25 -32.50
CA PRO A 28 11.02 14.55 -33.74
C PRO A 28 10.17 15.82 -33.63
N GLY A 29 9.26 15.82 -32.64
CA GLY A 29 8.52 17.00 -32.19
C GLY A 29 8.97 17.35 -30.78
N GLN A 30 9.66 18.48 -30.62
CA GLN A 30 10.44 18.76 -29.43
C GLN A 30 9.89 19.93 -28.61
N SER A 31 8.62 20.27 -28.81
CA SER A 31 7.97 21.37 -28.09
C SER A 31 7.47 20.95 -26.69
N GLN A 32 7.22 21.95 -25.84
CA GLN A 32 6.82 21.75 -24.43
C GLN A 32 5.45 22.35 -24.27
N LEU A 33 4.46 21.64 -24.81
CA LEU A 33 3.16 22.24 -25.00
C LEU A 33 2.20 21.91 -23.89
N PHE A 34 2.73 21.28 -22.84
CA PHE A 34 1.91 20.90 -21.68
C PHE A 34 2.21 21.79 -20.48
N ALA A 35 3.31 22.55 -20.57
CA ALA A 35 3.75 23.48 -19.54
C ALA A 35 2.69 24.51 -19.15
N ASP A 36 2.68 24.85 -17.87
CA ASP A 36 1.85 25.94 -17.39
C ASP A 36 2.45 27.26 -17.85
N LEU A 37 1.59 28.28 -17.85
CA LEU A 37 1.93 29.62 -18.33
C LEU A 37 2.97 30.28 -17.45
N SER A 38 3.94 30.94 -18.07
CA SER A 38 4.94 31.73 -17.35
C SER A 38 4.32 33.07 -16.93
N ARG A 39 5.07 33.85 -16.17
CA ARG A 39 4.57 35.12 -15.68
C ARG A 39 4.34 36.08 -16.85
N GLU A 40 5.31 36.11 -17.76
CA GLU A 40 5.20 36.88 -18.99
C GLU A 40 3.94 36.51 -19.69
N GLU A 41 3.76 35.21 -19.81
CA GLU A 41 2.64 34.69 -20.56
C GLU A 41 1.35 35.16 -19.90
N LEU A 42 1.33 35.10 -18.57
CA LEU A 42 0.15 35.47 -17.79
C LEU A 42 -0.15 36.96 -17.92
N THR A 43 0.90 37.75 -17.71
CA THR A 43 0.83 39.19 -17.87
C THR A 43 0.26 39.57 -19.21
N ALA A 44 0.82 38.93 -20.24
CA ALA A 44 0.50 39.20 -21.63
C ALA A 44 -0.98 39.02 -21.90
N VAL A 45 -1.51 37.97 -21.32
CA VAL A 45 -2.91 37.68 -21.44
C VAL A 45 -3.76 38.68 -20.64
N MET A 46 -3.24 39.13 -19.51
CA MET A 46 -3.98 40.07 -18.69
C MET A 46 -4.08 41.36 -19.47
N ARG A 47 -2.94 41.81 -20.01
CA ARG A 47 -2.92 43.04 -20.81
C ARG A 47 -3.87 42.89 -21.95
N PHE A 48 -3.83 41.76 -22.64
CA PHE A 48 -4.78 41.58 -23.73
C PHE A 48 -6.23 41.81 -23.27
N LEU A 49 -6.56 41.29 -22.10
CA LEU A 49 -7.94 41.31 -21.64
C LEU A 49 -8.40 42.69 -21.15
N THR A 50 -7.57 43.27 -20.27
CA THR A 50 -7.78 44.62 -19.79
C THR A 50 -8.34 45.46 -20.89
N GLN A 51 -7.64 45.45 -22.02
CA GLN A 51 -7.92 46.35 -23.13
C GLN A 51 -9.33 46.20 -23.66
N ARG A 52 -9.82 44.99 -23.83
CA ARG A 52 -11.12 44.85 -24.50
C ARG A 52 -12.22 44.19 -23.71
N LEU A 53 -12.17 44.37 -22.39
CA LEU A 53 -13.33 44.08 -21.55
C LEU A 53 -14.00 45.41 -21.24
N GLY A 54 -13.17 46.38 -20.87
CA GLY A 54 -13.47 47.79 -21.08
C GLY A 54 -14.09 48.56 -19.92
N PRO A 55 -15.35 49.02 -20.10
CA PRO A 55 -15.93 49.91 -19.10
C PRO A 55 -16.03 49.24 -17.70
N GLY A 56 -15.04 49.52 -16.85
CA GLY A 56 -15.12 49.17 -15.42
C GLY A 56 -14.63 47.78 -15.04
N LEU A 57 -13.48 47.41 -15.57
CA LEU A 57 -12.86 46.15 -15.21
C LEU A 57 -12.20 46.39 -13.87
N VAL A 58 -12.64 45.68 -12.86
CA VAL A 58 -12.03 45.80 -11.55
C VAL A 58 -11.11 44.62 -11.29
N ASP A 59 -10.05 44.91 -10.55
CA ASP A 59 -9.21 43.91 -9.94
C ASP A 59 -10.08 42.95 -9.11
N ALA A 60 -9.88 41.66 -9.31
CA ALA A 60 -10.63 40.63 -8.57
C ALA A 60 -10.51 40.78 -7.07
N ALA A 61 -9.31 41.15 -6.62
CA ALA A 61 -8.97 41.16 -5.21
C ALA A 61 -9.77 42.19 -4.41
N GLN A 62 -10.46 43.12 -5.09
CA GLN A 62 -11.43 44.03 -4.44
C GLN A 62 -12.76 44.09 -5.15
N ALA A 63 -13.16 43.03 -5.81
CA ALA A 63 -14.35 43.13 -6.62
C ALA A 63 -15.58 42.95 -5.77
N ARG A 64 -16.58 43.75 -6.05
CA ARG A 64 -17.90 43.54 -5.49
C ARG A 64 -18.68 42.61 -6.42
N PRO A 65 -19.72 41.97 -5.89
CA PRO A 65 -20.66 41.23 -6.72
C PRO A 65 -21.06 41.89 -8.01
N SER A 66 -21.34 43.19 -7.98
CA SER A 66 -21.87 43.88 -9.17
C SER A 66 -20.75 44.31 -10.13
N ASP A 67 -19.49 44.16 -9.71
CA ASP A 67 -18.35 44.42 -10.59
C ASP A 67 -18.11 43.39 -11.74
N ASN A 68 -17.25 43.80 -12.68
CA ASN A 68 -16.69 42.95 -13.72
C ASN A 68 -15.28 42.67 -13.31
N CYS A 69 -14.92 41.41 -13.48
CA CYS A 69 -13.82 40.85 -12.75
C CYS A 69 -13.12 39.75 -13.57
N VAL A 70 -11.79 39.71 -13.49
CA VAL A 70 -11.09 38.57 -14.08
C VAL A 70 -10.65 37.63 -12.96
N PHE A 71 -11.32 36.48 -12.90
CA PHE A 71 -11.16 35.51 -11.81
C PHE A 71 -9.87 34.72 -11.93
N SER A 72 -9.63 34.20 -13.12
CA SER A 72 -8.48 33.33 -13.33
C SER A 72 -8.00 33.42 -14.75
N VAL A 73 -6.70 33.20 -14.88
CA VAL A 73 -6.09 32.97 -16.16
C VAL A 73 -5.12 31.81 -16.03
N GLU A 74 -5.33 30.77 -16.84
CA GLU A 74 -4.35 29.67 -16.87
C GLU A 74 -4.33 28.94 -18.22
N LEU A 75 -3.37 28.04 -18.34
CA LEU A 75 -3.21 27.28 -19.56
C LEU A 75 -4.48 26.66 -20.02
N GLN A 76 -4.75 26.79 -21.30
CA GLN A 76 -5.74 25.98 -21.99
C GLN A 76 -4.98 24.81 -22.59
N LEU A 77 -5.37 23.58 -22.25
CA LEU A 77 -4.69 22.41 -22.79
C LEU A 77 -4.96 22.22 -24.26
N PRO A 78 -3.93 21.74 -25.00
CA PRO A 78 -4.07 21.53 -26.43
C PRO A 78 -4.99 20.38 -26.73
N PRO A 79 -5.57 20.37 -27.94
CA PRO A 79 -6.32 19.20 -28.37
C PRO A 79 -5.34 18.06 -28.67
N LYS A 80 -5.81 16.84 -28.48
CA LYS A 80 -4.93 15.67 -28.46
C LYS A 80 -4.43 15.34 -29.87
N ALA A 81 -5.35 15.30 -30.83
CA ALA A 81 -5.02 15.02 -32.22
C ALA A 81 -3.76 15.82 -32.68
N ALA A 82 -3.87 17.15 -32.58
CA ALA A 82 -2.78 18.02 -32.90
C ALA A 82 -1.57 17.78 -32.01
N ALA A 83 -1.77 17.55 -30.74
CA ALA A 83 -0.62 17.41 -29.87
C ALA A 83 0.26 16.22 -30.30
N LEU A 84 -0.42 15.15 -30.69
CA LEU A 84 0.27 13.91 -30.97
C LEU A 84 0.93 13.97 -32.32
N ALA A 85 0.19 14.44 -33.31
CA ALA A 85 0.76 14.77 -34.62
C ALA A 85 2.10 15.50 -34.45
N HIS A 86 2.15 16.46 -33.53
CA HIS A 86 3.35 17.21 -33.33
C HIS A 86 4.44 16.36 -32.74
N LEU A 87 4.09 15.65 -31.69
CA LEU A 87 5.06 14.94 -30.86
C LEU A 87 5.57 13.67 -31.51
N ASP A 88 4.66 13.00 -32.20
CA ASP A 88 4.91 11.73 -32.85
C ASP A 88 5.31 11.88 -34.32
N ARG A 89 4.45 12.51 -35.10
CA ARG A 89 4.65 12.62 -36.54
C ARG A 89 5.29 13.95 -37.01
N GLY A 90 6.09 14.61 -36.18
CA GLY A 90 6.75 15.90 -36.55
C GLY A 90 5.99 17.13 -37.09
N SER A 91 4.65 17.10 -37.10
CA SER A 91 3.82 18.25 -37.53
C SER A 91 4.06 19.51 -36.71
N PRO A 92 3.52 20.66 -37.16
CA PRO A 92 3.75 21.87 -36.35
C PRO A 92 2.80 21.84 -35.16
N PRO A 93 3.22 22.42 -34.00
CA PRO A 93 2.48 22.28 -32.73
C PRO A 93 1.24 23.09 -32.72
N PRO A 94 0.27 22.78 -31.85
CA PRO A 94 -0.94 23.58 -31.84
C PRO A 94 -0.74 24.91 -31.12
N ALA A 95 -1.63 25.85 -31.39
CA ALA A 95 -1.47 27.19 -30.84
C ALA A 95 -1.55 27.12 -29.32
N ARG A 96 -0.56 27.67 -28.62
CA ARG A 96 -0.62 27.75 -27.16
C ARG A 96 -1.65 28.78 -26.80
N GLU A 97 -2.64 28.40 -26.01
CA GLU A 97 -3.73 29.30 -25.65
C GLU A 97 -3.89 29.36 -24.12
N ALA A 98 -4.76 30.24 -23.66
CA ALA A 98 -4.99 30.42 -22.25
C ALA A 98 -6.46 30.59 -22.09
N LEU A 99 -6.96 30.14 -20.94
CA LEU A 99 -8.37 30.24 -20.66
C LEU A 99 -8.55 31.16 -19.47
N ALA A 100 -9.56 32.03 -19.59
CA ALA A 100 -9.82 33.00 -18.56
C ALA A 100 -11.28 32.95 -18.09
N ILE A 101 -11.44 33.09 -16.78
CA ILE A 101 -12.75 33.13 -16.19
C ILE A 101 -13.02 34.55 -15.78
N VAL A 102 -14.15 35.05 -16.26
CA VAL A 102 -14.51 36.43 -16.09
C VAL A 102 -15.88 36.46 -15.43
N PHE A 103 -15.95 37.12 -14.27
CA PHE A 103 -17.24 37.39 -13.65
C PHE A 103 -17.79 38.71 -14.20
N PHE A 104 -18.87 38.61 -14.95
CA PHE A 104 -19.52 39.78 -15.50
C PHE A 104 -20.71 40.21 -14.65
N GLY A 105 -20.43 40.90 -13.54
CA GLY A 105 -21.47 41.35 -12.60
C GLY A 105 -22.16 42.69 -12.85
N ARG A 106 -21.58 43.50 -13.72
CA ARG A 106 -22.04 44.87 -13.96
C ARG A 106 -22.94 44.87 -15.17
N GLN A 107 -24.00 44.09 -15.14
CA GLN A 107 -24.95 44.05 -16.24
C GLN A 107 -26.35 43.83 -15.68
N PRO A 108 -27.37 44.03 -16.52
CA PRO A 108 -28.74 43.62 -16.19
C PRO A 108 -29.00 42.10 -16.10
N GLN A 109 -28.03 41.25 -16.47
CA GLN A 109 -28.22 39.81 -16.35
C GLN A 109 -26.87 39.10 -16.21
N PRO A 110 -26.24 39.21 -15.03
CA PRO A 110 -24.84 38.84 -14.86
C PRO A 110 -24.53 37.43 -15.29
N ASN A 111 -23.26 37.15 -15.58
CA ASN A 111 -22.85 35.82 -15.99
C ASN A 111 -21.39 35.58 -15.67
N VAL A 112 -21.02 34.31 -15.62
CA VAL A 112 -19.61 33.97 -15.63
C VAL A 112 -19.33 33.58 -17.06
N SER A 113 -18.13 33.92 -17.55
CA SER A 113 -17.76 33.53 -18.89
C SER A 113 -16.36 32.97 -18.95
N GLU A 114 -16.22 32.02 -19.86
CA GLU A 114 -14.97 31.34 -20.14
C GLU A 114 -14.47 31.85 -21.50
N LEU A 115 -13.27 32.41 -21.50
CA LEU A 115 -12.70 33.03 -22.68
C LEU A 115 -11.33 32.45 -23.00
N VAL A 116 -11.17 32.02 -24.26
CA VAL A 116 -9.90 31.48 -24.72
C VAL A 116 -9.16 32.59 -25.42
N VAL A 117 -7.86 32.66 -25.15
CA VAL A 117 -7.03 33.74 -25.58
C VAL A 117 -5.68 33.20 -26.02
N GLY A 118 -5.35 33.48 -27.27
CA GLY A 118 -4.05 33.13 -27.82
C GLY A 118 -3.77 34.04 -28.99
N PRO A 119 -2.64 33.82 -29.67
CA PRO A 119 -1.74 32.72 -29.43
C PRO A 119 -0.53 33.19 -28.67
N LEU A 120 -0.22 32.53 -27.59
CA LEU A 120 0.92 32.92 -26.81
C LEU A 120 2.16 32.62 -27.59
N PRO A 121 3.25 33.36 -27.33
CA PRO A 121 3.43 34.38 -26.28
C PRO A 121 2.85 35.78 -26.54
N HIS A 122 2.56 36.16 -27.78
CA HIS A 122 2.02 37.51 -28.06
C HIS A 122 0.59 37.38 -28.57
N PRO A 123 -0.37 37.35 -27.66
CA PRO A 123 -1.74 37.05 -28.10
C PRO A 123 -2.31 38.12 -28.97
N SER A 124 -3.28 37.72 -29.77
CA SER A 124 -3.95 38.59 -30.68
C SER A 124 -5.43 38.25 -30.91
N TYR A 125 -5.95 37.16 -30.34
CA TYR A 125 -7.39 36.82 -30.47
C TYR A 125 -7.96 36.39 -29.14
N MET A 126 -9.28 36.41 -29.06
CA MET A 126 -10.01 36.06 -27.86
C MET A 126 -11.35 35.51 -28.32
N ARG A 127 -11.75 34.36 -27.76
CA ARG A 127 -12.94 33.64 -28.19
C ARG A 127 -13.75 33.24 -26.93
N ASP A 128 -15.06 33.48 -26.96
CA ASP A 128 -15.96 33.06 -25.89
C ASP A 128 -16.44 31.65 -26.20
N VAL A 129 -16.05 30.71 -25.34
CA VAL A 129 -16.35 29.28 -25.50
C VAL A 129 -17.36 28.80 -24.47
N THR A 130 -17.98 29.74 -23.76
CA THR A 130 -18.93 29.41 -22.72
C THR A 130 -20.12 28.61 -23.26
N VAL A 131 -20.90 29.17 -24.18
CA VAL A 131 -22.05 28.44 -24.76
C VAL A 131 -21.64 27.19 -25.56
N GLU A 132 -20.42 27.17 -26.08
CA GLU A 132 -19.91 26.02 -26.80
C GLU A 132 -19.81 24.91 -25.76
N ARG A 133 -19.14 25.21 -24.64
CA ARG A 133 -18.88 24.20 -23.63
C ARG A 133 -20.06 23.86 -22.73
N HIS A 134 -21.03 24.77 -22.59
CA HIS A 134 -22.08 24.63 -21.55
C HIS A 134 -23.53 24.66 -22.07
N GLY A 135 -23.75 25.20 -23.26
CA GLY A 135 -25.07 25.11 -23.91
C GLY A 135 -25.92 26.32 -23.57
N GLY A 136 -25.38 27.16 -22.71
CA GLY A 136 -25.98 28.45 -22.40
C GLY A 136 -25.01 29.20 -21.51
N PRO A 137 -25.48 30.31 -20.95
CA PRO A 137 -24.65 31.12 -20.06
C PRO A 137 -24.46 30.47 -18.71
N LEU A 138 -23.35 30.72 -18.03
CA LEU A 138 -23.16 30.25 -16.66
C LEU A 138 -23.87 31.14 -15.62
N PRO A 139 -24.87 30.60 -14.91
CA PRO A 139 -25.53 31.38 -13.89
C PRO A 139 -24.57 31.88 -12.83
N TYR A 140 -24.80 33.11 -12.40
CA TYR A 140 -23.79 33.90 -11.72
C TYR A 140 -23.42 33.37 -10.30
N HIS A 141 -24.35 32.64 -9.69
CA HIS A 141 -24.17 32.16 -8.29
C HIS A 141 -23.27 30.95 -8.19
N ARG A 142 -23.00 30.33 -9.35
CA ARG A 142 -22.10 29.21 -9.41
C ARG A 142 -20.70 29.64 -9.12
N ARG A 143 -20.45 30.93 -9.26
CA ARG A 143 -19.10 31.39 -9.21
C ARG A 143 -18.63 31.19 -7.80
N PRO A 144 -17.36 30.81 -7.65
CA PRO A 144 -16.73 30.81 -6.34
C PRO A 144 -16.83 32.14 -5.58
N VAL A 145 -16.80 32.02 -4.27
CA VAL A 145 -16.77 33.16 -3.39
C VAL A 145 -15.36 33.72 -3.47
N LEU A 146 -15.30 35.03 -3.65
CA LEU A 146 -14.04 35.76 -3.75
C LEU A 146 -13.46 36.07 -2.41
N PHE A 147 -12.15 36.19 -2.33
CA PHE A 147 -11.54 36.80 -1.15
C PHE A 147 -12.33 38.02 -0.62
N GLN A 148 -12.64 39.00 -1.47
CA GLN A 148 -13.48 40.14 -1.04
C GLN A 148 -14.77 39.72 -0.40
N GLU A 149 -15.48 38.85 -1.09
CA GLU A 149 -16.76 38.34 -0.62
C GLU A 149 -16.59 37.78 0.80
N TYR A 150 -15.56 37.00 1.02
CA TYR A 150 -15.27 36.53 2.37
C TYR A 150 -15.09 37.71 3.35
N LEU A 151 -14.39 38.76 2.94
CA LEU A 151 -14.19 39.92 3.81
C LEU A 151 -15.48 40.70 4.04
N ASP A 152 -16.29 40.91 3.00
CA ASP A 152 -17.58 41.62 3.15
C ASP A 152 -18.53 40.92 4.12
N ILE A 153 -18.55 39.59 4.01
CA ILE A 153 -19.26 38.73 4.94
C ILE A 153 -18.74 38.91 6.37
N ASP A 154 -17.44 38.75 6.56
CA ASP A 154 -16.84 38.92 7.89
C ASP A 154 -16.96 40.31 8.52
N GLN A 155 -17.42 41.30 7.77
CA GLN A 155 -17.74 42.60 8.35
C GLN A 155 -19.16 42.59 8.82
N MET A 156 -20.07 42.21 7.94
CA MET A 156 -21.44 41.99 8.36
C MET A 156 -21.45 41.17 9.65
N ILE A 157 -20.59 40.17 9.74
CA ILE A 157 -20.55 39.37 10.93
C ILE A 157 -19.99 40.20 12.06
N PHE A 158 -18.72 40.54 12.02
CA PHE A 158 -18.06 41.07 13.20
C PHE A 158 -18.39 42.54 13.54
N ASN A 159 -19.13 43.23 12.64
CA ASN A 159 -19.49 44.62 12.84
C ASN A 159 -20.96 44.87 12.97
N ARG A 160 -21.79 44.15 12.25
CA ARG A 160 -23.21 44.45 12.33
C ARG A 160 -24.04 43.36 13.00
N GLU A 161 -23.40 42.43 13.71
CA GLU A 161 -24.10 41.20 14.11
C GLU A 161 -23.64 40.67 15.47
N LEU A 162 -22.40 40.23 15.56
CA LEU A 162 -21.83 39.78 16.83
C LEU A 162 -21.98 40.81 17.92
N PRO A 163 -21.68 42.08 17.62
CA PRO A 163 -22.02 43.20 18.48
C PRO A 163 -23.42 43.11 19.13
N GLN A 164 -24.45 42.82 18.35
CA GLN A 164 -25.77 42.63 18.93
C GLN A 164 -25.82 41.52 19.99
N ALA A 165 -24.67 41.01 20.44
CA ALA A 165 -24.62 39.94 21.43
C ALA A 165 -23.34 39.89 22.25
N SER A 166 -22.79 41.09 22.48
CA SER A 166 -21.62 41.26 23.33
C SER A 166 -21.86 40.72 24.73
N GLY A 167 -23.12 40.75 25.20
CA GLY A 167 -23.46 40.24 26.52
C GLY A 167 -23.01 38.81 26.64
N LEU A 168 -23.60 37.98 25.78
CA LEU A 168 -23.23 36.58 25.68
C LEU A 168 -21.74 36.41 25.43
N LEU A 169 -21.23 37.07 24.39
CA LEU A 169 -19.87 36.83 23.94
C LEU A 169 -18.83 37.28 24.94
N HIS A 170 -19.13 38.35 25.69
CA HIS A 170 -18.22 38.81 26.75
C HIS A 170 -18.14 37.71 27.77
N HIS A 171 -19.28 37.09 27.97
CA HIS A 171 -19.38 36.03 28.94
C HIS A 171 -18.63 34.75 28.50
N CYS A 172 -19.11 34.12 27.42
CA CYS A 172 -18.58 32.82 26.96
C CYS A 172 -17.17 32.85 26.40
N CYS A 173 -16.90 33.88 25.62
CA CYS A 173 -15.93 33.81 24.52
C CYS A 173 -14.95 34.96 24.50
N PHE A 174 -14.63 35.49 25.69
CA PHE A 174 -13.58 36.48 25.84
C PHE A 174 -13.65 37.68 24.88
N TYR A 175 -14.84 38.02 24.39
CA TYR A 175 -15.01 39.03 23.32
C TYR A 175 -14.82 40.42 23.88
N LYS A 176 -14.12 41.28 23.15
CA LYS A 176 -13.93 42.71 23.52
C LYS A 176 -14.55 43.58 22.43
N HIS A 177 -14.77 44.88 22.72
CA HIS A 177 -15.42 45.87 21.81
C HIS A 177 -16.09 45.27 20.56
N ARG A 178 -15.31 45.01 19.50
CA ARG A 178 -15.56 43.91 18.54
C ARG A 178 -14.27 43.06 18.54
N GLY A 179 -13.17 43.68 18.10
CA GLY A 179 -11.81 43.23 18.48
C GLY A 179 -11.10 42.18 17.65
N ARG A 180 -11.86 41.19 17.17
CA ARG A 180 -11.30 39.99 16.55
C ARG A 180 -10.37 39.22 17.50
N ASN A 181 -10.97 38.27 18.21
CA ASN A 181 -10.30 37.16 18.88
C ASN A 181 -10.87 35.84 18.34
N LEU A 182 -12.01 35.95 17.67
CA LEU A 182 -12.63 34.90 16.90
C LEU A 182 -12.27 35.00 15.41
N VAL A 183 -12.89 34.12 14.61
CA VAL A 183 -12.46 33.77 13.25
C VAL A 183 -13.56 32.90 12.62
N THR A 184 -13.88 33.12 11.35
CA THR A 184 -14.86 32.24 10.70
C THR A 184 -14.22 31.23 9.75
N MET A 185 -15.05 30.30 9.27
CA MET A 185 -14.65 29.29 8.29
C MET A 185 -15.88 28.82 7.53
N THR A 186 -15.72 28.55 6.25
CA THR A 186 -16.85 28.37 5.36
C THR A 186 -17.20 26.92 5.25
N THR A 187 -18.26 26.61 4.52
CA THR A 187 -18.73 25.26 4.29
C THR A 187 -19.38 25.03 2.92
N ALA A 188 -19.13 23.82 2.39
CA ALA A 188 -20.12 22.90 1.76
C ALA A 188 -20.73 23.48 0.58
N PRO A 189 -21.86 22.90 0.13
CA PRO A 189 -22.66 23.77 -0.70
C PRO A 189 -23.18 24.89 0.18
N ARG A 190 -23.90 25.81 -0.44
CA ARG A 190 -24.34 26.97 0.28
C ARG A 190 -25.83 27.10 -0.02
N GLY A 191 -26.63 26.43 0.80
CA GLY A 191 -28.06 26.42 0.61
C GLY A 191 -28.57 25.02 0.42
N LEU A 192 -29.77 24.93 -0.15
CA LEU A 192 -30.53 23.68 -0.22
C LEU A 192 -31.16 23.48 -1.58
N GLN A 193 -30.68 24.18 -2.60
CA GLN A 193 -31.44 24.32 -3.84
C GLN A 193 -30.60 24.98 -4.91
N SER A 194 -30.83 24.64 -6.16
CA SER A 194 -30.13 25.33 -7.26
C SER A 194 -30.52 26.80 -7.17
N GLY A 195 -29.54 27.68 -7.12
CA GLY A 195 -29.82 29.11 -6.92
C GLY A 195 -29.40 29.68 -5.58
N ASP A 196 -29.34 28.85 -4.55
CA ASP A 196 -29.03 29.36 -3.23
C ASP A 196 -27.57 29.79 -3.12
N ARG A 197 -27.35 30.81 -2.28
CA ARG A 197 -26.00 31.18 -1.85
C ARG A 197 -26.12 31.64 -0.40
N ALA A 198 -25.96 30.67 0.51
CA ALA A 198 -26.20 30.80 1.94
C ALA A 198 -25.29 29.84 2.67
N THR A 199 -24.28 30.35 3.34
CA THR A 199 -23.27 29.51 3.94
C THR A 199 -23.37 29.45 5.45
N TRP A 200 -23.30 28.26 6.01
CA TRP A 200 -23.10 28.13 7.46
C TRP A 200 -21.65 28.41 7.79
N PHE A 201 -21.41 29.38 8.67
CA PHE A 201 -20.05 29.63 9.13
C PHE A 201 -19.91 29.28 10.61
N GLY A 202 -18.88 28.52 10.92
CA GLY A 202 -18.56 28.24 12.29
C GLY A 202 -17.73 29.37 12.79
N LEU A 203 -17.74 29.57 14.12
CA LEU A 203 -16.85 30.54 14.75
C LEU A 203 -15.87 29.86 15.67
N TYR A 204 -14.65 30.38 15.73
CA TYR A 204 -13.55 29.65 16.36
C TYR A 204 -12.59 30.67 16.93
N TYR A 205 -11.90 30.32 17.99
CA TYR A 205 -10.86 31.18 18.49
C TYR A 205 -9.70 31.27 17.51
N ASN A 206 -9.35 32.48 17.10
CA ASN A 206 -8.10 32.74 16.38
C ASN A 206 -6.93 32.29 17.24
N ILE A 207 -6.58 31.02 17.18
CA ILE A 207 -5.35 30.57 17.83
C ILE A 207 -4.12 31.08 17.05
N SER A 208 -2.99 31.14 17.75
CA SER A 208 -1.81 31.75 17.22
C SER A 208 -0.69 30.72 17.03
N GLY A 209 -0.24 30.53 15.79
CA GLY A 209 0.86 29.57 15.51
C GLY A 209 0.43 28.10 15.58
N ALA A 210 -0.88 27.89 15.39
CA ALA A 210 -1.45 26.55 15.40
C ALA A 210 -2.93 26.59 15.04
N GLY A 211 -3.58 25.45 15.09
CA GLY A 211 -4.77 25.26 14.30
C GLY A 211 -6.02 25.75 14.95
N PHE A 212 -6.67 26.72 14.34
CA PHE A 212 -7.92 27.16 14.87
C PHE A 212 -9.09 26.16 14.81
N PHE A 213 -8.93 25.07 14.08
CA PHE A 213 -10.09 24.26 13.66
C PHE A 213 -10.60 23.44 14.81
N LEU A 214 -9.70 23.16 15.75
CA LEU A 214 -10.01 22.41 16.96
C LEU A 214 -10.81 23.22 18.03
N HIS A 215 -10.93 24.54 17.87
CA HIS A 215 -11.45 25.43 18.88
C HIS A 215 -12.71 26.15 18.49
N HIS A 216 -13.69 25.39 18.03
CA HIS A 216 -15.02 25.90 17.74
C HIS A 216 -15.67 26.36 19.04
N VAL A 217 -16.51 27.37 18.99
CA VAL A 217 -17.07 27.98 20.22
C VAL A 217 -18.56 27.73 20.34
N GLY A 218 -19.14 27.07 19.37
CA GLY A 218 -20.47 26.51 19.47
C GLY A 218 -21.43 27.39 18.74
N LEU A 219 -20.88 28.46 18.16
CA LEU A 219 -21.67 29.40 17.41
C LEU A 219 -21.53 29.17 15.89
N GLU A 220 -22.67 29.18 15.20
CA GLU A 220 -22.72 28.86 13.79
C GLU A 220 -23.80 29.70 13.13
N LEU A 221 -23.37 30.58 12.23
CA LEU A 221 -24.29 31.52 11.58
C LEU A 221 -24.59 31.09 10.15
N LEU A 222 -25.85 31.18 9.76
CA LEU A 222 -26.25 30.87 8.40
C LEU A 222 -26.41 32.16 7.64
N VAL A 223 -25.34 32.59 6.97
CA VAL A 223 -25.32 33.86 6.24
C VAL A 223 -25.86 33.67 4.85
N ASN A 224 -26.95 34.34 4.50
CA ASN A 224 -27.36 34.37 3.09
C ASN A 224 -26.60 35.50 2.42
N HIS A 225 -26.05 35.23 1.22
CA HIS A 225 -25.28 36.22 0.47
C HIS A 225 -25.48 36.18 -1.06
N LYS A 226 -26.68 35.78 -1.48
CA LYS A 226 -27.03 35.74 -2.90
C LYS A 226 -26.97 37.13 -3.55
N ALA A 227 -27.41 38.15 -2.82
CA ALA A 227 -27.54 39.49 -3.37
C ALA A 227 -26.22 40.09 -3.77
N LEU A 228 -26.32 40.96 -4.76
CA LEU A 228 -25.19 41.63 -5.33
C LEU A 228 -24.82 42.88 -4.52
N ASP A 229 -25.74 43.31 -3.66
CA ASP A 229 -25.49 44.38 -2.69
C ASP A 229 -25.25 43.78 -1.30
N PRO A 230 -24.00 43.85 -0.81
CA PRO A 230 -23.72 43.28 0.52
C PRO A 230 -24.59 43.82 1.66
N ALA A 231 -25.10 45.04 1.52
CA ALA A 231 -26.07 45.59 2.47
C ALA A 231 -27.32 44.72 2.55
N ARG A 232 -27.76 44.20 1.42
CA ARG A 232 -28.94 43.36 1.40
C ARG A 232 -28.75 41.95 2.08
N TRP A 233 -27.54 41.65 2.56
CA TRP A 233 -27.22 40.32 3.11
C TRP A 233 -27.76 40.07 4.51
N THR A 234 -28.70 39.15 4.64
CA THR A 234 -29.32 38.81 5.92
C THR A 234 -28.58 37.64 6.60
N ILE A 235 -28.70 37.50 7.92
CA ILE A 235 -28.46 36.21 8.59
C ILE A 235 -29.78 35.50 8.81
N GLN A 236 -29.91 34.26 8.36
CA GLN A 236 -31.23 33.62 8.36
C GLN A 236 -31.38 32.51 9.45
N LYS A 237 -30.35 32.25 10.24
CA LYS A 237 -30.47 31.32 11.35
C LYS A 237 -29.25 31.34 12.21
N VAL A 238 -29.44 31.02 13.48
CA VAL A 238 -28.33 30.93 14.43
C VAL A 238 -28.33 29.59 15.14
N PHE A 239 -27.16 29.17 15.60
CA PHE A 239 -27.05 27.93 16.30
C PHE A 239 -26.00 28.17 17.34
N TYR A 240 -26.45 28.10 18.60
CA TYR A 240 -25.53 28.19 19.71
C TYR A 240 -25.63 26.91 20.52
N GLN A 241 -24.46 26.30 20.68
CA GLN A 241 -24.23 25.28 21.68
C GLN A 241 -25.42 24.32 21.81
N GLY A 242 -25.96 23.85 20.71
CA GLY A 242 -27.05 22.87 20.75
C GLY A 242 -28.43 23.42 20.45
N ARG A 243 -28.56 24.74 20.44
CA ARG A 243 -29.88 25.36 20.31
C ARG A 243 -29.96 26.29 19.11
N TYR A 244 -31.12 26.29 18.45
CA TYR A 244 -31.36 27.14 17.29
C TYR A 244 -32.16 28.37 17.66
N TYR A 245 -31.62 29.55 17.36
CA TYR A 245 -32.34 30.80 17.51
C TYR A 245 -32.56 31.47 16.15
N ASP A 246 -33.49 32.42 16.11
CA ASP A 246 -33.82 33.15 14.87
C ASP A 246 -32.91 34.37 14.53
N SER A 247 -32.08 34.81 15.48
CA SER A 247 -31.20 35.96 15.25
C SER A 247 -30.27 36.11 16.43
N LEU A 248 -29.33 37.04 16.37
CA LEU A 248 -28.47 37.25 17.51
C LEU A 248 -29.14 38.14 18.57
N ALA A 249 -30.25 38.78 18.20
CA ALA A 249 -31.11 39.48 19.15
C ALA A 249 -31.72 38.47 20.15
N GLN A 250 -32.60 37.59 19.67
CA GLN A 250 -33.16 36.52 20.51
C GLN A 250 -32.11 35.94 21.38
N LEU A 251 -30.96 35.64 20.81
CA LEU A 251 -29.92 35.01 21.58
C LEU A 251 -29.53 35.89 22.79
N GLU A 252 -29.29 37.19 22.60
CA GLU A 252 -29.03 38.05 23.77
C GLU A 252 -30.21 38.02 24.73
N ALA A 253 -31.40 38.29 24.20
CA ALA A 253 -32.63 38.38 25.00
C ALA A 253 -32.59 37.28 26.07
N GLN A 254 -32.51 36.06 25.59
CA GLN A 254 -32.49 34.90 26.44
C GLN A 254 -31.32 34.85 27.37
N PHE A 255 -30.11 35.02 26.85
CA PHE A 255 -28.95 35.04 27.74
C PHE A 255 -29.12 36.03 28.90
N GLU A 256 -29.68 37.21 28.58
CA GLU A 256 -29.88 38.28 29.57
C GLU A 256 -30.95 37.83 30.55
N ALA A 257 -32.07 37.39 29.99
CA ALA A 257 -33.14 36.77 30.77
C ALA A 257 -32.70 35.49 31.55
N GLY A 258 -31.39 35.32 31.78
CA GLY A 258 -30.83 34.09 32.38
C GLY A 258 -31.31 32.75 31.82
N LEU A 259 -31.86 32.76 30.62
CA LEU A 259 -32.61 31.62 30.05
C LEU A 259 -31.74 30.70 29.18
N VAL A 260 -30.41 30.88 29.25
CA VAL A 260 -29.46 30.13 28.40
C VAL A 260 -28.34 29.56 29.25
N ASN A 261 -28.30 28.25 29.42
CA ASN A 261 -27.20 27.62 30.14
C ASN A 261 -26.02 27.62 29.18
N VAL A 262 -24.92 28.23 29.58
CA VAL A 262 -23.85 28.54 28.66
C VAL A 262 -22.57 27.79 29.02
N VAL A 263 -22.02 27.03 28.08
CA VAL A 263 -20.78 26.30 28.32
C VAL A 263 -19.58 27.20 28.10
N LEU A 264 -18.65 27.19 29.04
CA LEU A 264 -17.47 28.03 28.93
C LEU A 264 -16.32 27.24 28.36
N ILE A 265 -15.89 27.63 27.16
CA ILE A 265 -14.81 26.98 26.44
C ILE A 265 -13.56 27.82 26.53
N PRO A 266 -12.48 27.30 27.11
CA PRO A 266 -11.21 28.04 27.16
C PRO A 266 -10.64 28.46 25.81
N ASP A 267 -9.77 29.46 25.84
CA ASP A 267 -9.01 29.89 24.65
C ASP A 267 -7.49 29.82 24.85
N ASN A 268 -7.04 29.23 25.93
CA ASN A 268 -5.63 28.89 26.03
C ASN A 268 -5.60 27.43 26.43
N GLY A 269 -4.46 26.76 26.17
CA GLY A 269 -4.25 25.40 26.66
C GLY A 269 -2.82 24.98 26.42
N THR A 270 -2.56 23.69 26.50
CA THR A 270 -1.24 23.16 26.17
C THR A 270 -1.35 21.80 25.52
N GLY A 271 -0.28 21.39 24.85
CA GLY A 271 -0.27 20.16 24.06
C GLY A 271 -0.91 20.23 22.68
N GLY A 272 -1.12 19.05 22.12
CA GLY A 272 -1.59 18.89 20.75
C GLY A 272 -2.81 19.70 20.33
N SER A 273 -3.74 19.96 21.24
CA SER A 273 -4.93 20.72 20.85
C SER A 273 -4.64 22.21 20.85
N TRP A 274 -3.44 22.58 21.27
CA TRP A 274 -3.13 23.98 21.39
C TRP A 274 -1.94 24.31 20.55
N SER A 275 -0.87 23.56 20.73
CA SER A 275 0.37 23.84 20.08
C SER A 275 0.51 22.95 18.82
N LEU A 276 1.67 23.12 18.17
CA LEU A 276 2.17 22.27 17.09
C LEU A 276 3.69 22.08 17.25
N LYS A 277 4.29 22.88 18.11
CA LYS A 277 5.72 22.89 18.36
C LYS A 277 6.04 21.78 19.34
N SER A 278 6.92 20.87 18.95
CA SER A 278 7.31 19.81 19.86
C SER A 278 8.13 20.40 20.99
N PRO A 279 7.72 20.13 22.23
CA PRO A 279 8.49 20.58 23.39
C PRO A 279 9.74 19.75 23.64
N VAL A 280 10.17 18.94 22.69
CA VAL A 280 11.32 18.08 22.92
C VAL A 280 12.49 18.57 22.10
N PRO A 281 13.66 18.62 22.72
CA PRO A 281 14.84 19.00 21.97
C PRO A 281 15.24 17.93 20.93
N PRO A 282 15.59 18.37 19.70
CA PRO A 282 16.32 17.62 18.68
C PRO A 282 17.30 16.59 19.20
N GLY A 283 17.19 15.37 18.68
CA GLY A 283 18.10 14.27 19.06
C GLY A 283 18.97 14.01 17.87
N PRO A 284 19.76 12.91 17.89
CA PRO A 284 20.46 12.48 16.68
C PRO A 284 19.58 12.55 15.43
N ALA A 285 20.26 12.63 14.29
CA ALA A 285 19.66 13.08 13.04
C ALA A 285 19.00 11.92 12.32
N PRO A 286 17.85 12.16 11.70
CA PRO A 286 17.27 11.16 10.86
C PRO A 286 18.23 10.72 9.74
N PRO A 287 17.97 9.54 9.14
CA PRO A 287 18.78 9.15 8.00
C PRO A 287 18.61 10.11 6.84
N LEU A 288 19.71 10.32 6.13
CA LEU A 288 19.78 11.19 4.96
C LEU A 288 20.16 10.41 3.70
N GLN A 289 19.50 10.77 2.61
CA GLN A 289 19.67 10.12 1.31
C GLN A 289 20.40 11.05 0.36
N PHE A 290 21.48 10.56 -0.24
CA PHE A 290 22.17 11.32 -1.27
C PHE A 290 22.51 10.48 -2.50
N TYR A 291 22.76 11.16 -3.62
CA TYR A 291 23.05 10.50 -4.88
C TYR A 291 24.55 10.48 -5.06
N PRO A 292 25.23 9.39 -4.70
CA PRO A 292 26.67 9.42 -4.47
C PRO A 292 27.51 9.98 -5.60
N GLN A 293 27.10 9.82 -6.85
CA GLN A 293 27.81 10.48 -7.94
C GLN A 293 26.80 11.12 -8.86
N GLY A 294 26.16 12.15 -8.34
CA GLY A 294 25.32 13.02 -9.15
C GLY A 294 23.94 12.45 -9.25
N PRO A 295 22.95 13.27 -9.58
CA PRO A 295 21.58 12.79 -9.72
C PRO A 295 21.52 11.99 -10.99
N ARG A 296 20.35 11.42 -11.30
CA ARG A 296 20.23 10.46 -12.40
C ARG A 296 18.95 10.73 -13.12
N PHE A 297 18.51 11.96 -12.98
CA PHE A 297 17.38 12.44 -13.71
C PHE A 297 17.65 13.92 -13.78
N SER A 298 16.76 14.61 -14.47
CA SER A 298 16.93 16.02 -14.69
C SER A 298 15.59 16.66 -15.03
N VAL A 299 15.39 17.84 -14.47
CA VAL A 299 14.16 18.54 -14.73
C VAL A 299 14.54 19.82 -15.43
N GLN A 300 13.74 20.14 -16.43
CA GLN A 300 14.00 21.23 -17.27
C GLN A 300 12.65 21.74 -17.74
N GLY A 301 12.16 22.78 -17.08
CA GLY A 301 10.86 23.32 -17.39
C GLY A 301 9.81 22.44 -16.75
N SER A 302 8.77 22.13 -17.50
CA SER A 302 7.73 21.19 -17.10
C SER A 302 8.15 19.75 -17.43
N ARG A 303 9.40 19.53 -17.79
CA ARG A 303 9.77 18.25 -18.37
C ARG A 303 10.80 17.56 -17.52
N VAL A 304 10.54 16.28 -17.25
CA VAL A 304 11.45 15.45 -16.50
C VAL A 304 11.89 14.32 -17.37
N ALA A 305 13.15 13.97 -17.22
CA ALA A 305 13.73 12.92 -17.98
C ALA A 305 14.78 12.23 -17.15
N SER A 306 14.79 10.92 -17.28
CA SER A 306 15.73 10.05 -16.59
C SER A 306 16.03 8.98 -17.59
N SER A 307 16.91 8.09 -17.20
CA SER A 307 17.26 6.99 -18.08
C SER A 307 16.06 6.14 -18.57
N LEU A 308 15.07 5.88 -17.74
CA LEU A 308 13.91 5.10 -18.13
C LEU A 308 12.67 5.89 -18.44
N TRP A 309 12.57 7.07 -17.85
CA TRP A 309 11.29 7.76 -17.82
C TRP A 309 11.38 9.19 -18.31
N THR A 310 10.26 9.64 -18.87
CA THR A 310 10.15 10.92 -19.50
C THR A 310 8.70 11.40 -19.41
N PHE A 311 8.49 12.59 -18.87
CA PHE A 311 7.15 13.12 -18.73
C PHE A 311 7.14 14.60 -18.45
N SER A 312 6.02 15.24 -18.76
CA SER A 312 5.72 16.63 -18.38
C SER A 312 4.82 16.62 -17.16
N PHE A 313 5.01 17.59 -16.25
CA PHE A 313 4.15 17.75 -15.06
C PHE A 313 3.61 19.17 -14.90
N GLY A 314 2.37 19.30 -14.47
CA GLY A 314 1.67 20.56 -14.46
C GLY A 314 0.81 20.70 -13.22
N LEU A 315 -0.16 21.61 -13.29
CA LEU A 315 -0.97 21.96 -12.15
C LEU A 315 -2.10 22.86 -12.57
N GLY A 316 -3.29 22.32 -12.68
CA GLY A 316 -4.46 23.15 -12.88
C GLY A 316 -4.80 23.97 -11.62
N ALA A 317 -5.27 25.19 -11.82
CA ALA A 317 -5.74 26.01 -10.71
C ALA A 317 -6.73 25.24 -9.86
N PHE A 318 -7.66 24.58 -10.53
CA PHE A 318 -8.78 23.97 -9.85
C PHE A 318 -8.71 22.44 -9.82
N SER A 319 -8.43 21.79 -10.96
CA SER A 319 -8.16 20.34 -11.05
C SER A 319 -6.98 19.88 -10.16
N GLY A 320 -5.89 20.63 -10.13
CA GLY A 320 -4.71 20.19 -9.41
C GLY A 320 -3.80 19.42 -10.32
N PRO A 321 -2.81 18.71 -9.74
CA PRO A 321 -1.66 18.13 -10.44
C PRO A 321 -2.01 17.26 -11.63
N ARG A 322 -1.05 17.17 -12.56
CA ARG A 322 -1.22 16.42 -13.79
C ARG A 322 0.13 16.13 -14.34
N ILE A 323 0.23 14.98 -15.00
CA ILE A 323 1.38 14.68 -15.83
C ILE A 323 0.88 14.28 -17.20
N PHE A 324 1.67 14.64 -18.21
CA PHE A 324 1.37 14.27 -19.60
C PHE A 324 2.55 13.60 -20.27
N ASP A 325 2.21 12.82 -21.30
CA ASP A 325 3.16 12.29 -22.26
C ASP A 325 4.30 11.55 -21.58
N VAL A 326 3.87 10.49 -20.89
CA VAL A 326 4.76 9.65 -20.09
C VAL A 326 5.33 8.59 -20.99
N ARG A 327 6.63 8.37 -20.93
CA ARG A 327 7.26 7.43 -21.80
C ARG A 327 8.27 6.61 -21.06
N PHE A 328 8.12 5.30 -21.27
CA PHE A 328 9.05 4.35 -20.74
C PHE A 328 9.90 3.95 -21.91
N GLN A 329 11.18 4.11 -21.72
CA GLN A 329 12.16 3.86 -22.76
C GLN A 329 11.74 4.30 -24.16
N GLY A 330 11.19 5.50 -24.28
CA GLY A 330 10.82 6.07 -25.56
C GLY A 330 9.38 5.84 -25.89
N GLU A 331 8.75 4.85 -25.28
CA GLU A 331 7.38 4.49 -25.66
C GLU A 331 6.35 5.07 -24.73
N ARG A 332 5.35 5.69 -25.32
CA ARG A 332 4.37 6.36 -24.50
C ARG A 332 3.33 5.42 -23.96
N LEU A 333 3.05 5.49 -22.65
CA LEU A 333 2.02 4.66 -22.00
C LEU A 333 0.72 5.44 -21.81
N VAL A 334 0.88 6.71 -21.40
CA VAL A 334 -0.25 7.57 -21.08
C VAL A 334 -0.04 8.96 -21.61
N TYR A 335 -1.08 9.48 -22.23
CA TYR A 335 -1.13 10.84 -22.70
C TYR A 335 -1.28 11.80 -21.52
N GLU A 336 -2.14 11.42 -20.57
CA GLU A 336 -2.48 12.25 -19.39
C GLU A 336 -2.89 11.38 -18.20
N ILE A 337 -2.36 11.73 -17.02
CA ILE A 337 -2.93 11.32 -15.74
C ILE A 337 -3.06 12.55 -14.91
N SER A 338 -4.23 12.78 -14.34
CA SER A 338 -4.51 14.06 -13.71
C SER A 338 -5.64 14.02 -12.68
N LEU A 339 -5.40 14.62 -11.51
CA LEU A 339 -6.46 14.86 -10.55
C LEU A 339 -7.59 15.59 -11.21
N GLN A 340 -8.80 15.23 -10.82
CA GLN A 340 -10.00 15.82 -11.39
C GLN A 340 -10.86 16.48 -10.32
N GLU A 341 -10.92 15.87 -9.14
CA GLU A 341 -11.74 16.39 -8.06
C GLU A 341 -11.32 15.81 -6.74
N ALA A 342 -11.70 16.48 -5.67
CA ALA A 342 -11.55 15.91 -4.32
C ALA A 342 -12.82 16.26 -3.55
N LEU A 343 -13.25 15.33 -2.70
CA LEU A 343 -14.56 15.40 -2.08
C LEU A 343 -14.43 15.08 -0.61
N ALA A 344 -15.23 15.74 0.21
CA ALA A 344 -15.28 15.41 1.62
C ALA A 344 -16.71 15.53 2.09
N ILE A 345 -17.21 14.42 2.64
CA ILE A 345 -18.58 14.35 3.15
C ILE A 345 -18.63 14.13 4.67
N TYR A 346 -19.33 15.06 5.31
CA TYR A 346 -19.33 15.16 6.75
C TYR A 346 -20.66 14.73 7.32
N GLY A 347 -20.58 14.27 8.56
CA GLY A 347 -21.72 14.16 9.44
C GLY A 347 -21.48 14.92 10.73
N GLY A 348 -22.57 15.12 11.46
CA GLY A 348 -22.49 15.83 12.72
C GLY A 348 -23.80 16.19 13.39
N ASN A 349 -23.63 16.87 14.52
CA ASN A 349 -24.71 17.26 15.41
C ASN A 349 -25.34 18.59 15.03
N SER A 350 -24.55 19.36 14.28
CA SER A 350 -24.59 20.78 14.24
C SER A 350 -24.61 21.20 12.78
N PRO A 351 -25.48 22.14 12.42
CA PRO A 351 -25.86 22.43 11.04
C PRO A 351 -24.68 22.62 10.06
N ALA A 352 -23.53 23.12 10.52
CA ALA A 352 -22.37 23.23 9.63
C ALA A 352 -21.99 21.84 9.08
N ALA A 353 -21.38 21.01 9.94
CA ALA A 353 -20.90 19.68 9.55
C ALA A 353 -22.00 18.73 9.02
N MET A 354 -23.20 18.76 9.57
CA MET A 354 -24.22 17.81 9.12
C MET A 354 -24.58 18.07 7.63
N THR A 355 -24.17 19.23 7.13
CA THR A 355 -24.58 19.67 5.81
C THR A 355 -23.40 19.98 4.86
N THR A 356 -22.21 19.61 5.31
CA THR A 356 -20.98 19.95 4.65
C THR A 356 -20.61 18.85 3.69
N ARG A 357 -20.66 19.17 2.41
CA ARG A 357 -20.16 18.33 1.33
C ARG A 357 -19.20 19.21 0.51
N TYR A 358 -17.92 19.21 0.87
CA TYR A 358 -16.91 19.96 0.13
C TYR A 358 -16.56 19.33 -1.22
N VAL A 359 -16.66 20.12 -2.29
CA VAL A 359 -16.14 19.75 -3.61
C VAL A 359 -14.92 20.62 -3.87
N ASP A 360 -13.81 20.27 -3.21
CA ASP A 360 -12.62 21.10 -3.13
C ASP A 360 -12.07 21.72 -4.43
N GLY A 361 -12.40 21.17 -5.59
CA GLY A 361 -12.06 21.82 -6.85
C GLY A 361 -12.61 23.23 -6.98
N GLY A 362 -13.83 23.47 -6.49
CA GLY A 362 -14.42 24.82 -6.48
C GLY A 362 -13.72 25.90 -5.62
N PHE A 363 -12.69 25.49 -4.88
CA PHE A 363 -11.72 26.41 -4.31
C PHE A 363 -10.43 26.33 -5.13
N GLY A 364 -9.97 25.12 -5.40
CA GLY A 364 -8.91 24.86 -6.35
C GLY A 364 -7.67 24.25 -5.76
N MET A 365 -7.30 23.05 -6.23
CA MET A 365 -6.21 22.31 -5.63
C MET A 365 -4.87 22.88 -6.04
N GLY A 366 -4.89 23.68 -7.12
CA GLY A 366 -3.70 24.42 -7.60
C GLY A 366 -3.61 25.75 -6.92
N LYS A 367 -4.69 26.51 -7.03
CA LYS A 367 -4.84 27.78 -6.32
C LYS A 367 -4.31 27.72 -4.91
N TYR A 368 -4.53 26.59 -4.22
CA TYR A 368 -4.20 26.43 -2.80
C TYR A 368 -3.00 25.53 -2.61
N THR A 369 -2.19 25.39 -3.63
CA THR A 369 -0.97 24.58 -3.46
C THR A 369 0.01 25.30 -2.56
N THR A 370 0.87 24.59 -1.87
CA THR A 370 1.70 25.28 -0.91
C THR A 370 3.14 24.89 -1.03
N PRO A 371 4.03 25.72 -0.51
CA PRO A 371 5.45 25.41 -0.56
C PRO A 371 5.77 24.13 0.14
N LEU A 372 6.80 23.48 -0.34
CA LEU A 372 7.19 22.22 0.21
C LEU A 372 8.39 22.50 1.08
N THR A 373 8.29 22.10 2.34
CA THR A 373 9.33 22.43 3.26
C THR A 373 10.45 21.46 3.03
N ARG A 374 11.59 21.95 2.61
CA ARG A 374 12.69 21.08 2.26
C ARG A 374 13.10 20.25 3.45
N GLY A 375 13.05 18.93 3.34
CA GLY A 375 13.50 18.01 4.40
C GLY A 375 12.35 17.46 5.23
N VAL A 376 11.14 17.92 4.93
CA VAL A 376 9.98 17.51 5.66
C VAL A 376 9.00 16.98 4.66
N ASP A 377 8.55 17.84 3.75
CA ASP A 377 7.65 17.40 2.69
C ASP A 377 8.32 16.58 1.57
N CYS A 378 9.63 16.72 1.32
CA CYS A 378 10.38 15.86 0.37
C CYS A 378 11.74 15.72 0.90
N PRO A 379 12.51 14.77 0.40
CA PRO A 379 13.83 14.72 0.96
C PRO A 379 14.61 16.01 0.74
N TYR A 380 15.64 16.16 1.56
CA TYR A 380 16.42 17.37 1.57
C TYR A 380 16.97 17.67 0.15
N LEU A 381 17.53 16.67 -0.52
CA LEU A 381 18.15 16.88 -1.81
C LEU A 381 17.19 16.72 -3.00
N ALA A 382 15.89 16.66 -2.76
CA ALA A 382 14.94 16.69 -3.87
C ALA A 382 15.18 17.94 -4.69
N THR A 383 14.76 17.96 -5.95
CA THR A 383 14.83 19.23 -6.65
C THR A 383 13.44 19.81 -6.59
N TYR A 384 13.37 21.12 -6.29
CA TYR A 384 12.09 21.80 -6.04
C TYR A 384 11.84 22.80 -7.15
N VAL A 385 10.60 23.20 -7.38
CA VAL A 385 10.27 23.85 -8.62
C VAL A 385 9.10 24.78 -8.41
N ASP A 386 9.20 26.03 -8.88
CA ASP A 386 8.14 27.00 -8.56
C ASP A 386 6.95 26.85 -9.48
N TRP A 387 5.79 27.31 -9.06
CA TRP A 387 4.59 27.34 -9.88
C TRP A 387 4.12 28.79 -9.98
N HIS A 388 3.56 29.20 -11.10
CA HIS A 388 3.13 30.59 -11.33
C HIS A 388 1.66 30.63 -11.59
N PHE A 389 1.01 31.72 -11.23
CA PHE A 389 -0.43 31.80 -11.42
C PHE A 389 -0.88 33.23 -11.39
N LEU A 390 -2.05 33.43 -11.97
CA LEU A 390 -2.74 34.68 -11.85
C LEU A 390 -4.18 34.32 -11.48
N LEU A 391 -4.47 34.45 -10.18
CA LEU A 391 -5.81 34.14 -9.65
C LEU A 391 -6.27 35.22 -8.67
N GLU A 392 -7.47 35.74 -8.96
CA GLU A 392 -8.09 36.74 -8.11
C GLU A 392 -7.15 37.95 -7.91
N SER A 393 -6.63 38.42 -9.03
CA SER A 393 -5.50 39.31 -9.07
C SER A 393 -5.47 39.96 -10.45
N GLN A 394 -4.48 40.82 -10.63
CA GLN A 394 -4.15 41.37 -11.94
C GLN A 394 -2.69 41.27 -12.30
N ALA A 395 -1.83 40.76 -11.42
CA ALA A 395 -0.50 40.31 -11.83
C ALA A 395 -0.11 38.87 -11.41
N PRO A 396 0.66 38.21 -12.26
CA PRO A 396 1.21 36.92 -11.89
C PRO A 396 1.91 36.95 -10.53
N LYS A 397 1.62 35.93 -9.73
CA LYS A 397 2.42 35.59 -8.57
C LYS A 397 2.93 34.17 -8.75
N THR A 398 3.72 33.73 -7.77
CA THR A 398 4.47 32.49 -7.78
C THR A 398 4.40 31.79 -6.42
N ILE A 399 4.04 30.51 -6.37
CA ILE A 399 4.29 29.71 -5.18
C ILE A 399 5.68 29.11 -5.28
N ARG A 400 6.57 29.45 -4.37
CA ARG A 400 7.92 28.89 -4.44
C ARG A 400 7.91 27.42 -3.99
N ASP A 401 8.84 26.62 -4.53
CA ASP A 401 8.93 25.19 -4.30
C ASP A 401 7.60 24.43 -4.28
N ALA A 402 6.70 24.70 -5.23
CA ALA A 402 5.43 23.94 -5.26
C ALA A 402 5.57 22.44 -5.62
N PHE A 403 6.58 22.04 -6.40
CA PHE A 403 6.80 20.63 -6.76
C PHE A 403 8.15 20.16 -6.30
N CYS A 404 8.25 18.90 -5.96
CA CYS A 404 9.55 18.30 -5.80
C CYS A 404 9.57 17.08 -6.64
N VAL A 405 10.76 16.76 -7.11
CA VAL A 405 11.00 15.61 -7.94
C VAL A 405 12.23 15.02 -7.37
N PHE A 406 12.22 13.73 -7.12
CA PHE A 406 13.40 13.13 -6.53
C PHE A 406 13.37 11.64 -6.78
N GLU A 407 14.57 11.08 -6.68
CA GLU A 407 14.77 9.68 -6.81
C GLU A 407 14.95 9.11 -5.39
N GLN A 408 14.05 8.20 -4.98
CA GLN A 408 14.04 7.56 -3.64
C GLN A 408 14.56 6.13 -3.67
N ASN A 409 15.42 5.78 -2.74
CA ASN A 409 15.81 4.37 -2.61
C ASN A 409 14.85 3.67 -1.66
N GLN A 410 13.95 2.83 -2.17
CA GLN A 410 12.82 2.31 -1.37
C GLN A 410 13.10 1.41 -0.17
N GLY A 411 14.32 0.86 -0.04
CA GLY A 411 14.68 -0.01 1.09
C GLY A 411 14.21 -1.45 0.92
N LEU A 412 13.53 -1.70 -0.19
CA LEU A 412 13.05 -2.98 -0.65
C LEU A 412 13.89 -3.40 -1.84
N PRO A 413 13.99 -4.71 -2.15
CA PRO A 413 14.38 -5.05 -3.53
C PRO A 413 13.18 -5.04 -4.47
N LEU A 414 13.46 -4.78 -5.74
CA LEU A 414 12.45 -4.89 -6.79
C LEU A 414 12.27 -6.38 -7.11
N ARG A 415 13.37 -7.09 -7.01
CA ARG A 415 13.37 -8.49 -7.32
C ARG A 415 14.68 -9.08 -6.84
N ARG A 416 14.61 -10.35 -6.48
CA ARG A 416 15.79 -11.06 -6.03
C ARG A 416 15.53 -12.59 -5.97
N HIS A 417 16.58 -13.36 -6.22
CA HIS A 417 16.52 -14.79 -6.04
C HIS A 417 17.84 -15.33 -5.56
N HIS A 418 17.79 -16.03 -4.42
CA HIS A 418 18.97 -16.69 -3.87
C HIS A 418 18.85 -18.17 -4.13
N SER A 419 19.89 -18.79 -4.70
CA SER A 419 19.78 -20.18 -5.11
C SER A 419 20.81 -21.01 -4.39
N ASP A 420 20.30 -21.88 -3.52
CA ASP A 420 21.11 -22.86 -2.81
C ASP A 420 20.99 -24.22 -3.51
N LEU A 421 20.00 -24.32 -4.41
CA LEU A 421 19.54 -25.57 -4.98
C LEU A 421 20.09 -25.85 -6.38
N TYR A 422 21.06 -26.76 -6.47
CA TYR A 422 21.65 -27.25 -7.74
C TYR A 422 22.83 -26.40 -8.28
N SER A 423 22.62 -25.10 -8.54
CA SER A 423 23.68 -24.03 -8.38
C SER A 423 22.86 -22.87 -7.84
N HIS A 424 23.27 -21.99 -6.91
CA HIS A 424 24.59 -21.52 -6.45
C HIS A 424 24.96 -20.18 -7.05
N TYR A 425 23.98 -19.29 -7.02
CA TYR A 425 24.05 -17.94 -7.57
C TYR A 425 23.07 -17.05 -6.85
N PHE A 426 23.28 -15.74 -7.00
CA PHE A 426 22.36 -14.75 -6.51
C PHE A 426 22.11 -13.71 -7.59
N GLY A 427 20.86 -13.28 -7.75
CA GLY A 427 20.58 -12.19 -8.65
C GLY A 427 19.44 -11.27 -8.21
N GLY A 428 19.80 -10.03 -7.88
CA GLY A 428 18.78 -9.04 -7.52
C GLY A 428 19.07 -7.58 -7.83
N LEU A 429 18.10 -6.75 -7.51
CA LEU A 429 18.13 -5.32 -7.77
C LEU A 429 17.34 -4.54 -6.71
N ALA A 430 17.98 -3.53 -6.12
CA ALA A 430 17.30 -2.74 -5.08
C ALA A 430 16.35 -1.73 -5.70
N GLU A 431 15.09 -1.67 -5.27
CA GLU A 431 14.17 -0.76 -5.92
C GLU A 431 14.46 0.67 -5.55
N THR A 432 14.67 1.47 -6.60
CA THR A 432 14.86 2.91 -6.54
C THR A 432 13.83 3.45 -7.45
N VAL A 433 13.31 4.60 -7.13
CA VAL A 433 12.06 4.97 -7.70
C VAL A 433 12.04 6.49 -7.94
N LEU A 434 11.14 6.97 -8.76
CA LEU A 434 11.20 8.38 -9.12
C LEU A 434 9.88 9.03 -8.79
N VAL A 435 9.94 10.05 -7.94
CA VAL A 435 8.70 10.61 -7.40
C VAL A 435 8.48 12.05 -7.82
N VAL A 436 7.22 12.42 -7.95
CA VAL A 436 6.79 13.77 -8.23
C VAL A 436 5.63 14.13 -7.31
N ARG A 437 5.84 15.15 -6.49
CA ARG A 437 4.89 15.49 -5.45
C ARG A 437 4.53 16.95 -5.48
N SER A 438 3.26 17.21 -5.14
CA SER A 438 2.75 18.52 -4.84
C SER A 438 1.75 18.35 -3.68
N MET A 439 1.52 19.42 -2.88
CA MET A 439 0.55 19.42 -1.75
C MET A 439 -0.47 20.57 -1.77
N SER A 440 -1.76 20.28 -1.95
CA SER A 440 -2.82 21.30 -1.77
C SER A 440 -3.14 21.43 -0.30
N THR A 441 -3.27 22.64 0.25
CA THR A 441 -3.64 22.80 1.67
C THR A 441 -4.88 23.61 1.68
N LEU A 442 -6.03 22.95 1.82
CA LEU A 442 -7.29 23.65 1.85
C LEU A 442 -7.92 23.63 3.25
N LEU A 443 -8.19 24.83 3.74
CA LEU A 443 -8.62 25.04 5.09
C LEU A 443 -7.69 24.19 5.96
N ASN A 444 -8.26 23.14 6.54
CA ASN A 444 -7.57 22.31 7.49
C ASN A 444 -6.78 21.17 6.87
N ASP A 446 -4.38 18.98 4.57
CA ASP A 446 -3.19 18.98 3.75
C ASP A 446 -3.14 17.70 2.91
N TYR A 447 -3.69 17.77 1.69
CA TYR A 447 -3.59 16.71 0.67
C TYR A 447 -2.20 16.56 0.05
N VAL A 448 -1.55 15.41 0.21
CA VAL A 448 -0.35 15.11 -0.56
C VAL A 448 -0.68 14.30 -1.81
N TRP A 449 -0.22 14.79 -2.97
CA TRP A 449 -0.40 14.09 -4.25
C TRP A 449 0.95 13.57 -4.71
N ASP A 450 1.01 12.28 -5.01
CA ASP A 450 2.24 11.66 -5.45
C ASP A 450 2.00 10.96 -6.76
N THR A 451 3.03 10.92 -7.59
CA THR A 451 3.06 9.98 -8.68
C THR A 451 4.43 9.36 -8.66
N VAL A 452 4.50 8.03 -8.72
CA VAL A 452 5.81 7.41 -8.58
C VAL A 452 6.04 6.39 -9.70
N PHE A 453 7.26 6.42 -10.24
CA PHE A 453 7.61 5.78 -11.50
C PHE A 453 8.58 4.68 -11.18
N HIS A 454 8.18 3.45 -11.46
CA HIS A 454 8.96 2.29 -11.06
C HIS A 454 9.79 1.72 -12.19
N PRO A 455 11.00 1.22 -11.87
CA PRO A 455 11.95 0.64 -12.87
C PRO A 455 11.40 -0.53 -13.69
N SER A 456 10.30 -1.08 -13.24
CA SER A 456 9.66 -2.23 -13.82
C SER A 456 8.77 -1.75 -14.95
N GLY A 457 8.51 -0.45 -15.01
CA GLY A 457 7.61 0.07 -16.02
C GLY A 457 6.24 0.36 -15.48
N ALA A 458 6.12 0.36 -14.15
CA ALA A 458 4.83 0.65 -13.48
C ALA A 458 4.74 2.06 -12.92
N ILE A 459 3.50 2.49 -12.77
CA ILE A 459 3.19 3.83 -12.30
C ILE A 459 2.20 3.76 -11.14
N GLU A 460 2.58 4.37 -10.02
CA GLU A 460 1.82 4.31 -8.78
C GLU A 460 1.35 5.72 -8.49
N ILE A 461 0.03 5.89 -8.43
CA ILE A 461 -0.59 7.16 -7.97
C ILE A 461 -1.09 7.03 -6.51
N ARG A 462 -0.73 8.01 -5.69
CA ARG A 462 -0.96 7.99 -4.24
C ARG A 462 -1.53 9.30 -3.81
N PHE A 463 -2.33 9.26 -2.77
CA PHE A 463 -2.99 10.43 -2.27
C PHE A 463 -3.16 10.24 -0.77
N TYR A 464 -2.39 11.02 -0.02
CA TYR A 464 -2.49 11.06 1.43
C TYR A 464 -3.29 12.26 1.87
N ALA A 465 -3.96 12.18 3.01
CA ALA A 465 -4.58 13.35 3.68
C ALA A 465 -3.99 13.50 5.07
N THR A 466 -3.51 14.71 5.38
CA THR A 466 -2.86 15.07 6.64
C THR A 466 -3.41 16.40 7.03
N GLY A 467 -2.61 17.14 7.80
CA GLY A 467 -3.03 18.38 8.40
C GLY A 467 -4.03 18.20 9.55
N TYR A 468 -4.74 19.28 9.79
CA TYR A 468 -5.69 19.34 10.85
C TYR A 468 -6.99 18.66 10.35
N ILE A 469 -8.00 18.74 11.23
CA ILE A 469 -9.23 17.99 11.25
C ILE A 469 -10.28 19.08 11.39
N SER A 470 -11.35 19.12 10.62
CA SER A 470 -12.39 20.10 10.94
C SER A 470 -13.15 19.53 12.16
N SER A 471 -13.52 20.37 13.12
CA SER A 471 -14.19 19.89 14.36
C SER A 471 -15.49 20.63 14.62
N ALA A 472 -16.34 20.03 15.46
CA ALA A 472 -17.50 20.73 16.00
C ALA A 472 -17.36 20.86 17.51
N PHE A 473 -18.18 21.73 18.09
CA PHE A 473 -18.26 21.85 19.53
C PHE A 473 -19.02 20.64 20.08
N LEU A 474 -18.36 19.93 21.01
CA LEU A 474 -18.89 18.69 21.58
C LEU A 474 -20.18 18.89 22.38
N PHE A 475 -21.31 18.43 21.84
CA PHE A 475 -22.56 18.66 22.50
C PHE A 475 -23.69 17.70 22.12
N GLY A 476 -23.98 16.74 23.01
CA GLY A 476 -25.12 15.88 22.84
C GLY A 476 -24.67 14.50 22.44
N ALA A 477 -25.34 13.95 21.42
CA ALA A 477 -25.18 12.55 20.98
C ALA A 477 -23.99 12.22 20.03
N THR A 478 -22.87 12.93 20.19
CA THR A 478 -21.53 12.48 19.77
C THR A 478 -21.35 11.15 19.02
N GLY A 479 -21.64 10.04 19.71
CA GLY A 479 -21.18 8.72 19.30
C GLY A 479 -21.58 8.33 17.89
N LYS A 480 -22.74 8.83 17.47
CA LYS A 480 -23.19 8.64 16.10
C LYS A 480 -22.50 9.55 15.05
N TYR A 481 -21.78 10.56 15.51
CA TYR A 481 -21.23 11.54 14.62
C TYR A 481 -19.76 11.78 14.84
N GLY A 482 -19.06 10.90 15.55
CA GLY A 482 -17.62 11.03 15.63
C GLY A 482 -17.14 10.70 17.00
N ASN A 483 -15.88 10.96 17.26
CA ASN A 483 -15.30 10.88 18.60
C ASN A 483 -14.87 12.22 19.22
N GLN A 484 -15.04 12.33 20.52
CA GLN A 484 -14.35 13.36 21.26
C GLN A 484 -12.87 13.11 21.14
N VAL A 485 -12.15 14.22 20.85
CA VAL A 485 -10.70 14.23 20.57
C VAL A 485 -9.89 15.22 21.38
N SER A 486 -10.54 16.31 21.82
CA SER A 486 -9.98 17.26 22.79
C SER A 486 -11.16 17.73 23.64
N GLU A 487 -10.94 18.52 24.68
CA GLU A 487 -12.10 19.00 25.47
C GLU A 487 -12.96 19.92 24.64
N HIS A 488 -14.27 19.70 24.69
CA HIS A 488 -15.28 20.46 23.92
C HIS A 488 -15.28 20.15 22.41
N THR A 489 -14.36 19.28 22.00
CA THR A 489 -14.02 19.07 20.59
C THR A 489 -14.45 17.69 20.06
N LEU A 490 -15.43 17.71 19.17
CA LEU A 490 -15.84 16.53 18.43
C LEU A 490 -15.03 16.42 17.15
N GLY A 491 -14.33 15.30 16.97
CA GLY A 491 -13.84 14.91 15.65
C GLY A 491 -15.01 14.40 14.81
N THR A 492 -15.52 15.21 13.91
CA THR A 492 -16.62 14.79 13.06
C THR A 492 -16.25 13.72 12.02
N VAL A 493 -17.11 12.74 11.88
CA VAL A 493 -16.97 11.73 10.86
C VAL A 493 -17.16 12.33 9.46
N HIS A 494 -16.32 11.86 8.53
CA HIS A 494 -16.37 12.27 7.13
C HIS A 494 -15.69 11.19 6.26
N THR A 495 -16.08 11.19 4.97
CA THR A 495 -15.44 10.38 3.92
C THR A 495 -14.60 11.28 3.02
N HIS A 496 -13.39 10.85 2.68
CA HIS A 496 -12.58 11.45 1.62
C HIS A 496 -12.66 10.63 0.34
N SER A 497 -12.85 11.29 -0.80
CA SER A 497 -12.70 10.63 -2.11
C SER A 497 -12.03 11.57 -3.11
N ALA A 498 -11.29 10.99 -4.05
CA ALA A 498 -10.55 11.74 -5.08
C ALA A 498 -10.82 11.08 -6.40
N HIS A 499 -10.82 11.85 -7.47
CA HIS A 499 -11.01 11.28 -8.80
C HIS A 499 -9.82 11.56 -9.67
N PHE A 500 -9.45 10.58 -10.48
CA PHE A 500 -8.33 10.74 -11.37
C PHE A 500 -8.71 10.34 -12.77
N LYS A 501 -8.18 11.08 -13.75
CA LYS A 501 -8.31 10.74 -15.17
C LYS A 501 -7.06 10.03 -15.60
N VAL A 502 -7.22 8.82 -16.14
CA VAL A 502 -6.10 8.03 -16.62
C VAL A 502 -6.31 7.68 -18.07
N ASP A 503 -5.74 8.50 -18.95
CA ASP A 503 -5.81 8.28 -20.38
C ASP A 503 -4.58 7.54 -20.84
N LEU A 504 -4.66 6.23 -20.68
CA LEU A 504 -3.74 5.31 -21.33
C LEU A 504 -3.95 5.31 -22.83
N ASP A 505 -2.84 5.08 -23.50
CA ASP A 505 -2.84 4.86 -24.92
C ASP A 505 -1.89 3.70 -25.06
N VAL A 506 -2.45 2.49 -24.89
CA VAL A 506 -1.61 1.32 -24.80
C VAL A 506 -1.17 0.87 -26.18
N ALA A 507 0.13 0.98 -26.40
CA ALA A 507 0.70 0.72 -27.71
C ALA A 507 -0.24 1.29 -28.78
N GLY A 508 -0.51 2.59 -28.67
CA GLY A 508 -1.43 3.24 -29.58
C GLY A 508 -2.75 3.70 -29.00
N LEU A 509 -3.50 4.43 -29.79
CA LEU A 509 -4.73 4.98 -29.31
C LEU A 509 -5.78 3.95 -29.10
N GLU A 510 -5.83 3.00 -30.02
CA GLU A 510 -6.97 2.10 -30.08
C GLU A 510 -6.73 1.02 -29.03
N ASN A 511 -7.65 0.98 -28.09
CA ASN A 511 -7.58 0.07 -26.99
C ASN A 511 -8.91 -0.65 -26.83
N TRP A 512 -9.24 -1.64 -25.99
CA TRP A 512 -10.03 -2.76 -25.53
C TRP A 512 -9.61 -2.90 -24.02
N VAL A 513 -10.77 -3.11 -23.59
CA VAL A 513 -10.62 -3.50 -22.18
C VAL A 513 -11.03 -4.94 -21.84
N TRP A 514 -10.19 -5.57 -21.04
CA TRP A 514 -10.30 -6.98 -20.72
C TRP A 514 -10.48 -7.20 -19.21
N ALA A 515 -11.27 -8.19 -18.85
CA ALA A 515 -11.44 -8.58 -17.45
C ALA A 515 -11.00 -10.02 -17.21
N GLU A 516 -9.91 -10.23 -16.48
CA GLU A 516 -9.49 -11.58 -16.17
C GLU A 516 -9.67 -11.92 -14.70
N ASP A 517 -10.11 -13.14 -14.40
CA ASP A 517 -10.30 -13.60 -13.02
C ASP A 517 -10.09 -15.11 -12.93
N MET A 518 -10.35 -15.67 -11.76
CA MET A 518 -10.19 -17.09 -11.50
C MET A 518 -11.54 -17.74 -11.28
N VAL A 519 -11.54 -19.07 -11.37
CA VAL A 519 -12.73 -19.86 -11.05
C VAL A 519 -12.26 -21.28 -10.77
N PHE A 520 -12.94 -21.97 -9.86
CA PHE A 520 -12.69 -23.39 -9.61
C PHE A 520 -13.83 -24.22 -10.19
N VAL A 521 -13.45 -25.19 -11.00
CA VAL A 521 -14.41 -26.12 -11.59
C VAL A 521 -14.10 -27.50 -11.03
N PRO A 522 -15.08 -28.11 -10.37
CA PRO A 522 -14.88 -29.43 -9.80
C PRO A 522 -14.94 -30.50 -10.90
N MET A 523 -13.96 -31.39 -10.89
CA MET A 523 -13.79 -32.43 -11.91
C MET A 523 -13.20 -33.68 -11.31
N ALA A 524 -13.19 -34.75 -12.09
CA ALA A 524 -12.51 -35.97 -11.67
C ALA A 524 -11.07 -35.90 -12.08
N VAL A 525 -10.19 -36.31 -11.18
CA VAL A 525 -8.79 -36.45 -11.50
C VAL A 525 -8.72 -37.29 -12.76
N PRO A 526 -8.14 -36.75 -13.85
CA PRO A 526 -7.98 -37.50 -15.10
C PRO A 526 -7.40 -38.91 -14.95
N TRP A 527 -6.43 -39.10 -14.06
CA TRP A 527 -5.79 -40.40 -13.89
C TRP A 527 -6.25 -41.17 -12.63
N SER A 528 -7.40 -40.79 -12.06
CA SER A 528 -7.89 -41.47 -10.86
C SER A 528 -9.35 -41.08 -10.64
N PRO A 529 -10.22 -41.49 -11.58
CA PRO A 529 -11.57 -40.95 -11.65
C PRO A 529 -12.49 -41.19 -10.46
N GLU A 530 -12.10 -42.05 -9.52
CA GLU A 530 -12.80 -42.16 -8.23
C GLU A 530 -12.86 -40.79 -7.56
N HIS A 531 -11.67 -40.18 -7.56
CA HIS A 531 -11.36 -38.96 -6.88
C HIS A 531 -11.76 -37.69 -7.64
N GLN A 532 -12.13 -36.68 -6.87
CA GLN A 532 -12.41 -35.34 -7.35
C GLN A 532 -11.16 -34.43 -7.21
N LEU A 533 -11.15 -33.35 -7.97
CA LEU A 533 -10.23 -32.25 -7.71
C LEU A 533 -10.90 -30.97 -8.10
N GLN A 534 -10.44 -29.90 -7.46
CA GLN A 534 -10.94 -28.56 -7.75
C GLN A 534 -9.96 -27.90 -8.73
N ARG A 535 -10.48 -27.67 -9.94
CA ARG A 535 -9.67 -27.28 -11.07
C ARG A 535 -9.55 -25.77 -11.14
N LEU A 536 -8.34 -25.26 -10.89
CA LEU A 536 -8.14 -23.80 -10.92
C LEU A 536 -8.06 -23.35 -12.37
N GLN A 537 -9.00 -22.52 -12.77
CA GLN A 537 -8.98 -21.96 -14.10
C GLN A 537 -8.98 -20.44 -14.15
N VAL A 538 -8.36 -19.91 -15.20
CA VAL A 538 -8.48 -18.51 -15.59
C VAL A 538 -9.69 -18.27 -16.46
N THR A 539 -10.23 -17.07 -16.32
CA THR A 539 -11.41 -16.61 -17.01
C THR A 539 -11.05 -15.29 -17.67
N ARG A 540 -11.46 -15.05 -18.93
CA ARG A 540 -11.13 -13.82 -19.67
C ARG A 540 -12.39 -13.36 -20.31
N LYS A 541 -12.85 -12.15 -20.01
CA LYS A 541 -14.02 -11.62 -20.68
C LYS A 541 -13.70 -10.26 -21.25
N LEU A 542 -14.22 -9.98 -22.43
CA LEU A 542 -13.95 -8.73 -23.10
C LEU A 542 -15.09 -7.78 -22.84
N LEU A 543 -14.78 -6.63 -22.26
CA LEU A 543 -15.82 -5.65 -21.99
C LEU A 543 -15.99 -4.73 -23.18
N GLU A 544 -17.19 -4.72 -23.76
CA GLU A 544 -17.40 -4.10 -25.07
C GLU A 544 -18.16 -2.79 -25.06
N MET A 545 -18.84 -2.50 -23.96
CA MET A 545 -19.64 -1.30 -23.85
C MET A 545 -19.29 -0.54 -22.58
N GLU A 546 -19.56 0.76 -22.60
CA GLU A 546 -19.15 1.63 -21.50
C GLU A 546 -19.71 1.08 -20.17
N GLU A 547 -20.96 0.63 -20.16
CA GLU A 547 -21.61 0.17 -18.91
C GLU A 547 -20.95 -1.09 -18.36
N GLN A 548 -20.52 -1.98 -19.26
CA GLN A 548 -19.83 -3.19 -18.81
C GLN A 548 -18.54 -2.93 -18.09
N ALA A 549 -17.99 -1.73 -18.23
CA ALA A 549 -16.75 -1.43 -17.54
C ALA A 549 -16.93 -0.34 -16.51
N ALA A 550 -18.17 -0.08 -16.13
CA ALA A 550 -18.48 0.89 -15.07
C ALA A 550 -18.79 0.19 -13.76
N PHE A 551 -17.84 0.19 -12.83
CA PHE A 551 -17.98 -0.54 -11.58
C PHE A 551 -18.33 0.34 -10.39
N LEU A 552 -19.58 0.24 -9.95
CA LEU A 552 -20.05 0.90 -8.73
C LEU A 552 -19.30 0.50 -7.48
N VAL A 553 -19.36 1.38 -6.48
CA VAL A 553 -18.74 1.14 -5.19
C VAL A 553 -19.43 -0.05 -4.51
N GLY A 554 -18.61 -0.91 -3.89
CA GLY A 554 -19.08 -2.14 -3.25
C GLY A 554 -19.67 -3.17 -4.20
N SER A 555 -19.04 -3.32 -5.37
CA SER A 555 -19.46 -4.30 -6.32
C SER A 555 -18.28 -5.13 -6.69
N ALA A 556 -18.61 -6.28 -7.26
CA ALA A 556 -17.67 -7.26 -7.76
C ALA A 556 -16.71 -6.57 -8.71
N THR A 557 -15.41 -6.70 -8.46
CA THR A 557 -14.44 -6.13 -9.36
C THR A 557 -13.41 -7.16 -9.81
N PRO A 558 -13.26 -7.36 -11.13
CA PRO A 558 -12.34 -8.32 -11.69
C PRO A 558 -10.97 -8.22 -11.10
N ARG A 559 -10.40 -9.31 -10.63
CA ARG A 559 -9.04 -9.24 -10.10
C ARG A 559 -8.01 -8.67 -11.09
N TYR A 560 -8.21 -8.87 -12.39
CA TYR A 560 -7.28 -8.33 -13.40
C TYR A 560 -8.12 -7.53 -14.33
N LEU A 561 -8.02 -6.21 -14.23
CA LEU A 561 -8.62 -5.37 -15.23
C LEU A 561 -7.55 -4.60 -15.96
N TYR A 562 -7.58 -4.69 -17.29
CA TYR A 562 -6.60 -3.95 -18.10
C TYR A 562 -7.13 -3.48 -19.40
N LEU A 563 -6.48 -2.44 -19.91
CA LEU A 563 -6.68 -1.98 -21.28
C LEU A 563 -5.55 -2.55 -22.06
N ALA A 564 -5.86 -2.95 -23.28
CA ALA A 564 -4.85 -3.53 -24.14
C ALA A 564 -5.04 -3.11 -25.57
N SER A 565 -3.97 -3.36 -26.31
CA SER A 565 -3.93 -3.15 -27.75
C SER A 565 -4.40 -4.39 -28.49
N ASN A 566 -5.00 -4.12 -29.66
CA ASN A 566 -5.09 -5.07 -30.78
C ASN A 566 -3.73 -5.76 -31.05
N HIS A 567 -2.62 -5.02 -31.01
CA HIS A 567 -1.28 -5.64 -31.15
C HIS A 567 -0.99 -6.56 -30.00
N SER A 568 -0.09 -7.49 -30.23
CA SER A 568 0.30 -8.46 -29.22
C SER A 568 1.81 -8.44 -29.01
N ASN A 569 2.24 -9.06 -27.94
CA ASN A 569 3.65 -9.10 -27.63
C ASN A 569 4.22 -10.32 -28.29
N LYS A 570 5.50 -10.59 -28.01
CA LYS A 570 6.20 -11.68 -28.65
C LYS A 570 5.63 -13.08 -28.43
N TRP A 571 4.79 -13.29 -27.43
CA TRP A 571 4.23 -14.61 -27.16
C TRP A 571 2.75 -14.62 -27.45
N GLY A 572 2.27 -13.61 -28.13
CA GLY A 572 0.96 -13.72 -28.69
C GLY A 572 -0.17 -13.19 -27.87
N HIS A 573 0.12 -12.75 -26.66
CA HIS A 573 -0.90 -12.12 -25.80
C HIS A 573 -1.00 -10.62 -26.04
N PRO A 574 -2.19 -10.03 -25.89
CA PRO A 574 -2.39 -8.59 -26.06
C PRO A 574 -1.53 -7.75 -25.12
N ARG A 575 -1.09 -6.62 -25.64
CA ARG A 575 -0.22 -5.74 -24.90
C ARG A 575 -1.12 -4.92 -24.01
N GLY A 576 -0.94 -5.11 -22.69
CA GLY A 576 -1.83 -4.50 -21.70
C GLY A 576 -1.16 -3.74 -20.55
N TYR A 577 -1.95 -2.82 -20.02
CA TYR A 577 -1.62 -2.18 -18.73
C TYR A 577 -2.79 -2.42 -17.77
N ARG A 578 -2.44 -2.98 -16.62
CA ARG A 578 -3.40 -3.39 -15.64
C ARG A 578 -3.58 -2.24 -14.65
N ILE A 579 -4.84 -1.89 -14.38
CA ILE A 579 -5.22 -0.98 -13.31
C ILE A 579 -5.57 -1.71 -12.01
N GLN A 580 -4.68 -1.76 -11.00
CA GLN A 580 -5.08 -2.30 -9.69
C GLN A 580 -5.30 -1.16 -8.71
N MET A 581 -6.47 -1.14 -8.08
CA MET A 581 -6.83 -0.08 -7.13
C MET A 581 -6.36 -0.33 -5.70
N LEU A 582 -6.28 0.75 -4.92
CA LEU A 582 -5.96 0.72 -3.49
C LEU A 582 -6.88 1.72 -2.80
N SER A 583 -8.09 1.29 -2.52
CA SER A 583 -9.13 2.19 -2.06
C SER A 583 -9.96 1.39 -1.04
N PHE A 584 -10.31 2.05 0.06
CA PHE A 584 -11.22 1.53 1.06
C PHE A 584 -12.45 2.41 1.01
N ALA A 585 -12.87 2.76 -0.19
CA ALA A 585 -13.87 3.79 -0.39
C ALA A 585 -14.93 3.72 0.63
N GLY A 586 -15.27 4.88 1.19
CA GLY A 586 -16.50 5.06 1.95
C GLY A 586 -17.71 4.76 1.11
N GLU A 587 -18.84 5.24 1.53
CA GLU A 587 -20.09 4.84 0.94
C GLU A 587 -20.65 6.08 0.28
N PRO A 588 -20.86 6.04 -1.01
CA PRO A 588 -21.27 7.29 -1.66
C PRO A 588 -22.53 7.92 -1.11
N LEU A 589 -22.56 9.24 -1.08
CA LEU A 589 -23.79 9.95 -0.87
C LEU A 589 -24.88 9.30 -1.71
N PRO A 590 -25.98 8.91 -1.06
CA PRO A 590 -27.09 8.30 -1.75
C PRO A 590 -27.60 9.12 -2.88
N GLN A 591 -27.87 8.43 -3.96
CA GLN A 591 -28.39 8.98 -5.18
C GLN A 591 -29.73 9.71 -5.00
N ASN A 592 -30.46 9.40 -3.93
CA ASN A 592 -31.69 10.14 -3.63
C ASN A 592 -31.40 11.62 -3.40
N SER A 593 -30.22 11.92 -2.87
CA SER A 593 -29.82 13.29 -2.58
C SER A 593 -29.79 14.15 -3.81
N SER A 594 -30.61 15.20 -3.87
CA SER A 594 -30.70 16.06 -5.06
C SER A 594 -29.37 16.74 -5.46
N MET A 595 -28.35 16.64 -4.62
CA MET A 595 -27.07 17.27 -4.90
C MET A 595 -25.99 16.29 -5.37
N ALA A 596 -26.34 15.03 -5.52
CA ALA A 596 -25.33 14.00 -5.74
C ALA A 596 -24.81 14.02 -7.17
N ARG A 597 -25.63 14.51 -8.10
CA ARG A 597 -25.20 14.71 -9.49
C ARG A 597 -23.93 15.55 -9.63
N GLY A 598 -23.72 16.47 -8.68
CA GLY A 598 -22.50 17.26 -8.60
C GLY A 598 -21.19 16.54 -8.31
N PHE A 599 -21.24 15.26 -7.91
CA PHE A 599 -20.01 14.44 -7.77
C PHE A 599 -20.34 12.95 -8.07
N SER A 600 -21.07 12.75 -9.17
CA SER A 600 -21.41 11.43 -9.63
C SER A 600 -20.27 10.47 -9.70
N TRP A 601 -19.06 10.95 -9.73
CA TRP A 601 -17.93 10.05 -9.87
C TRP A 601 -17.67 9.26 -8.61
N GLU A 602 -18.24 9.72 -7.51
CA GLU A 602 -18.12 9.04 -6.23
C GLU A 602 -18.86 7.70 -6.25
N ARG A 603 -19.95 7.60 -7.01
CA ARG A 603 -20.63 6.32 -7.10
C ARG A 603 -19.77 5.17 -7.68
N TYR A 604 -18.69 5.48 -8.39
CA TYR A 604 -17.90 4.44 -9.11
C TYR A 604 -16.55 4.20 -8.49
N GLN A 605 -16.10 2.96 -8.54
CA GLN A 605 -14.71 2.66 -8.22
C GLN A 605 -13.86 2.99 -9.45
N LEU A 606 -14.41 2.63 -10.60
CA LEU A 606 -13.71 2.61 -11.86
C LEU A 606 -14.74 2.68 -12.96
N ALA A 607 -14.45 3.46 -13.99
CA ALA A 607 -15.25 3.49 -15.23
C ALA A 607 -14.31 3.62 -16.41
N VAL A 608 -14.75 3.18 -17.59
CA VAL A 608 -13.96 3.42 -18.79
C VAL A 608 -14.86 3.94 -19.88
N THR A 609 -14.36 4.98 -20.52
CA THR A 609 -15.14 5.79 -21.40
C THR A 609 -14.31 6.09 -22.63
N GLN A 610 -15.00 6.21 -23.77
CA GLN A 610 -14.44 6.86 -24.98
C GLN A 610 -13.93 8.25 -24.67
N ARG A 611 -12.64 8.50 -24.97
CA ARG A 611 -11.99 9.81 -24.75
C ARG A 611 -12.61 10.84 -25.61
N LYS A 612 -12.64 12.10 -25.17
CA LYS A 612 -13.35 13.14 -25.94
C LYS A 612 -12.97 14.58 -25.63
N GLU A 613 -13.06 15.40 -26.67
CA GLU A 613 -12.65 16.78 -26.50
C GLU A 613 -13.70 17.53 -25.69
N GLU A 614 -14.98 17.15 -25.87
CA GLU A 614 -16.06 17.73 -25.07
C GLU A 614 -16.19 17.17 -23.68
N GLU A 615 -15.42 16.13 -23.33
CA GLU A 615 -15.42 15.55 -21.97
C GLU A 615 -14.00 15.65 -21.40
N PRO A 616 -13.49 16.88 -21.32
CA PRO A 616 -12.13 17.06 -20.80
C PRO A 616 -11.99 16.74 -19.32
N SER A 617 -13.04 17.06 -18.54
CA SER A 617 -13.03 16.84 -17.10
C SER A 617 -14.27 16.20 -16.53
N SER A 618 -13.99 15.47 -15.46
CA SER A 618 -14.90 14.85 -14.52
C SER A 618 -15.82 15.83 -13.78
N SER A 619 -15.24 16.98 -13.43
CA SER A 619 -15.80 17.95 -12.49
C SER A 619 -15.78 19.36 -13.11
N SER A 620 -15.81 20.41 -12.27
CA SER A 620 -15.89 21.80 -12.71
C SER A 620 -15.84 22.69 -11.49
N VAL A 621 -15.04 23.72 -11.56
CA VAL A 621 -14.89 24.67 -10.44
C VAL A 621 -16.27 25.26 -10.05
N PHE A 622 -17.22 25.18 -10.97
CA PHE A 622 -18.59 25.70 -10.74
C PHE A 622 -19.54 24.67 -10.16
N ASN A 623 -19.08 23.45 -9.92
CA ASN A 623 -19.99 22.44 -9.36
C ASN A 623 -20.33 22.70 -7.87
N GLN A 624 -19.32 23.04 -7.08
CA GLN A 624 -19.50 23.27 -5.66
C GLN A 624 -20.62 24.23 -5.24
N ASN A 625 -20.74 25.42 -5.83
CA ASN A 625 -21.77 26.38 -5.39
C ASN A 625 -23.14 26.19 -6.03
N ASP A 626 -23.29 25.20 -6.90
CA ASP A 626 -24.60 24.71 -7.35
C ASP A 626 -24.53 23.23 -7.82
N PRO A 627 -24.39 22.30 -6.86
CA PRO A 627 -24.42 20.88 -7.23
C PRO A 627 -25.81 20.34 -7.53
N TRP A 628 -26.85 21.14 -7.34
CA TRP A 628 -28.21 20.68 -7.69
C TRP A 628 -28.46 20.86 -9.18
N ALA A 629 -27.62 21.68 -9.79
CA ALA A 629 -27.66 21.97 -11.22
C ALA A 629 -26.22 21.96 -11.70
N PRO A 630 -25.66 20.76 -11.95
CA PRO A 630 -24.22 20.67 -12.13
C PRO A 630 -23.74 21.18 -13.50
N THR A 631 -22.60 21.84 -13.46
CA THR A 631 -21.95 22.24 -14.68
C THR A 631 -21.44 21.00 -15.41
N VAL A 632 -20.96 20.03 -14.65
CA VAL A 632 -20.52 18.77 -15.23
C VAL A 632 -21.11 17.61 -14.41
N ASP A 633 -21.75 16.67 -15.09
CA ASP A 633 -22.32 15.49 -14.46
C ASP A 633 -21.58 14.29 -15.01
N PHE A 634 -20.63 13.77 -14.23
CA PHE A 634 -19.72 12.74 -14.76
C PHE A 634 -20.44 11.53 -15.26
N SER A 635 -21.63 11.26 -14.74
CA SER A 635 -22.42 10.10 -15.18
C SER A 635 -22.83 10.20 -16.65
N ASP A 636 -22.80 11.40 -17.22
CA ASP A 636 -23.13 11.55 -18.63
C ASP A 636 -22.16 10.84 -19.58
N PHE A 637 -20.94 10.63 -19.11
CA PHE A 637 -19.88 10.06 -19.94
C PHE A 637 -20.13 8.59 -20.20
N ILE A 638 -20.93 7.98 -19.32
CA ILE A 638 -21.26 6.59 -19.43
C ILE A 638 -22.64 6.56 -20.05
N ASN A 639 -22.67 6.16 -21.31
CA ASN A 639 -23.80 6.43 -22.19
C ASN A 639 -23.96 5.45 -23.32
N ASN A 640 -23.81 3.96 -22.94
CA ASN A 640 -23.43 2.81 -23.81
C ASN A 640 -22.97 3.15 -25.23
N GLU A 641 -21.85 3.21 -25.29
CA GLU A 641 -21.03 3.32 -26.48
C GLU A 641 -20.00 2.24 -26.43
N THR A 642 -19.53 1.80 -27.59
CA THR A 642 -18.47 0.82 -27.64
C THR A 642 -17.17 1.36 -27.03
N ILE A 643 -16.43 0.43 -26.43
CA ILE A 643 -15.07 0.68 -26.00
C ILE A 643 -14.18 -0.42 -26.59
N ALA A 644 -14.70 -1.04 -27.66
CA ALA A 644 -13.94 -2.02 -28.42
C ALA A 644 -13.10 -1.28 -29.47
N GLY A 645 -11.80 -1.22 -29.22
CA GLY A 645 -10.87 -0.60 -30.15
C GLY A 645 -11.03 0.89 -30.41
N LYS A 646 -11.31 1.69 -29.38
CA LYS A 646 -11.26 3.15 -29.52
C LYS A 646 -10.16 3.75 -28.66
N ASP A 647 -10.10 5.09 -28.67
CA ASP A 647 -9.27 5.83 -27.70
C ASP A 647 -10.03 5.83 -26.41
N LEU A 648 -9.47 5.15 -25.42
CA LEU A 648 -10.16 4.94 -24.18
C LEU A 648 -9.53 5.75 -23.07
N VAL A 649 -10.37 6.21 -22.15
CA VAL A 649 -9.87 6.81 -20.91
C VAL A 649 -10.55 6.17 -19.72
N ALA A 650 -9.72 5.80 -18.75
CA ALA A 650 -10.14 5.17 -17.54
C ALA A 650 -10.21 6.23 -16.45
N TRP A 651 -11.35 6.30 -15.77
CA TRP A 651 -11.56 7.16 -14.64
C TRP A 651 -11.57 6.38 -13.31
N VAL A 652 -10.58 6.62 -12.46
CA VAL A 652 -10.43 5.96 -11.15
C VAL A 652 -10.87 6.82 -9.95
N THR A 653 -11.67 6.26 -9.04
CA THR A 653 -11.98 6.93 -7.76
C THR A 653 -11.31 6.20 -6.61
N ALA A 654 -10.56 6.94 -5.80
CA ALA A 654 -9.96 6.38 -4.59
C ALA A 654 -10.43 7.18 -3.36
N GLY A 655 -10.51 6.54 -2.19
CA GLY A 655 -11.04 7.18 -0.99
C GLY A 655 -11.26 6.26 0.21
N PHE A 656 -11.73 6.84 1.31
CA PHE A 656 -11.89 6.12 2.56
C PHE A 656 -12.64 6.91 3.61
N LEU A 657 -13.33 6.20 4.49
CA LEU A 657 -13.99 6.78 5.65
C LEU A 657 -13.01 7.11 6.74
N HIS A 658 -13.18 8.31 7.29
CA HIS A 658 -12.38 8.82 8.41
C HIS A 658 -13.29 9.15 9.62
N ILE A 659 -13.09 8.37 10.68
CA ILE A 659 -13.73 8.60 11.97
C ILE A 659 -12.60 9.08 12.83
N PRO A 660 -12.61 10.38 13.11
CA PRO A 660 -11.44 10.93 13.76
C PRO A 660 -11.25 10.41 15.17
N HIS A 661 -10.04 10.54 15.71
CA HIS A 661 -9.75 10.02 17.01
C HIS A 661 -8.54 10.70 17.58
N ALA A 662 -8.25 10.43 18.84
CA ALA A 662 -7.20 11.17 19.54
C ALA A 662 -5.83 11.32 18.80
N GLU A 663 -5.46 10.34 18.00
CA GLU A 663 -4.14 10.38 17.37
C GLU A 663 -4.11 11.29 16.12
N ASP A 664 -5.29 11.74 15.68
CA ASP A 664 -5.41 12.85 14.72
C ASP A 664 -5.14 14.24 15.35
N ILE A 665 -4.65 14.26 16.58
CA ILE A 665 -4.32 15.51 17.25
C ILE A 665 -2.85 15.55 17.59
N PRO A 666 -2.13 16.60 17.15
CA PRO A 666 -2.56 17.80 16.37
C PRO A 666 -2.99 17.54 14.93
N ASN A 667 -2.34 16.58 14.29
CA ASN A 667 -2.59 16.28 12.87
C ASN A 667 -2.89 14.83 12.59
N THR A 668 -3.86 14.62 11.69
CA THR A 668 -4.03 13.35 10.97
C THR A 668 -2.71 12.96 10.35
N VAL A 669 -2.40 11.70 10.39
CA VAL A 669 -1.08 11.25 10.05
C VAL A 669 -1.24 10.48 8.76
N THR A 670 -0.15 10.27 8.03
CA THR A 670 -0.24 9.73 6.66
C THR A 670 -0.29 8.21 6.64
N VAL A 671 0.29 7.59 7.67
CA VAL A 671 0.46 6.15 7.76
C VAL A 671 -0.84 5.43 7.60
N GLY A 672 -0.92 4.55 6.61
CA GLY A 672 -2.16 3.85 6.30
C GLY A 672 -3.25 4.65 5.63
N ASN A 673 -3.15 5.97 5.64
CA ASN A 673 -4.07 6.84 4.90
C ASN A 673 -3.78 6.98 3.40
N GLY A 674 -2.76 6.25 2.90
CA GLY A 674 -2.39 6.29 1.47
C GLY A 674 -3.44 5.58 0.63
N VAL A 675 -3.80 6.15 -0.49
CA VAL A 675 -4.89 5.60 -1.25
C VAL A 675 -4.66 5.95 -2.72
N GLY A 676 -5.02 5.06 -3.64
CA GLY A 676 -4.74 5.30 -5.06
C GLY A 676 -4.87 4.12 -6.02
N PHE A 677 -3.82 3.85 -6.80
CA PHE A 677 -3.85 2.78 -7.81
C PHE A 677 -2.51 2.58 -8.47
N PHE A 678 -2.24 1.35 -8.92
CA PHE A 678 -1.15 1.09 -9.86
C PHE A 678 -1.64 0.95 -11.31
N LEU A 679 -0.73 1.33 -12.22
CA LEU A 679 -0.81 0.98 -13.60
C LEU A 679 0.37 0.04 -13.86
N ARG A 680 0.02 -1.18 -14.22
CA ARG A 680 0.97 -2.29 -14.26
C ARG A 680 1.01 -2.96 -15.60
N PRO A 681 2.23 -3.19 -16.09
CA PRO A 681 2.37 -3.76 -17.40
C PRO A 681 1.94 -5.22 -17.38
N TYR A 682 1.04 -5.60 -18.30
CA TYR A 682 0.55 -6.98 -18.39
C TYR A 682 0.78 -7.50 -19.82
N ASN A 683 1.85 -8.27 -20.03
CA ASN A 683 2.19 -8.76 -21.39
C ASN A 683 2.35 -7.63 -22.42
N PHE A 684 2.81 -6.49 -21.91
CA PHE A 684 3.02 -5.36 -22.73
C PHE A 684 4.44 -5.50 -23.24
N PHE A 685 5.37 -5.86 -22.38
CA PHE A 685 6.70 -6.20 -22.83
C PHE A 685 6.73 -7.69 -23.15
N ASP A 686 7.94 -8.13 -23.47
CA ASP A 686 8.23 -9.50 -23.78
C ASP A 686 9.02 -10.08 -22.64
N GLU A 687 9.36 -9.24 -21.66
CA GLU A 687 10.14 -9.64 -20.48
C GLU A 687 10.32 -8.41 -19.57
N ASP A 688 10.70 -8.64 -18.32
CA ASP A 688 10.78 -7.56 -17.37
C ASP A 688 11.88 -6.62 -17.83
N PRO A 689 11.50 -5.37 -18.12
CA PRO A 689 12.50 -4.41 -18.50
C PRO A 689 13.63 -4.36 -17.51
N SER A 690 13.37 -4.52 -16.22
CA SER A 690 14.46 -4.38 -15.23
C SER A 690 15.54 -5.43 -15.41
N PHE A 691 15.35 -6.38 -16.32
CA PHE A 691 16.40 -7.34 -16.60
C PHE A 691 17.66 -6.61 -17.04
N TYR A 692 17.47 -5.46 -17.69
CA TYR A 692 18.53 -4.69 -18.28
C TYR A 692 19.07 -3.57 -17.38
N SER A 693 18.54 -3.44 -16.17
CA SER A 693 18.96 -2.36 -15.29
C SER A 693 20.47 -2.32 -15.15
N ALA A 694 21.00 -1.11 -15.10
CA ALA A 694 22.43 -0.92 -14.84
C ALA A 694 22.75 -1.23 -13.40
N ASP A 695 21.71 -1.25 -12.58
CA ASP A 695 21.86 -1.33 -11.13
C ASP A 695 21.78 -2.76 -10.60
N SER A 696 21.37 -3.69 -11.47
CA SER A 696 21.13 -5.07 -11.06
C SER A 696 22.44 -5.71 -10.65
N ILE A 697 22.35 -6.70 -9.77
CA ILE A 697 23.51 -7.39 -9.16
C ILE A 697 23.41 -8.90 -9.36
N TYR A 698 24.56 -9.54 -9.55
CA TYR A 698 24.59 -10.95 -9.84
C TYR A 698 25.94 -11.50 -9.55
N PHE A 699 25.98 -12.67 -8.92
CA PHE A 699 27.24 -13.40 -8.73
C PHE A 699 26.98 -14.87 -8.48
N ARG A 700 27.89 -15.69 -8.99
CA ARG A 700 27.80 -17.12 -8.86
C ARG A 700 28.49 -17.50 -7.59
N GLY A 701 28.20 -18.68 -7.08
CA GLY A 701 28.81 -19.20 -5.86
C GLY A 701 30.31 -19.36 -5.98
N ASP A 702 30.78 -19.78 -7.14
CA ASP A 702 32.21 -19.89 -7.38
C ASP A 702 33.01 -18.55 -7.54
N GLN A 703 32.40 -17.38 -7.30
CA GLN A 703 33.12 -16.09 -7.44
C GLN A 703 33.35 -15.43 -6.09
N ASP A 704 34.21 -14.41 -6.10
CA ASP A 704 34.33 -13.46 -5.01
C ASP A 704 33.25 -12.40 -5.23
N ALA A 705 32.35 -12.26 -4.26
CA ALA A 705 31.29 -11.27 -4.30
C ALA A 705 31.78 -9.98 -3.67
N GLY A 706 32.89 -10.07 -2.93
CA GLY A 706 33.59 -8.89 -2.42
C GLY A 706 34.71 -8.58 -3.38
N ALA A 707 34.37 -8.51 -4.66
CA ALA A 707 35.31 -8.18 -5.71
C ALA A 707 34.62 -7.12 -6.52
N CYS A 708 35.33 -6.02 -6.69
CA CYS A 708 34.76 -4.88 -7.34
C CYS A 708 34.35 -5.22 -8.77
N GLU A 709 35.15 -6.00 -9.50
CA GLU A 709 34.77 -6.33 -10.89
C GLU A 709 33.64 -7.36 -11.06
N VAL A 710 33.37 -8.14 -10.00
CA VAL A 710 32.23 -9.07 -9.99
C VAL A 710 30.95 -8.36 -9.59
N ASN A 711 31.11 -7.34 -8.74
CA ASN A 711 30.01 -6.77 -7.97
C ASN A 711 30.22 -5.28 -7.61
N PRO A 712 29.47 -4.36 -8.23
CA PRO A 712 29.58 -2.91 -7.92
C PRO A 712 29.62 -2.57 -6.43
N LEU A 713 28.81 -3.27 -5.63
CA LEU A 713 28.62 -2.92 -4.22
C LEU A 713 29.92 -3.16 -3.44
N ALA A 714 30.75 -4.08 -3.93
CA ALA A 714 32.07 -4.31 -3.36
C ALA A 714 32.90 -3.05 -3.29
N CYS A 715 32.63 -2.10 -4.20
CA CYS A 715 33.40 -0.85 -4.25
C CYS A 715 32.55 0.41 -4.08
N LEU A 716 31.60 0.39 -3.15
CA LEU A 716 31.13 1.62 -2.54
C LEU A 716 32.14 2.10 -1.48
N PRO A 717 32.52 1.22 -0.52
CA PRO A 717 33.36 1.76 0.56
C PRO A 717 34.62 2.47 0.05
N GLN A 718 35.56 1.70 -0.52
CA GLN A 718 36.74 2.28 -1.15
C GLN A 718 36.44 2.38 -2.66
N ALA A 719 36.52 3.58 -3.24
CA ALA A 719 36.60 4.85 -2.51
C ALA A 719 35.43 5.72 -2.98
N ALA A 720 34.33 5.06 -3.33
CA ALA A 720 33.26 5.70 -4.08
C ALA A 720 32.38 6.67 -3.25
N ALA A 721 32.41 7.94 -3.65
CA ALA A 721 31.43 8.96 -3.26
C ALA A 721 31.59 9.49 -1.83
N CYS A 722 31.48 10.80 -1.69
CA CYS A 722 31.85 11.45 -0.45
C CYS A 722 30.84 12.46 0.13
N ALA A 723 29.54 12.26 -0.13
CA ALA A 723 28.47 12.96 0.62
C ALA A 723 28.54 14.48 0.49
N PRO A 724 27.62 15.05 -0.27
CA PRO A 724 27.73 16.43 -0.63
C PRO A 724 27.60 17.40 0.52
N ASP A 725 28.10 18.63 0.33
CA ASP A 725 27.72 19.74 1.21
C ASP A 725 26.27 20.05 0.85
N LEU A 726 25.49 20.44 1.84
CA LEU A 726 24.08 20.63 1.58
C LEU A 726 23.75 22.07 1.31
N PRO A 727 22.78 22.29 0.43
CA PRO A 727 22.23 23.63 0.34
C PRO A 727 21.81 24.16 1.70
N ALA A 728 21.97 25.45 1.91
CA ALA A 728 21.48 26.03 3.13
C ALA A 728 19.97 26.01 3.07
N PHE A 729 19.34 25.81 4.22
CA PHE A 729 17.90 25.67 4.23
C PHE A 729 17.28 26.97 3.76
N SER A 730 16.12 26.90 3.14
CA SER A 730 15.32 28.05 2.86
C SER A 730 13.88 27.63 2.63
N HIS A 731 12.97 28.58 2.61
CA HIS A 731 11.57 28.23 2.62
C HIS A 731 10.83 29.23 1.77
N GLY A 732 9.79 28.80 1.07
CA GLY A 732 9.17 29.65 0.08
C GLY A 732 8.05 30.50 0.58
N GLY A 733 8.01 30.70 1.90
CA GLY A 733 7.00 31.50 2.66
C GLY A 733 5.49 31.43 2.48
N PHE A 734 4.79 32.45 2.99
CA PHE A 734 3.35 32.46 3.18
C PHE A 734 2.65 33.58 2.39
N SER A 735 1.38 33.38 2.02
CA SER A 735 0.52 34.43 1.41
C SER A 735 0.06 35.50 2.41
N HIS A 736 0.14 36.78 2.03
CA HIS A 736 -0.22 37.91 2.92
C HIS A 736 -1.45 38.72 2.46
N SER B 31 13.30 -10.05 27.69
CA SER B 31 14.55 -10.77 28.08
C SER B 31 14.94 -11.76 26.98
N GLN B 32 16.05 -12.47 27.19
CA GLN B 32 16.50 -13.48 26.24
C GLN B 32 15.71 -14.78 26.50
N LEU B 33 14.41 -14.58 26.34
CA LEU B 33 13.33 -15.46 26.77
C LEU B 33 12.65 -15.96 25.50
N PHE B 34 12.66 -15.12 24.46
CA PHE B 34 12.15 -15.51 23.16
C PHE B 34 13.27 -15.61 22.13
N ALA B 35 14.50 -15.74 22.60
CA ALA B 35 15.67 -15.86 21.74
C ALA B 35 15.78 -17.26 21.25
N ASP B 36 15.85 -17.43 19.93
CA ASP B 36 16.14 -18.74 19.34
C ASP B 36 17.43 -19.33 19.93
N LEU B 37 17.62 -20.62 19.74
CA LEU B 37 18.65 -21.32 20.48
C LEU B 37 20.00 -20.97 19.93
N SER B 38 20.95 -20.84 20.84
CA SER B 38 22.31 -20.60 20.46
C SER B 38 22.90 -21.86 19.85
N ARG B 39 24.00 -21.71 19.13
CA ARG B 39 24.74 -22.89 18.69
C ARG B 39 25.15 -23.78 19.88
N GLU B 40 25.51 -23.16 21.00
CA GLU B 40 25.99 -23.92 22.16
C GLU B 40 24.85 -24.72 22.79
N GLU B 41 23.69 -24.08 22.88
CA GLU B 41 22.47 -24.71 23.35
C GLU B 41 22.05 -25.82 22.42
N LEU B 42 22.06 -25.56 21.13
CA LEU B 42 21.67 -26.58 20.17
C LEU B 42 22.57 -27.79 20.25
N THR B 43 23.86 -27.57 20.36
CA THR B 43 24.81 -28.66 20.56
C THR B 43 24.37 -29.49 21.76
N ALA B 44 24.22 -28.83 22.90
CA ALA B 44 23.89 -29.51 24.17
C ALA B 44 22.60 -30.34 24.16
N VAL B 45 21.58 -29.93 23.41
CA VAL B 45 20.42 -30.80 23.24
C VAL B 45 20.80 -32.02 22.39
N MET B 46 21.62 -31.86 21.37
CA MET B 46 21.93 -33.02 20.55
C MET B 46 22.77 -34.02 21.33
N ARG B 47 23.62 -33.53 22.22
CA ARG B 47 24.38 -34.38 23.14
C ARG B 47 23.43 -35.22 23.97
N PHE B 48 22.40 -34.56 24.49
CA PHE B 48 21.45 -35.22 25.35
C PHE B 48 20.64 -36.24 24.58
N LEU B 49 19.92 -35.80 23.56
CA LEU B 49 19.18 -36.74 22.72
C LEU B 49 20.02 -37.93 22.28
N THR B 50 21.30 -37.71 21.99
CA THR B 50 22.19 -38.80 21.57
C THR B 50 22.37 -39.84 22.69
N GLN B 51 22.92 -39.44 23.83
CA GLN B 51 23.13 -40.41 24.89
C GLN B 51 21.78 -41.03 25.32
N ARG B 52 20.70 -40.23 25.39
CA ARG B 52 19.41 -40.74 25.92
C ARG B 52 18.47 -41.46 24.94
N LEU B 53 18.83 -41.55 23.66
CA LEU B 53 18.09 -42.38 22.69
C LEU B 53 18.91 -43.59 22.28
N GLY B 54 20.08 -43.73 22.92
CA GLY B 54 21.03 -44.83 22.68
C GLY B 54 21.19 -45.15 21.21
N PRO B 55 22.07 -46.12 20.90
CA PRO B 55 22.07 -46.65 19.54
C PRO B 55 20.65 -47.10 19.05
N GLY B 56 20.43 -47.24 17.74
CA GLY B 56 21.43 -46.94 16.69
C GLY B 56 21.46 -45.45 16.39
N LEU B 57 20.30 -44.91 16.01
CA LEU B 57 20.08 -43.46 15.85
C LEU B 57 21.03 -42.78 14.86
N VAL B 58 20.51 -42.48 13.68
CA VAL B 58 21.33 -42.00 12.58
C VAL B 58 21.11 -40.51 12.34
N ASP B 59 22.22 -39.88 11.97
CA ASP B 59 22.26 -38.55 11.38
C ASP B 59 21.22 -38.46 10.27
N ALA B 60 20.32 -37.49 10.37
CA ALA B 60 19.21 -37.38 9.42
C ALA B 60 19.65 -37.06 7.96
N ALA B 61 20.87 -36.59 7.81
CA ALA B 61 21.44 -36.34 6.49
C ALA B 61 21.84 -37.64 5.79
N GLN B 62 21.80 -38.75 6.53
CA GLN B 62 22.12 -40.09 6.04
C GLN B 62 20.85 -40.93 5.98
N ALA B 63 19.80 -40.50 6.66
CA ALA B 63 18.78 -41.45 7.09
C ALA B 63 17.90 -42.00 5.97
N ARG B 64 17.64 -43.31 6.09
CA ARG B 64 16.64 -43.99 5.27
C ARG B 64 15.37 -44.04 6.10
N PRO B 65 14.22 -44.27 5.47
CA PRO B 65 12.93 -44.19 6.17
C PRO B 65 12.84 -45.09 7.39
N SER B 66 13.39 -46.30 7.29
CA SER B 66 13.40 -47.27 8.38
C SER B 66 14.31 -46.91 9.57
N ASP B 67 15.03 -45.79 9.49
CA ASP B 67 15.95 -45.37 10.57
C ASP B 67 15.31 -44.49 11.63
N ASN B 68 16.13 -44.23 12.67
CA ASN B 68 15.84 -43.29 13.75
C ASN B 68 16.67 -42.01 13.62
N CYS B 69 16.04 -40.90 13.96
CA CYS B 69 16.36 -39.66 13.29
C CYS B 69 15.94 -38.39 14.02
N VAL B 70 16.90 -37.55 14.38
CA VAL B 70 16.55 -36.19 14.80
C VAL B 70 16.41 -35.29 13.56
N PHE B 71 15.17 -34.93 13.25
CA PHE B 71 14.85 -34.08 12.12
C PHE B 71 15.19 -32.61 12.43
N SER B 72 14.70 -32.14 13.58
CA SER B 72 14.80 -30.74 13.95
C SER B 72 14.93 -30.53 15.45
N VAL B 73 15.65 -29.49 15.84
CA VAL B 73 15.74 -29.05 17.26
C VAL B 73 15.64 -27.51 17.33
N GLU B 74 14.57 -26.99 17.88
CA GLU B 74 14.38 -25.56 17.91
C GLU B 74 13.73 -25.11 19.23
N LEU B 75 13.63 -23.80 19.44
CA LEU B 75 13.09 -23.29 20.69
C LEU B 75 11.63 -23.74 20.84
N GLN B 76 11.32 -24.17 22.06
CA GLN B 76 9.97 -24.31 22.54
C GLN B 76 9.64 -22.99 23.19
N LEU B 77 8.67 -22.27 22.64
CA LEU B 77 8.30 -20.97 23.20
C LEU B 77 7.63 -21.19 24.53
N PRO B 78 7.91 -20.33 25.50
CA PRO B 78 7.39 -20.51 26.83
C PRO B 78 5.92 -20.18 26.88
N PRO B 79 5.26 -20.53 28.00
CA PRO B 79 3.86 -20.17 28.24
C PRO B 79 3.69 -18.71 28.68
N LYS B 80 2.62 -18.09 28.23
CA LYS B 80 2.47 -16.64 28.29
C LYS B 80 2.45 -16.18 29.73
N ALA B 81 1.57 -16.80 30.50
CA ALA B 81 1.41 -16.53 31.93
C ALA B 81 2.74 -16.45 32.68
N ALA B 82 3.55 -17.47 32.52
CA ALA B 82 4.78 -17.55 33.28
C ALA B 82 5.79 -16.56 32.76
N ALA B 83 5.63 -16.15 31.50
CA ALA B 83 6.58 -15.25 30.87
C ALA B 83 6.24 -13.83 31.24
N LEU B 84 4.96 -13.50 31.23
CA LEU B 84 4.56 -12.20 31.74
C LEU B 84 4.92 -12.02 33.22
N ALA B 85 4.70 -13.09 33.98
CA ALA B 85 5.19 -13.14 35.36
C ALA B 85 6.61 -12.59 35.39
N HIS B 86 7.50 -13.22 34.67
CA HIS B 86 8.92 -12.88 34.72
C HIS B 86 9.25 -11.49 34.18
N LEU B 87 8.48 -11.03 33.20
CA LEU B 87 8.73 -9.75 32.56
C LEU B 87 8.08 -8.59 33.30
N ASP B 88 6.91 -8.83 33.86
CA ASP B 88 6.17 -7.72 34.47
C ASP B 88 6.22 -7.68 35.98
N ARG B 89 6.87 -8.67 36.60
CA ARG B 89 6.78 -8.92 38.05
C ARG B 89 8.02 -9.64 38.55
N GLY B 90 9.20 -9.23 38.15
CA GLY B 90 10.45 -9.89 38.59
C GLY B 90 10.49 -11.38 38.97
N SER B 91 9.43 -12.16 38.65
CA SER B 91 9.43 -13.61 38.95
C SER B 91 10.54 -14.27 38.20
N PRO B 92 10.95 -15.47 38.64
CA PRO B 92 12.05 -16.02 37.88
C PRO B 92 11.52 -16.58 36.55
N PRO B 93 12.44 -16.82 35.62
CA PRO B 93 12.08 -17.13 34.26
C PRO B 93 11.57 -18.57 34.10
N PRO B 94 10.52 -18.78 33.28
CA PRO B 94 10.04 -20.12 32.96
C PRO B 94 11.17 -20.94 32.37
N ALA B 95 11.16 -22.23 32.59
CA ALA B 95 12.30 -23.01 32.15
C ALA B 95 12.46 -22.83 30.65
N ARG B 96 13.70 -22.84 30.18
CA ARG B 96 14.00 -22.70 28.76
C ARG B 96 14.15 -24.07 28.11
N GLU B 97 13.21 -24.42 27.26
CA GLU B 97 13.15 -25.76 26.67
C GLU B 97 13.30 -25.80 25.14
N ALA B 98 13.97 -26.84 24.65
CA ALA B 98 14.00 -27.19 23.22
C ALA B 98 12.79 -28.03 22.84
N LEU B 99 12.54 -28.13 21.55
CA LEU B 99 11.61 -29.09 21.02
C LEU B 99 12.29 -29.81 19.90
N ALA B 100 12.47 -31.12 20.07
CA ALA B 100 13.06 -31.96 19.04
C ALA B 100 11.97 -32.79 18.35
N ILE B 101 11.94 -32.75 17.02
CA ILE B 101 11.10 -33.64 16.22
C ILE B 101 11.94 -34.84 15.82
N VAL B 102 11.45 -36.03 16.17
CA VAL B 102 12.20 -37.27 15.92
C VAL B 102 11.44 -38.28 15.08
N PHE B 103 12.17 -38.84 14.11
CA PHE B 103 11.64 -39.83 13.16
C PHE B 103 12.01 -41.25 13.65
N PHE B 104 10.99 -41.96 14.12
CA PHE B 104 11.15 -43.27 14.71
C PHE B 104 10.72 -44.33 13.72
N GLY B 105 11.60 -44.60 12.77
CA GLY B 105 11.34 -45.56 11.71
C GLY B 105 11.73 -46.99 12.04
N ARG B 106 12.79 -47.15 12.83
CA ARG B 106 13.33 -48.45 13.31
C ARG B 106 12.46 -49.07 14.40
N GLN B 107 11.28 -49.55 13.99
CA GLN B 107 10.37 -50.21 14.90
C GLN B 107 9.10 -50.68 14.19
N PRO B 108 8.52 -51.79 14.67
CA PRO B 108 7.26 -52.32 14.14
C PRO B 108 6.18 -51.28 13.87
N GLN B 109 6.11 -50.27 14.74
CA GLN B 109 5.08 -49.25 14.69
C GLN B 109 5.73 -47.86 14.55
N PRO B 110 6.00 -47.41 13.30
CA PRO B 110 6.85 -46.24 13.24
C PRO B 110 6.04 -44.95 13.38
N ASN B 111 6.61 -44.00 14.13
CA ASN B 111 5.98 -42.70 14.39
C ASN B 111 6.97 -41.54 14.24
N VAL B 112 6.39 -40.34 14.19
CA VAL B 112 7.09 -39.11 14.51
C VAL B 112 6.70 -38.73 15.92
N SER B 113 7.69 -38.30 16.67
CA SER B 113 7.51 -37.82 18.04
C SER B 113 8.01 -36.37 18.15
N GLU B 114 7.19 -35.53 18.79
CA GLU B 114 7.62 -34.23 19.34
C GLU B 114 8.10 -34.41 20.80
N LEU B 115 9.41 -34.30 21.03
CA LEU B 115 9.99 -34.43 22.37
C LEU B 115 10.48 -33.11 22.92
N VAL B 116 9.93 -32.66 24.05
CA VAL B 116 10.49 -31.51 24.74
C VAL B 116 11.70 -31.91 25.56
N VAL B 117 12.76 -31.11 25.49
CA VAL B 117 14.01 -31.34 26.20
C VAL B 117 14.39 -30.08 26.93
N GLY B 118 15.03 -30.23 28.09
CA GLY B 118 15.32 -29.10 28.95
C GLY B 118 15.91 -29.49 30.29
N PRO B 119 16.19 -28.49 31.15
CA PRO B 119 16.14 -27.09 30.82
C PRO B 119 17.50 -26.64 30.33
N LEU B 120 17.54 -25.49 29.66
CA LEU B 120 18.78 -24.99 29.08
C LEU B 120 19.43 -23.96 30.00
N PRO B 121 20.76 -23.91 30.00
CA PRO B 121 21.75 -24.50 29.09
C PRO B 121 22.28 -25.92 29.38
N HIS B 122 21.75 -26.60 30.39
CA HIS B 122 22.19 -27.97 30.68
C HIS B 122 20.98 -28.87 30.93
N PRO B 123 20.50 -29.54 29.87
CA PRO B 123 19.27 -30.31 30.02
C PRO B 123 19.43 -31.57 30.84
N SER B 124 18.45 -31.78 31.72
CA SER B 124 18.38 -32.94 32.58
C SER B 124 17.25 -33.88 32.14
N TYR B 125 16.11 -33.30 31.72
CA TYR B 125 14.95 -34.08 31.34
C TYR B 125 14.73 -34.16 29.83
N MET B 126 13.70 -34.91 29.43
CA MET B 126 13.18 -34.97 28.05
C MET B 126 11.77 -35.46 28.22
N ARG B 127 10.91 -35.40 27.21
CA ARG B 127 9.49 -35.57 27.53
C ARG B 127 8.55 -35.60 26.32
N ASP B 128 8.12 -36.79 25.91
CA ASP B 128 7.23 -36.90 24.75
C ASP B 128 5.90 -36.16 25.01
N VAL B 129 5.60 -35.17 24.17
CA VAL B 129 4.35 -34.43 24.29
C VAL B 129 3.39 -34.69 23.14
N THR B 130 3.72 -35.69 22.31
CA THR B 130 3.00 -35.93 21.08
C THR B 130 1.52 -36.18 21.30
N VAL B 131 1.23 -37.07 22.23
CA VAL B 131 -0.14 -37.53 22.44
C VAL B 131 -0.91 -36.43 23.15
N GLU B 132 -0.20 -35.75 24.05
CA GLU B 132 -0.74 -34.61 24.75
C GLU B 132 -1.25 -33.57 23.75
N ARG B 133 -0.49 -33.29 22.69
CA ARG B 133 -0.94 -32.29 21.72
C ARG B 133 -1.89 -32.79 20.65
N HIS B 134 -1.69 -34.03 20.20
CA HIS B 134 -2.39 -34.50 19.02
C HIS B 134 -3.48 -35.50 19.30
N GLY B 135 -3.34 -36.29 20.35
CA GLY B 135 -4.41 -37.18 20.79
C GLY B 135 -4.12 -38.61 20.42
N GLY B 136 -3.13 -38.82 19.54
CA GLY B 136 -2.71 -40.14 19.14
C GLY B 136 -1.21 -40.08 18.97
N PRO B 137 -0.63 -40.99 18.17
CA PRO B 137 0.74 -40.78 17.70
C PRO B 137 0.65 -40.10 16.35
N LEU B 138 1.81 -39.74 15.79
CA LEU B 138 1.86 -39.09 14.49
C LEU B 138 2.14 -40.10 13.38
N PRO B 139 1.17 -40.35 12.51
CA PRO B 139 1.41 -41.22 11.38
C PRO B 139 2.72 -40.85 10.67
N TYR B 140 3.54 -41.84 10.37
CA TYR B 140 4.88 -41.60 9.85
C TYR B 140 4.89 -41.01 8.43
N HIS B 141 3.74 -40.98 7.79
CA HIS B 141 3.70 -40.58 6.39
C HIS B 141 3.47 -39.08 6.30
N ARG B 142 3.23 -38.49 7.47
CA ARG B 142 3.15 -37.05 7.60
C ARG B 142 4.51 -36.39 7.68
N ARG B 143 5.53 -37.18 7.94
CA ARG B 143 6.85 -36.62 8.11
C ARG B 143 7.29 -36.01 6.78
N PRO B 144 7.89 -34.83 6.84
CA PRO B 144 8.55 -34.22 5.72
C PRO B 144 9.53 -35.13 5.01
N VAL B 145 9.56 -35.03 3.69
CA VAL B 145 10.55 -35.73 2.90
C VAL B 145 11.96 -35.25 3.26
N LEU B 146 12.76 -36.17 3.78
CA LEU B 146 14.16 -35.84 4.04
C LEU B 146 14.93 -35.54 2.77
N PHE B 147 16.10 -34.93 2.96
CA PHE B 147 17.04 -34.67 1.86
C PHE B 147 17.46 -35.97 1.21
N GLN B 148 17.84 -36.96 2.04
CA GLN B 148 18.18 -38.32 1.56
C GLN B 148 17.06 -38.94 0.77
N GLU B 149 15.85 -38.77 1.25
CA GLU B 149 14.73 -39.27 0.52
C GLU B 149 14.81 -38.68 -0.90
N TYR B 150 14.90 -37.36 -1.00
CA TYR B 150 14.97 -36.73 -2.32
C TYR B 150 16.13 -37.33 -3.11
N LEU B 151 17.29 -37.40 -2.46
CA LEU B 151 18.48 -37.98 -3.04
C LEU B 151 18.18 -39.34 -3.67
N ASP B 152 17.51 -40.19 -2.90
CA ASP B 152 17.17 -41.53 -3.34
C ASP B 152 16.15 -41.48 -4.42
N ILE B 153 15.10 -40.72 -4.24
CA ILE B 153 14.13 -40.60 -5.32
C ILE B 153 14.83 -40.25 -6.65
N ASP B 154 15.86 -39.41 -6.60
CA ASP B 154 16.58 -39.05 -7.82
C ASP B 154 17.40 -40.23 -8.37
N GLN B 155 18.22 -40.86 -7.53
CA GLN B 155 18.85 -42.12 -7.90
C GLN B 155 17.96 -43.03 -8.75
N MET B 156 16.76 -43.28 -8.25
CA MET B 156 15.84 -44.18 -8.91
C MET B 156 15.45 -43.65 -10.27
N ILE B 157 15.01 -42.40 -10.31
CA ILE B 157 14.64 -41.79 -11.59
C ILE B 157 15.80 -41.74 -12.57
N PHE B 158 16.93 -41.23 -12.12
CA PHE B 158 18.02 -41.00 -13.03
C PHE B 158 18.78 -42.25 -13.39
N ASN B 159 18.80 -43.25 -12.51
CA ASN B 159 19.55 -44.50 -12.78
C ASN B 159 18.73 -45.71 -13.16
N ARG B 160 17.44 -45.68 -12.96
CA ARG B 160 16.68 -46.89 -13.19
C ARG B 160 15.38 -46.66 -13.90
N GLU B 161 15.10 -45.44 -14.31
CA GLU B 161 13.81 -45.16 -14.89
C GLU B 161 13.95 -44.39 -16.19
N LEU B 162 14.66 -43.27 -16.13
CA LEU B 162 14.84 -42.45 -17.31
C LEU B 162 15.52 -43.19 -18.44
N PRO B 163 16.50 -44.05 -18.10
CA PRO B 163 17.14 -44.76 -19.20
C PRO B 163 16.17 -45.57 -20.08
N GLN B 164 15.15 -46.17 -19.48
CA GLN B 164 14.07 -46.75 -20.29
C GLN B 164 13.50 -45.82 -21.40
N ALA B 165 13.73 -44.51 -21.32
CA ALA B 165 13.23 -43.61 -22.35
C ALA B 165 14.32 -42.73 -22.97
N SER B 166 15.56 -43.18 -22.78
CA SER B 166 16.72 -42.49 -23.34
C SER B 166 16.57 -42.21 -24.83
N GLY B 167 15.73 -43.00 -25.48
CA GLY B 167 15.50 -42.83 -26.90
C GLY B 167 14.74 -41.57 -27.19
N LEU B 168 13.57 -41.44 -26.57
CA LEU B 168 12.75 -40.24 -26.69
C LEU B 168 13.45 -39.02 -26.14
N LEU B 169 14.03 -39.15 -24.97
CA LEU B 169 14.75 -38.05 -24.32
C LEU B 169 15.97 -37.59 -25.09
N HIS B 170 16.42 -38.38 -26.04
CA HIS B 170 17.48 -37.90 -26.90
C HIS B 170 16.90 -36.90 -27.92
N HIS B 171 15.73 -37.21 -28.45
CA HIS B 171 15.13 -36.38 -29.49
C HIS B 171 14.30 -35.26 -28.93
N CYS B 172 13.99 -35.38 -27.66
CA CYS B 172 13.17 -34.41 -26.93
C CYS B 172 14.10 -33.33 -26.45
N CYS B 173 15.23 -33.74 -25.88
CA CYS B 173 15.93 -32.88 -24.96
C CYS B 173 17.30 -33.38 -24.48
N PHE B 174 18.13 -33.69 -25.47
CA PHE B 174 19.58 -33.81 -25.33
C PHE B 174 20.09 -34.80 -24.30
N TYR B 175 19.31 -35.87 -24.09
CA TYR B 175 19.63 -36.87 -23.07
C TYR B 175 21.09 -37.29 -23.13
N LYS B 176 21.70 -37.58 -22.00
CA LYS B 176 23.09 -38.06 -22.02
C LYS B 176 23.40 -38.96 -20.81
N HIS B 177 24.13 -38.41 -19.82
CA HIS B 177 25.03 -39.19 -18.95
C HIS B 177 24.89 -38.87 -17.43
N ARG B 178 23.92 -39.45 -16.73
CA ARG B 178 22.88 -40.39 -17.22
C ARG B 178 21.51 -39.68 -17.11
N GLY B 179 21.50 -38.42 -17.56
CA GLY B 179 20.56 -37.39 -17.08
C GLY B 179 21.27 -36.38 -16.18
N ARG B 180 22.55 -36.12 -16.46
CA ARG B 180 23.27 -35.03 -15.80
C ARG B 180 22.79 -33.68 -16.36
N ASN B 181 22.10 -33.70 -17.49
CA ASN B 181 21.51 -32.48 -18.06
C ASN B 181 20.11 -32.13 -17.52
N LEU B 182 19.52 -33.01 -16.70
CA LEU B 182 18.18 -32.74 -16.17
C LEU B 182 18.08 -32.79 -14.64
N VAL B 183 16.93 -32.35 -14.16
CA VAL B 183 16.75 -32.08 -12.77
C VAL B 183 15.25 -32.15 -12.40
N THR B 184 14.96 -32.51 -11.16
CA THR B 184 13.56 -32.64 -10.67
C THR B 184 13.14 -31.52 -9.69
N MET B 185 11.83 -31.37 -9.51
CA MET B 185 11.30 -30.47 -8.48
C MET B 185 10.03 -31.02 -7.86
N THR B 186 9.95 -31.03 -6.53
CA THR B 186 8.77 -31.64 -5.84
C THR B 186 7.49 -30.94 -6.14
N THR B 187 6.37 -31.61 -5.94
CA THR B 187 5.16 -30.90 -5.74
C THR B 187 4.44 -31.22 -4.44
N ALA B 188 3.12 -31.03 -4.47
CA ALA B 188 2.37 -30.34 -3.45
C ALA B 188 1.99 -31.24 -2.36
N PRO B 189 0.67 -31.55 -2.17
CA PRO B 189 0.48 -32.75 -1.39
C PRO B 189 0.82 -33.94 -2.27
N ARG B 190 1.16 -35.05 -1.62
CA ARG B 190 1.80 -36.19 -2.26
C ARG B 190 0.85 -37.38 -2.38
N GLY B 191 -0.22 -37.21 -3.16
CA GLY B 191 -1.16 -38.27 -3.41
C GLY B 191 -2.56 -37.72 -3.40
N LEU B 192 -3.56 -38.58 -3.31
CA LEU B 192 -4.97 -38.13 -3.41
C LEU B 192 -5.83 -38.37 -2.18
N GLN B 193 -5.25 -39.03 -1.17
CA GLN B 193 -5.96 -39.20 0.09
C GLN B 193 -5.03 -39.48 1.27
N SER B 194 -5.63 -39.39 2.45
CA SER B 194 -4.86 -39.62 3.67
C SER B 194 -4.09 -40.93 3.60
N GLY B 195 -2.83 -40.90 3.97
CA GLY B 195 -2.02 -42.09 3.90
C GLY B 195 -1.05 -42.12 2.75
N ASP B 196 -1.39 -41.48 1.62
CA ASP B 196 -0.54 -41.54 0.41
C ASP B 196 0.82 -40.83 0.58
N ARG B 197 1.80 -41.29 -0.20
CA ARG B 197 3.10 -40.62 -0.33
C ARG B 197 3.65 -40.81 -1.76
N ALA B 198 2.85 -40.30 -2.69
CA ALA B 198 3.15 -40.29 -4.10
C ALA B 198 3.20 -38.85 -4.68
N THR B 199 4.42 -38.43 -4.99
CA THR B 199 4.73 -37.09 -5.48
C THR B 199 4.95 -37.01 -7.02
N TRP B 200 4.19 -36.15 -7.68
CA TRP B 200 4.52 -35.72 -9.06
C TRP B 200 5.77 -34.82 -9.11
N PHE B 201 6.74 -35.21 -9.92
CA PHE B 201 7.95 -34.40 -10.16
C PHE B 201 8.04 -34.04 -11.64
N GLY B 202 8.26 -32.77 -11.94
CA GLY B 202 8.56 -32.34 -13.30
C GLY B 202 10.04 -32.50 -13.57
N LEU B 203 10.38 -32.41 -14.86
CA LEU B 203 11.75 -32.47 -15.27
C LEU B 203 12.13 -31.21 -15.97
N TYR B 204 13.36 -30.77 -15.70
CA TYR B 204 13.85 -29.44 -16.08
C TYR B 204 15.33 -29.51 -16.47
N TYR B 205 15.76 -28.61 -17.36
CA TYR B 205 17.18 -28.57 -17.67
C TYR B 205 17.98 -28.07 -16.47
N ASN B 206 19.11 -28.71 -16.11
CA ASN B 206 19.98 -28.21 -15.05
C ASN B 206 20.68 -26.96 -15.54
N ILE B 207 19.90 -25.90 -15.82
CA ILE B 207 20.43 -24.59 -16.24
C ILE B 207 21.51 -24.06 -15.28
N SER B 208 22.61 -23.56 -15.81
CA SER B 208 23.69 -23.09 -14.96
C SER B 208 23.47 -21.63 -14.52
N GLY B 209 23.77 -21.33 -13.25
CA GLY B 209 23.66 -19.97 -12.72
C GLY B 209 22.38 -19.18 -13.03
N ALA B 210 21.27 -19.88 -13.27
CA ALA B 210 19.97 -19.23 -13.41
C ALA B 210 18.82 -20.21 -13.22
N GLY B 211 17.60 -19.71 -13.33
CA GLY B 211 16.46 -20.50 -12.90
C GLY B 211 16.09 -21.63 -13.83
N PHE B 212 16.20 -22.85 -13.33
CA PHE B 212 15.68 -23.99 -14.06
C PHE B 212 14.17 -24.00 -14.18
N PHE B 213 13.47 -23.36 -13.26
CA PHE B 213 12.02 -23.41 -13.19
C PHE B 213 11.33 -23.01 -14.50
N LEU B 214 12.08 -22.39 -15.40
CA LEU B 214 11.50 -21.89 -16.66
C LEU B 214 11.68 -22.85 -17.88
N HIS B 215 12.12 -24.05 -17.60
CA HIS B 215 12.62 -25.00 -18.59
C HIS B 215 12.13 -26.41 -18.32
N HIS B 216 10.80 -26.49 -18.20
CA HIS B 216 10.15 -27.75 -18.07
C HIS B 216 10.36 -28.38 -19.42
N VAL B 217 10.82 -29.61 -19.36
CA VAL B 217 11.21 -30.38 -20.51
C VAL B 217 10.03 -31.17 -21.05
N GLY B 218 8.85 -31.04 -20.44
CA GLY B 218 7.59 -31.63 -20.94
C GLY B 218 7.14 -32.90 -20.24
N LEU B 219 8.07 -33.47 -19.46
CA LEU B 219 7.91 -34.78 -18.81
C LEU B 219 7.69 -34.77 -17.27
N GLU B 220 6.56 -35.33 -16.85
CA GLU B 220 6.25 -35.47 -15.43
C GLU B 220 6.05 -36.93 -14.99
N LEU B 221 6.67 -37.26 -13.85
CA LEU B 221 6.61 -38.57 -13.21
C LEU B 221 5.93 -38.58 -11.84
N LEU B 222 4.92 -39.41 -11.65
CA LEU B 222 4.34 -39.65 -10.33
C LEU B 222 5.10 -40.73 -9.60
N VAL B 223 6.04 -40.36 -8.76
CA VAL B 223 6.76 -41.33 -7.95
C VAL B 223 6.02 -41.71 -6.67
N ASN B 224 5.96 -43.02 -6.42
CA ASN B 224 5.48 -43.57 -5.15
C ASN B 224 6.59 -44.00 -4.19
N HIS B 225 6.75 -43.28 -3.08
CA HIS B 225 7.89 -43.48 -2.19
C HIS B 225 7.47 -43.68 -0.73
N LYS B 226 6.21 -44.08 -0.57
CA LYS B 226 5.60 -44.53 0.70
C LYS B 226 6.30 -45.67 1.43
N ALA B 227 6.86 -46.62 0.69
CA ALA B 227 7.53 -47.74 1.28
C ALA B 227 8.67 -47.27 2.17
N LEU B 228 8.89 -47.98 3.26
CA LEU B 228 10.07 -47.76 4.13
C LEU B 228 11.34 -48.35 3.51
N ASP B 229 11.14 -49.26 2.57
CA ASP B 229 12.23 -49.76 1.77
C ASP B 229 12.26 -48.94 0.50
N PRO B 230 13.28 -48.07 0.37
CA PRO B 230 13.40 -47.29 -0.86
C PRO B 230 13.38 -48.19 -2.10
N ALA B 231 13.94 -49.40 -1.95
CA ALA B 231 13.98 -50.41 -3.01
C ALA B 231 12.59 -50.87 -3.51
N ARG B 232 11.51 -50.63 -2.79
CA ARG B 232 10.19 -51.05 -3.25
C ARG B 232 9.46 -49.93 -3.98
N TRP B 233 10.19 -48.94 -4.48
CA TRP B 233 9.52 -47.74 -5.04
C TRP B 233 9.09 -47.85 -6.49
N THR B 234 7.80 -47.77 -6.70
CA THR B 234 7.24 -47.84 -8.04
C THR B 234 7.30 -46.43 -8.67
N ILE B 235 6.83 -46.31 -9.92
CA ILE B 235 6.39 -45.07 -10.53
C ILE B 235 4.96 -45.27 -10.99
N GLN B 236 3.99 -44.76 -10.26
CA GLN B 236 2.62 -45.06 -10.64
C GLN B 236 2.12 -44.51 -11.98
N LYS B 237 2.72 -43.45 -12.49
CA LYS B 237 2.19 -42.77 -13.69
C LYS B 237 3.24 -41.91 -14.36
N VAL B 238 2.97 -41.58 -15.63
CA VAL B 238 3.88 -40.77 -16.45
C VAL B 238 3.06 -39.84 -17.34
N PHE B 239 3.61 -38.65 -17.59
CA PHE B 239 2.94 -37.61 -18.39
C PHE B 239 3.88 -37.03 -19.41
N TYR B 240 3.40 -37.01 -20.65
CA TYR B 240 4.12 -36.38 -21.73
C TYR B 240 3.09 -35.80 -22.68
N GLN B 241 3.36 -34.56 -23.08
CA GLN B 241 2.54 -33.85 -24.04
C GLN B 241 1.09 -34.24 -24.01
N GLY B 242 0.44 -33.98 -22.88
CA GLY B 242 -1.00 -34.08 -22.80
C GLY B 242 -1.53 -35.50 -22.69
N ARG B 243 -0.63 -36.46 -22.56
CA ARG B 243 -1.00 -37.86 -22.52
C ARG B 243 -0.34 -38.59 -21.36
N TYR B 244 -1.11 -39.47 -20.73
CA TYR B 244 -0.63 -40.20 -19.57
C TYR B 244 -0.35 -41.67 -19.96
N TYR B 245 0.80 -42.18 -19.51
CA TYR B 245 1.20 -43.55 -19.68
C TYR B 245 1.34 -44.19 -18.31
N ASP B 246 1.69 -45.47 -18.25
CA ASP B 246 1.78 -46.19 -16.96
C ASP B 246 3.22 -46.48 -16.57
N SER B 247 4.14 -46.14 -17.45
CA SER B 247 5.55 -46.43 -17.24
C SER B 247 6.33 -45.75 -18.32
N LEU B 248 7.59 -45.46 -18.02
CA LEU B 248 8.51 -44.91 -19.02
C LEU B 248 8.71 -45.85 -20.21
N ALA B 249 8.64 -47.15 -19.94
CA ALA B 249 8.80 -48.16 -20.95
C ALA B 249 7.63 -48.13 -21.96
N GLN B 250 6.42 -47.98 -21.46
CA GLN B 250 5.25 -47.88 -22.34
C GLN B 250 5.30 -46.62 -23.19
N LEU B 251 5.95 -45.59 -22.66
CA LEU B 251 6.13 -44.32 -23.36
C LEU B 251 7.17 -44.44 -24.47
N GLU B 252 8.37 -44.90 -24.11
CA GLU B 252 9.44 -45.09 -25.08
C GLU B 252 8.98 -46.01 -26.20
N ALA B 253 8.14 -46.97 -25.86
CA ALA B 253 7.50 -47.84 -26.84
C ALA B 253 6.76 -47.01 -27.89
N GLN B 254 5.70 -46.33 -27.49
CA GLN B 254 4.92 -45.54 -28.43
C GLN B 254 5.72 -44.49 -29.24
N PHE B 255 6.81 -44.03 -28.65
CA PHE B 255 7.67 -43.15 -29.40
C PHE B 255 8.37 -43.88 -30.54
N GLU B 256 8.97 -45.02 -30.19
CA GLU B 256 9.62 -45.88 -31.19
C GLU B 256 8.59 -46.32 -32.24
N ALA B 257 7.34 -46.50 -31.84
CA ALA B 257 6.31 -46.86 -32.81
C ALA B 257 5.85 -45.68 -33.65
N GLY B 258 6.53 -44.53 -33.51
CA GLY B 258 6.21 -43.31 -34.25
C GLY B 258 4.84 -42.68 -33.97
N LEU B 259 4.24 -42.97 -32.82
CA LEU B 259 2.94 -42.39 -32.47
C LEU B 259 3.01 -41.13 -31.58
N VAL B 260 4.21 -40.58 -31.43
CA VAL B 260 4.49 -39.49 -30.50
C VAL B 260 5.36 -38.42 -31.15
N ASN B 261 4.75 -37.30 -31.55
CA ASN B 261 5.49 -36.23 -32.19
C ASN B 261 6.43 -35.50 -31.21
N VAL B 262 7.72 -35.80 -31.31
CA VAL B 262 8.72 -35.10 -30.51
C VAL B 262 9.23 -33.85 -31.25
N VAL B 263 9.48 -32.80 -30.46
CA VAL B 263 10.11 -31.56 -30.93
C VAL B 263 11.34 -31.29 -30.06
N LEU B 264 12.43 -30.87 -30.69
CA LEU B 264 13.67 -30.72 -29.98
C LEU B 264 13.69 -29.39 -29.22
N ILE B 265 13.75 -29.47 -27.89
CA ILE B 265 13.65 -28.32 -27.00
C ILE B 265 15.04 -27.72 -26.74
N PRO B 266 15.25 -26.44 -27.10
CA PRO B 266 16.62 -25.92 -26.96
C PRO B 266 17.06 -25.79 -25.51
N ASP B 267 18.29 -26.24 -25.24
CA ASP B 267 18.83 -26.32 -23.90
C ASP B 267 19.80 -25.18 -23.59
N ASN B 268 19.85 -24.14 -24.42
CA ASN B 268 20.46 -22.85 -24.02
C ASN B 268 19.85 -21.68 -24.79
N GLY B 269 20.26 -20.48 -24.40
CA GLY B 269 19.63 -19.26 -24.93
C GLY B 269 20.09 -17.94 -24.33
N THR B 270 19.34 -16.90 -24.68
CA THR B 270 19.67 -15.58 -24.22
C THR B 270 18.42 -14.81 -23.78
N GLY B 271 18.61 -13.98 -22.76
CA GLY B 271 17.65 -12.95 -22.42
C GLY B 271 16.90 -13.13 -21.13
N GLY B 272 17.46 -13.83 -20.17
CA GLY B 272 16.76 -13.81 -18.91
C GLY B 272 15.53 -14.69 -18.84
N SER B 273 15.09 -15.27 -19.97
CA SER B 273 14.65 -16.67 -19.91
C SER B 273 15.82 -17.51 -19.45
N TRP B 274 17.03 -17.10 -19.81
CA TRP B 274 18.21 -17.91 -19.62
C TRP B 274 19.20 -17.35 -18.64
N SER B 275 19.00 -16.10 -18.23
CA SER B 275 20.00 -15.40 -17.43
C SER B 275 19.40 -14.49 -16.35
N LEU B 276 20.23 -14.14 -15.38
CA LEU B 276 19.95 -13.06 -14.43
C LEU B 276 20.92 -11.91 -14.58
N LYS B 277 22.15 -12.21 -14.99
CA LYS B 277 23.12 -11.17 -15.26
C LYS B 277 22.60 -10.19 -16.31
N SER B 278 22.70 -8.89 -16.01
CA SER B 278 22.32 -7.85 -16.95
C SER B 278 23.42 -7.70 -17.96
N PRO B 279 23.07 -7.53 -19.23
CA PRO B 279 24.06 -7.14 -20.23
C PRO B 279 24.51 -5.69 -20.08
N VAL B 280 23.61 -4.79 -19.68
CA VAL B 280 23.94 -3.37 -19.55
C VAL B 280 24.89 -3.12 -18.39
N PRO B 281 26.03 -2.47 -18.63
CA PRO B 281 27.02 -2.28 -17.57
C PRO B 281 26.62 -1.21 -16.55
N PRO B 282 27.25 -1.26 -15.37
CA PRO B 282 26.76 -0.48 -14.25
C PRO B 282 27.02 1.00 -14.45
N GLY B 283 26.03 1.84 -14.09
CA GLY B 283 26.10 3.30 -14.27
C GLY B 283 26.41 4.06 -13.00
N PRO B 284 26.06 5.36 -12.95
CA PRO B 284 26.29 6.05 -11.70
C PRO B 284 25.36 5.48 -10.61
N ALA B 285 25.87 5.46 -9.38
CA ALA B 285 25.24 4.71 -8.30
C ALA B 285 23.87 5.22 -7.92
N PRO B 286 23.06 4.35 -7.34
CA PRO B 286 21.77 4.80 -6.87
C PRO B 286 21.89 5.40 -5.47
N PRO B 287 20.79 6.05 -5.02
CA PRO B 287 20.67 6.81 -3.78
C PRO B 287 21.04 5.99 -2.56
N LEU B 288 21.93 6.48 -1.72
CA LEU B 288 22.40 5.79 -0.54
C LEU B 288 21.84 6.50 0.68
N GLN B 289 21.30 5.76 1.65
CA GLN B 289 20.94 6.38 2.93
C GLN B 289 22.01 6.16 3.97
N PHE B 290 22.17 7.13 4.85
CA PHE B 290 23.10 6.99 5.97
C PHE B 290 22.59 7.77 7.17
N TYR B 291 23.24 7.49 8.30
CA TYR B 291 22.86 8.06 9.57
C TYR B 291 23.95 9.04 9.93
N PRO B 292 23.69 10.33 9.69
CA PRO B 292 24.73 11.37 9.81
C PRO B 292 25.46 11.35 11.14
N GLN B 293 24.74 11.19 12.25
CA GLN B 293 25.41 11.14 13.57
C GLN B 293 25.17 9.82 14.25
N GLY B 294 25.44 8.77 13.49
CA GLY B 294 25.36 7.43 14.01
C GLY B 294 23.93 6.91 13.98
N PRO B 295 23.81 5.56 14.10
CA PRO B 295 22.55 4.81 14.12
C PRO B 295 21.74 5.18 15.36
N ARG B 296 20.43 5.27 15.23
CA ARG B 296 19.56 5.68 16.33
C ARG B 296 18.78 4.53 16.96
N PHE B 297 19.31 3.31 16.85
CA PHE B 297 18.71 2.10 17.47
C PHE B 297 19.85 1.13 17.76
N SER B 298 19.60 0.15 18.60
CA SER B 298 20.61 -0.85 18.89
C SER B 298 20.02 -2.22 18.79
N VAL B 299 20.93 -3.19 18.68
CA VAL B 299 20.59 -4.59 18.62
C VAL B 299 21.56 -5.37 19.49
N GLN B 300 21.02 -6.00 20.54
CA GLN B 300 21.79 -6.90 21.40
C GLN B 300 21.08 -8.23 21.40
N GLY B 301 21.78 -9.25 20.91
CA GLY B 301 21.19 -10.57 20.74
C GLY B 301 19.99 -10.49 19.82
N SER B 302 18.82 -10.73 20.36
CA SER B 302 17.61 -10.71 19.58
C SER B 302 16.73 -9.57 20.02
N ARG B 303 17.28 -8.61 20.75
CA ARG B 303 16.50 -7.45 21.16
C ARG B 303 16.91 -6.18 20.41
N VAL B 304 15.89 -5.50 19.94
CA VAL B 304 16.05 -4.25 19.27
C VAL B 304 15.51 -3.21 20.21
N ALA B 305 16.28 -2.15 20.38
CA ALA B 305 15.88 -1.02 21.20
C ALA B 305 16.02 0.27 20.40
N SER B 306 15.02 1.13 20.51
CA SER B 306 15.10 2.49 20.01
C SER B 306 14.34 3.46 20.92
N SER B 307 14.67 4.73 20.83
CA SER B 307 13.87 5.79 21.43
C SER B 307 12.36 5.49 21.62
N LEU B 308 11.73 4.87 20.64
CA LEU B 308 10.31 4.65 20.71
C LEU B 308 9.92 3.19 20.85
N TRP B 309 10.70 2.30 20.24
CA TRP B 309 10.24 0.93 20.08
C TRP B 309 11.23 0.00 20.69
N THR B 310 10.69 -0.99 21.35
CA THR B 310 11.53 -2.02 21.89
C THR B 310 10.84 -3.35 21.70
N PHE B 311 11.59 -4.35 21.21
CA PHE B 311 11.05 -5.69 20.90
C PHE B 311 12.11 -6.78 20.76
N SER B 312 11.64 -8.02 20.71
CA SER B 312 12.50 -9.16 20.42
C SER B 312 12.05 -9.83 19.10
N PHE B 313 12.97 -10.47 18.39
CA PHE B 313 12.67 -11.03 17.06
C PHE B 313 13.25 -12.43 16.90
N GLY B 314 12.67 -13.21 15.97
CA GLY B 314 13.23 -14.52 15.66
C GLY B 314 12.61 -15.33 14.54
N LEU B 315 13.12 -16.55 14.42
CA LEU B 315 12.70 -17.48 13.36
C LEU B 315 12.28 -18.87 13.80
N GLY B 316 11.00 -19.15 13.63
CA GLY B 316 10.57 -20.55 13.66
C GLY B 316 11.09 -21.26 12.43
N ALA B 317 11.86 -22.34 12.63
CA ALA B 317 12.21 -23.26 11.53
C ALA B 317 11.06 -23.55 10.55
N PHE B 318 9.85 -23.77 11.04
CA PHE B 318 8.77 -24.11 10.12
C PHE B 318 7.86 -22.95 9.86
N SER B 319 7.43 -22.28 10.92
CA SER B 319 6.44 -21.19 10.79
C SER B 319 7.07 -19.89 10.29
N GLY B 320 8.38 -19.73 10.57
CA GLY B 320 9.13 -18.58 10.12
C GLY B 320 9.30 -17.43 11.12
N PRO B 321 9.29 -16.19 10.61
CA PRO B 321 9.58 -14.97 11.34
C PRO B 321 8.56 -14.65 12.36
N ARG B 322 9.04 -14.04 13.45
CA ARG B 322 8.20 -13.63 14.55
C ARG B 322 8.85 -12.54 15.43
N ILE B 323 8.01 -11.69 15.99
CA ILE B 323 8.43 -10.72 17.00
C ILE B 323 7.57 -10.79 18.28
N PHE B 324 8.18 -10.47 19.41
CA PHE B 324 7.57 -10.59 20.77
C PHE B 324 7.78 -9.36 21.63
N ASP B 325 6.81 -9.08 22.50
CA ASP B 325 7.01 -8.12 23.59
C ASP B 325 7.36 -6.78 22.98
N VAL B 326 6.51 -6.40 22.05
CA VAL B 326 6.67 -5.17 21.35
C VAL B 326 6.14 -4.11 22.25
N ARG B 327 7.01 -3.20 22.68
CA ARG B 327 6.57 -2.07 23.50
C ARG B 327 6.86 -0.71 22.87
N PHE B 328 5.87 0.17 22.94
CA PHE B 328 5.98 1.52 22.43
C PHE B 328 6.10 2.50 23.59
N GLN B 329 7.29 3.06 23.72
CA GLN B 329 7.59 3.96 24.83
C GLN B 329 7.34 3.27 26.17
N GLY B 330 7.73 2.00 26.27
CA GLY B 330 7.64 1.25 27.52
C GLY B 330 6.37 0.42 27.73
N GLU B 331 5.30 0.77 27.04
CA GLU B 331 4.04 0.07 27.20
C GLU B 331 3.83 -1.00 26.12
N ARG B 332 3.46 -2.21 26.54
CA ARG B 332 3.30 -3.31 25.60
C ARG B 332 2.03 -3.23 24.77
N LEU B 333 2.20 -3.41 23.47
CA LEU B 333 1.07 -3.47 22.54
C LEU B 333 0.79 -4.90 22.09
N VAL B 334 1.85 -5.69 21.87
CA VAL B 334 1.67 -7.05 21.40
C VAL B 334 2.63 -8.00 22.07
N TYR B 335 2.07 -9.13 22.47
CA TYR B 335 2.85 -10.16 23.12
C TYR B 335 3.66 -10.83 22.01
N GLU B 336 2.99 -11.08 20.89
CA GLU B 336 3.56 -11.86 19.81
C GLU B 336 2.88 -11.52 18.49
N ILE B 337 3.70 -11.30 17.47
CA ILE B 337 3.24 -11.33 16.06
C ILE B 337 4.11 -12.31 15.29
N SER B 338 3.47 -13.24 14.60
CA SER B 338 4.23 -14.28 13.91
C SER B 338 3.57 -14.75 12.61
N LEU B 339 4.43 -15.32 11.79
CA LEU B 339 3.99 -15.97 10.58
C LEU B 339 3.52 -17.34 11.01
N GLN B 340 2.35 -17.73 10.53
CA GLN B 340 1.86 -19.05 10.81
C GLN B 340 2.13 -20.01 9.64
N GLU B 341 1.65 -19.64 8.46
CA GLU B 341 1.78 -20.48 7.27
C GLU B 341 1.82 -19.67 5.97
N ALA B 342 2.29 -20.32 4.91
CA ALA B 342 2.31 -19.77 3.57
C ALA B 342 1.78 -20.82 2.58
N LEU B 343 0.93 -20.38 1.66
CA LEU B 343 0.17 -21.28 0.83
C LEU B 343 0.07 -20.83 -0.66
N ALA B 344 0.52 -21.69 -1.57
CA ALA B 344 0.36 -21.51 -3.00
C ALA B 344 -0.49 -22.64 -3.62
N ILE B 345 -1.52 -22.28 -4.37
CA ILE B 345 -2.49 -23.20 -4.96
C ILE B 345 -2.56 -23.00 -6.49
N TYR B 346 -2.33 -24.06 -7.29
CA TYR B 346 -2.20 -23.91 -8.76
C TYR B 346 -3.31 -24.38 -9.67
N GLY B 347 -3.26 -23.89 -10.91
CA GLY B 347 -4.03 -24.38 -12.05
C GLY B 347 -3.04 -24.96 -13.06
N GLY B 348 -3.53 -25.70 -14.05
CA GLY B 348 -2.60 -26.34 -14.98
C GLY B 348 -3.16 -27.24 -16.05
N ASN B 349 -2.27 -27.56 -16.98
CA ASN B 349 -2.55 -28.43 -18.10
C ASN B 349 -2.05 -29.80 -17.79
N SER B 350 -1.16 -29.85 -16.82
CA SER B 350 -0.38 -31.02 -16.48
C SER B 350 -0.76 -31.48 -15.08
N PRO B 351 -0.50 -32.75 -14.77
CA PRO B 351 -0.81 -33.23 -13.44
C PRO B 351 -0.03 -32.52 -12.33
N ALA B 352 1.27 -32.34 -12.51
CA ALA B 352 2.10 -31.77 -11.44
C ALA B 352 1.53 -30.42 -10.98
N ALA B 353 1.16 -29.57 -11.93
CA ALA B 353 0.62 -28.26 -11.63
C ALA B 353 -0.81 -28.30 -11.16
N MET B 354 -1.68 -29.03 -11.86
CA MET B 354 -3.13 -28.88 -11.64
C MET B 354 -3.58 -29.36 -10.25
N THR B 355 -2.65 -30.04 -9.58
CA THR B 355 -2.87 -30.79 -8.34
C THR B 355 -1.86 -30.33 -7.30
N THR B 356 -1.36 -29.11 -7.46
CA THR B 356 -0.35 -28.60 -6.55
C THR B 356 -0.89 -27.53 -5.63
N ARG B 357 -0.93 -27.87 -4.34
CA ARG B 357 -1.22 -26.95 -3.25
C ARG B 357 -0.05 -27.06 -2.27
N TYR B 358 0.96 -26.21 -2.38
CA TYR B 358 2.04 -26.24 -1.40
C TYR B 358 1.59 -25.61 -0.06
N VAL B 359 2.12 -26.13 1.04
CA VAL B 359 1.90 -25.59 2.37
C VAL B 359 3.31 -25.44 2.92
N ASP B 360 3.91 -24.30 2.55
CA ASP B 360 5.36 -24.18 2.53
C ASP B 360 5.97 -24.37 3.91
N GLY B 361 5.18 -24.15 4.96
CA GLY B 361 5.58 -24.51 6.33
C GLY B 361 6.12 -25.93 6.41
N GLY B 362 5.45 -26.87 5.72
CA GLY B 362 5.98 -28.22 5.48
C GLY B 362 7.48 -28.37 5.17
N PHE B 363 8.04 -27.36 4.51
CA PHE B 363 9.49 -27.30 4.26
C PHE B 363 10.13 -26.44 5.34
N GLY B 364 9.60 -25.22 5.47
CA GLY B 364 9.95 -24.34 6.58
C GLY B 364 10.59 -23.03 6.20
N MET B 365 9.80 -21.96 6.33
CA MET B 365 10.25 -20.59 6.13
C MET B 365 11.51 -20.25 6.91
N GLY B 366 11.66 -20.81 8.10
CA GLY B 366 12.87 -20.57 8.86
C GLY B 366 14.01 -21.36 8.32
N LYS B 367 13.74 -22.62 8.01
CA LYS B 367 14.73 -23.55 7.48
C LYS B 367 15.29 -23.09 6.15
N TYR B 368 14.42 -22.52 5.34
CA TYR B 368 14.76 -22.12 4.00
C TYR B 368 14.99 -20.60 3.92
N THR B 369 15.38 -20.00 5.01
CA THR B 369 15.68 -18.57 5.02
C THR B 369 17.12 -18.43 4.46
N THR B 370 17.38 -17.36 3.73
CA THR B 370 18.61 -17.21 2.96
C THR B 370 19.34 -15.97 3.40
N PRO B 371 20.65 -15.91 3.12
CA PRO B 371 21.32 -14.68 3.46
C PRO B 371 20.78 -13.47 2.69
N LEU B 372 20.86 -12.33 3.37
CA LEU B 372 20.47 -11.06 2.82
C LEU B 372 21.69 -10.39 2.22
N THR B 373 21.56 -10.07 0.94
CA THR B 373 22.64 -9.46 0.20
C THR B 373 22.56 -7.96 0.49
N ARG B 374 23.66 -7.51 1.09
CA ARG B 374 23.80 -6.16 1.58
C ARG B 374 23.72 -5.20 0.42
N GLY B 375 22.83 -4.24 0.51
CA GLY B 375 22.71 -3.28 -0.55
C GLY B 375 21.57 -3.60 -1.48
N VAL B 376 21.22 -4.89 -1.61
CA VAL B 376 20.11 -5.32 -2.48
C VAL B 376 18.84 -5.70 -1.73
N ASP B 377 18.99 -6.56 -0.72
CA ASP B 377 17.83 -7.06 0.03
C ASP B 377 17.44 -6.10 1.14
N CYS B 378 18.46 -5.42 1.67
CA CYS B 378 18.29 -4.31 2.60
C CYS B 378 19.29 -3.20 2.26
N PRO B 379 19.06 -2.00 2.79
CA PRO B 379 20.01 -0.90 2.68
C PRO B 379 21.40 -1.31 3.03
N TYR B 380 22.37 -0.78 2.32
CA TYR B 380 23.76 -1.11 2.56
C TYR B 380 24.13 -1.04 4.05
N LEU B 381 23.62 -0.03 4.74
CA LEU B 381 24.04 0.25 6.13
C LEU B 381 23.04 -0.27 7.19
N ALA B 382 22.35 -1.35 6.86
CA ALA B 382 21.52 -1.98 7.82
C ALA B 382 22.44 -2.79 8.71
N THR B 383 21.86 -3.27 9.81
CA THR B 383 22.54 -4.20 10.71
C THR B 383 21.98 -5.58 10.39
N TYR B 384 22.90 -6.50 10.14
CA TYR B 384 22.56 -7.81 9.61
C TYR B 384 22.96 -8.83 10.68
N VAL B 385 22.03 -9.75 10.98
CA VAL B 385 22.23 -10.75 12.03
C VAL B 385 22.19 -12.16 11.53
N ASP B 386 23.07 -12.98 12.13
CA ASP B 386 23.17 -14.40 11.86
C ASP B 386 22.02 -15.14 12.54
N TRP B 387 21.82 -16.39 12.15
CA TRP B 387 20.72 -17.25 12.69
C TRP B 387 21.20 -18.68 12.71
N HIS B 388 20.90 -19.37 13.80
CA HIS B 388 21.42 -20.71 14.01
C HIS B 388 20.32 -21.72 14.04
N PHE B 389 20.66 -22.91 13.57
CA PHE B 389 19.69 -23.98 13.39
C PHE B 389 20.39 -25.34 13.41
N LEU B 390 19.65 -26.31 13.91
CA LEU B 390 20.02 -27.71 13.80
C LEU B 390 18.84 -28.45 13.16
N LEU B 391 18.93 -28.60 11.85
CA LEU B 391 17.91 -29.27 11.06
C LEU B 391 18.57 -30.32 10.19
N GLU B 392 17.85 -31.40 9.92
CA GLU B 392 18.42 -32.60 9.30
C GLU B 392 19.93 -32.69 9.44
N SER B 393 20.45 -32.52 10.65
CA SER B 393 21.84 -32.90 10.91
C SER B 393 22.06 -33.15 12.41
N GLN B 394 23.33 -33.35 12.76
CA GLN B 394 23.73 -33.57 14.13
C GLN B 394 24.63 -32.48 14.68
N ALA B 395 24.89 -31.45 13.88
CA ALA B 395 25.66 -30.28 14.33
C ALA B 395 24.89 -29.01 13.99
N PRO B 396 25.01 -27.98 14.85
CA PRO B 396 24.37 -26.72 14.52
C PRO B 396 25.11 -26.02 13.39
N LYS B 397 24.39 -25.19 12.65
CA LYS B 397 24.99 -24.41 11.58
C LYS B 397 24.34 -23.04 11.57
N THR B 398 24.90 -22.14 10.79
CA THR B 398 24.45 -20.75 10.76
C THR B 398 23.99 -20.34 9.37
N ILE B 399 22.91 -19.58 9.28
CA ILE B 399 22.58 -18.87 8.05
C ILE B 399 23.00 -17.41 8.28
N ARG B 400 24.13 -16.99 7.70
CA ARG B 400 24.68 -15.65 7.96
C ARG B 400 23.83 -14.55 7.30
N ASP B 401 23.80 -13.39 7.94
CA ASP B 401 23.04 -12.25 7.46
C ASP B 401 21.58 -12.58 7.18
N ALA B 402 21.00 -13.39 8.06
CA ALA B 402 19.63 -13.87 7.90
C ALA B 402 18.58 -12.82 8.25
N PHE B 403 18.91 -11.92 9.17
CA PHE B 403 18.04 -10.79 9.50
C PHE B 403 18.70 -9.47 9.18
N CYS B 404 17.89 -8.48 8.80
CA CYS B 404 18.38 -7.11 8.75
C CYS B 404 17.42 -6.21 9.51
N VAL B 405 18.04 -5.30 10.27
CA VAL B 405 17.31 -4.25 10.97
C VAL B 405 17.90 -2.91 10.55
N PHE B 406 17.00 -1.95 10.28
CA PHE B 406 17.41 -0.66 9.83
C PHE B 406 16.33 0.40 9.99
N GLU B 407 16.79 1.66 9.91
CA GLU B 407 15.95 2.83 10.01
C GLU B 407 15.96 3.45 8.62
N GLN B 408 14.81 3.94 8.19
CA GLN B 408 14.60 4.25 6.80
C GLN B 408 13.78 5.51 6.61
N ASN B 409 14.38 6.49 5.93
CA ASN B 409 13.67 7.70 5.59
C ASN B 409 12.70 7.41 4.44
N GLN B 410 11.43 7.66 4.66
CA GLN B 410 10.43 7.32 3.67
C GLN B 410 10.25 8.33 2.55
N GLY B 411 10.92 9.48 2.61
CA GLY B 411 10.59 10.61 1.73
C GLY B 411 9.11 10.94 1.68
N LEU B 412 8.50 10.91 2.87
CA LEU B 412 7.11 11.22 3.03
C LEU B 412 6.99 11.90 4.38
N PRO B 413 6.10 12.88 4.46
CA PRO B 413 5.82 13.39 5.77
C PRO B 413 4.94 12.40 6.51
N LEU B 414 5.32 12.13 7.76
CA LEU B 414 4.41 11.52 8.70
C LEU B 414 3.18 12.41 8.84
N ARG B 415 3.43 13.71 9.02
CA ARG B 415 2.37 14.71 9.13
C ARG B 415 2.93 16.04 8.72
N ARG B 416 2.02 16.95 8.33
CA ARG B 416 2.39 18.29 7.96
C ARG B 416 1.19 19.22 7.76
N HIS B 417 1.33 20.46 8.24
CA HIS B 417 0.40 21.56 7.92
C HIS B 417 1.13 22.88 7.70
N HIS B 418 0.78 23.51 6.59
CA HIS B 418 1.28 24.81 6.21
C HIS B 418 0.05 25.72 6.21
N SER B 419 0.08 26.74 7.06
CA SER B 419 -1.03 27.69 7.20
C SER B 419 -0.72 29.08 6.64
N ASP B 420 -1.59 29.52 5.72
CA ASP B 420 -1.58 30.84 5.09
C ASP B 420 -2.80 31.64 5.54
N LEU B 421 -3.71 30.97 6.24
CA LEU B 421 -4.99 31.53 6.64
C LEU B 421 -4.89 32.01 8.07
N TYR B 422 -5.33 33.25 8.30
CA TYR B 422 -5.34 33.88 9.62
C TYR B 422 -4.02 33.86 10.39
N SER B 423 -3.22 32.82 10.30
CA SER B 423 -1.97 32.77 11.05
C SER B 423 -0.91 32.01 10.24
N HIS B 424 0.31 32.54 10.19
CA HIS B 424 1.32 32.01 9.30
C HIS B 424 2.30 31.15 10.05
N TYR B 425 2.16 29.85 9.87
CA TYR B 425 3.10 28.91 10.46
C TYR B 425 3.16 27.65 9.64
N PHE B 426 4.20 26.88 9.95
CA PHE B 426 4.38 25.54 9.45
C PHE B 426 4.84 24.57 10.54
N GLY B 427 4.20 23.42 10.58
CA GLY B 427 4.72 22.31 11.39
C GLY B 427 4.48 20.99 10.70
N GLY B 428 5.51 20.13 10.78
CA GLY B 428 5.41 18.81 10.23
C GLY B 428 6.66 18.02 10.51
N LEU B 429 6.64 16.79 10.00
CA LEU B 429 7.65 15.83 10.34
C LEU B 429 7.70 14.78 9.25
N ALA B 430 8.94 14.42 8.90
CA ALA B 430 9.20 13.46 7.85
C ALA B 430 9.12 12.15 8.54
N GLU B 431 8.42 11.18 7.94
CA GLU B 431 8.43 9.84 8.51
C GLU B 431 9.74 9.13 8.30
N THR B 432 10.43 8.83 9.37
CA THR B 432 11.42 7.77 9.39
C THR B 432 10.72 6.60 10.08
N VAL B 433 11.18 5.39 9.78
CA VAL B 433 10.45 4.18 10.11
C VAL B 433 11.52 3.17 10.48
N LEU B 434 11.17 2.21 11.35
CA LEU B 434 12.13 1.17 11.81
C LEU B 434 11.68 -0.16 11.26
N VAL B 435 12.61 -0.99 10.81
CA VAL B 435 12.26 -2.10 9.90
C VAL B 435 13.02 -3.37 10.24
N VAL B 436 12.27 -4.48 10.26
CA VAL B 436 12.90 -5.81 10.43
C VAL B 436 12.49 -6.73 9.34
N ARG B 437 13.49 -7.45 8.83
CA ARG B 437 13.30 -8.26 7.65
C ARG B 437 14.12 -9.55 7.61
N SER B 438 13.46 -10.56 7.07
CA SER B 438 14.14 -11.77 6.61
C SER B 438 13.42 -12.21 5.33
N MET B 439 14.13 -13.04 4.55
CA MET B 439 13.61 -13.64 3.33
C MET B 439 13.74 -15.17 3.32
N SER B 440 12.63 -15.83 2.97
CA SER B 440 12.60 -17.27 2.83
C SER B 440 12.65 -17.59 1.34
N THR B 441 13.58 -18.44 0.92
CA THR B 441 13.62 -18.94 -0.48
C THR B 441 13.21 -20.44 -0.61
N LEU B 442 11.99 -20.63 -1.13
CA LEU B 442 11.40 -21.96 -1.28
C LEU B 442 11.18 -22.35 -2.74
N LEU B 443 12.15 -23.14 -3.23
CA LEU B 443 12.18 -23.52 -4.62
C LEU B 443 12.21 -22.23 -5.45
N ASN B 444 11.14 -21.96 -6.21
CA ASN B 444 11.14 -20.84 -7.14
C ASN B 444 10.89 -19.52 -6.44
N ASP B 446 11.00 -16.42 -3.77
CA ASP B 446 11.63 -15.69 -2.71
C ASP B 446 10.56 -14.84 -2.01
N TYR B 447 10.29 -15.18 -0.75
CA TYR B 447 9.30 -14.46 0.03
C TYR B 447 10.05 -13.46 0.93
N VAL B 448 9.52 -12.23 0.95
CA VAL B 448 10.04 -11.17 1.80
C VAL B 448 9.07 -10.85 2.94
N TRP B 449 9.59 -10.98 4.15
CA TRP B 449 8.82 -10.80 5.38
C TRP B 449 9.26 -9.54 6.10
N ASP B 450 8.38 -8.54 6.05
CA ASP B 450 8.68 -7.22 6.57
C ASP B 450 7.79 -6.84 7.73
N THR B 451 8.44 -6.36 8.78
CA THR B 451 7.69 -5.70 9.84
C THR B 451 8.25 -4.30 10.03
N VAL B 452 7.36 -3.32 9.91
CA VAL B 452 7.78 -1.94 9.91
C VAL B 452 7.07 -1.16 11.02
N PHE B 453 7.87 -0.45 11.82
CA PHE B 453 7.44 0.20 13.05
C PHE B 453 7.40 1.72 12.87
N HIS B 454 6.21 2.27 12.81
CA HIS B 454 6.04 3.69 12.58
C HIS B 454 6.03 4.48 13.88
N PRO B 455 6.41 5.76 13.81
CA PRO B 455 6.45 6.53 15.04
C PRO B 455 5.10 7.12 15.40
N SER B 456 4.06 6.85 14.61
CA SER B 456 2.73 7.18 15.06
C SER B 456 2.32 6.20 16.16
N GLY B 457 3.10 5.14 16.35
CA GLY B 457 2.75 4.00 17.20
C GLY B 457 2.12 2.85 16.40
N ALA B 458 1.94 3.03 15.09
CA ALA B 458 1.42 1.97 14.21
C ALA B 458 2.46 0.90 13.88
N ILE B 459 1.94 -0.30 13.60
CA ILE B 459 2.76 -1.39 13.11
C ILE B 459 2.20 -1.96 11.82
N GLU B 460 3.10 -2.17 10.87
CA GLU B 460 2.73 -2.60 9.53
C GLU B 460 3.46 -3.87 9.20
N ILE B 461 2.66 -4.87 8.79
CA ILE B 461 3.19 -6.17 8.37
C ILE B 461 2.90 -6.36 6.89
N ARG B 462 3.97 -6.76 6.20
CA ARG B 462 4.03 -6.84 4.75
C ARG B 462 4.70 -8.13 4.33
N PHE B 463 4.11 -8.80 3.34
CA PHE B 463 4.90 -9.81 2.64
C PHE B 463 4.85 -9.69 1.15
N TYR B 464 6.01 -9.97 0.56
CA TYR B 464 6.26 -9.82 -0.88
C TYR B 464 6.73 -11.13 -1.56
N ALA B 465 6.05 -11.50 -2.65
CA ALA B 465 6.43 -12.68 -3.44
C ALA B 465 7.29 -12.26 -4.63
N THR B 466 8.50 -12.83 -4.72
CA THR B 466 9.45 -12.56 -5.81
C THR B 466 10.14 -13.85 -6.19
N GLY B 467 11.42 -13.82 -6.52
CA GLY B 467 12.07 -14.93 -7.16
C GLY B 467 11.41 -15.29 -8.50
N TYR B 468 11.62 -16.55 -8.89
CA TYR B 468 11.06 -17.13 -10.11
C TYR B 468 9.62 -17.58 -9.96
N ILE B 469 8.89 -17.64 -11.06
CA ILE B 469 7.66 -18.43 -11.13
C ILE B 469 7.97 -19.91 -11.42
N SER B 470 6.98 -20.77 -11.25
CA SER B 470 7.08 -22.12 -11.82
C SER B 470 6.36 -22.12 -13.16
N SER B 471 6.90 -22.87 -14.12
CA SER B 471 6.29 -22.97 -15.43
C SER B 471 6.00 -24.42 -15.72
N ALA B 472 4.97 -24.67 -16.52
CA ALA B 472 4.79 -25.98 -17.17
C ALA B 472 5.25 -25.87 -18.64
N PHE B 473 5.60 -27.01 -19.23
CA PHE B 473 5.92 -27.06 -20.66
C PHE B 473 4.64 -26.74 -21.40
N LEU B 474 4.74 -25.98 -22.47
CA LEU B 474 3.58 -25.48 -23.16
C LEU B 474 3.13 -26.47 -24.24
N PHE B 475 1.99 -27.10 -24.04
CA PHE B 475 1.44 -27.92 -25.09
C PHE B 475 -0.02 -27.55 -25.29
N GLY B 476 -0.23 -26.42 -25.98
CA GLY B 476 -1.52 -25.92 -26.53
C GLY B 476 -2.77 -26.42 -25.85
N ALA B 477 -3.82 -25.60 -25.87
CA ALA B 477 -5.03 -25.78 -25.01
C ALA B 477 -4.81 -25.09 -23.63
N THR B 478 -3.76 -24.28 -23.55
CA THR B 478 -3.51 -23.42 -22.41
C THR B 478 -4.36 -22.17 -22.60
N GLY B 479 -4.32 -21.27 -21.64
CA GLY B 479 -5.15 -20.09 -21.74
C GLY B 479 -6.37 -20.17 -20.84
N LYS B 480 -6.56 -21.34 -20.24
CA LYS B 480 -7.42 -21.43 -19.08
C LYS B 480 -6.54 -21.57 -17.85
N TYR B 481 -5.25 -21.79 -18.06
CA TYR B 481 -4.40 -22.17 -16.99
C TYR B 481 -3.15 -21.29 -16.90
N GLY B 482 -3.12 -20.21 -17.69
CA GLY B 482 -1.97 -19.28 -17.65
C GLY B 482 -1.64 -18.62 -18.98
N ASN B 483 -0.46 -18.04 -19.03
CA ASN B 483 -0.03 -17.33 -20.23
C ASN B 483 1.28 -17.87 -20.70
N GLN B 484 1.41 -17.94 -22.01
CA GLN B 484 2.71 -18.11 -22.56
C GLN B 484 3.56 -16.90 -22.24
N VAL B 485 4.75 -17.21 -21.78
CA VAL B 485 5.55 -16.30 -21.02
C VAL B 485 6.99 -16.43 -21.48
N SER B 486 7.24 -17.47 -22.25
CA SER B 486 8.51 -17.63 -22.88
C SER B 486 8.33 -18.71 -23.96
N GLU B 487 9.43 -18.97 -24.67
CA GLU B 487 9.45 -19.98 -25.69
C GLU B 487 9.22 -21.29 -24.95
N HIS B 488 8.14 -21.99 -25.28
CA HIS B 488 7.82 -23.32 -24.67
C HIS B 488 7.32 -23.31 -23.23
N THR B 489 7.13 -22.14 -22.62
CA THR B 489 6.72 -22.10 -21.21
C THR B 489 5.38 -21.45 -20.95
N LEU B 490 4.58 -22.22 -20.20
CA LEU B 490 3.32 -21.78 -19.64
C LEU B 490 3.54 -21.19 -18.22
N GLY B 491 2.99 -20.01 -17.98
CA GLY B 491 3.12 -19.36 -16.71
C GLY B 491 1.84 -19.71 -16.01
N THR B 492 1.94 -20.58 -15.01
CA THR B 492 0.77 -21.24 -14.45
C THR B 492 0.03 -20.39 -13.45
N VAL B 493 -1.28 -20.30 -13.62
CA VAL B 493 -2.10 -19.54 -12.72
C VAL B 493 -1.99 -20.09 -11.31
N HIS B 494 -1.95 -19.19 -10.33
CA HIS B 494 -2.00 -19.60 -8.93
C HIS B 494 -2.46 -18.49 -8.01
N THR B 495 -2.74 -18.88 -6.76
CA THR B 495 -2.94 -17.95 -5.70
C THR B 495 -1.81 -18.07 -4.71
N HIS B 496 -1.59 -16.96 -4.00
CA HIS B 496 -0.72 -16.91 -2.85
C HIS B 496 -1.56 -16.50 -1.65
N SER B 497 -1.15 -16.99 -0.47
CA SER B 497 -1.76 -16.63 0.81
C SER B 497 -0.75 -16.83 1.92
N ALA B 498 -0.88 -16.02 2.96
CA ALA B 498 -0.05 -16.15 4.16
C ALA B 498 -0.87 -15.84 5.38
N HIS B 499 -0.46 -16.44 6.50
CA HIS B 499 -1.25 -16.39 7.72
C HIS B 499 -0.43 -15.89 8.88
N PHE B 500 -1.03 -14.89 9.54
CA PHE B 500 -0.39 -14.22 10.64
C PHE B 500 -1.23 -14.33 11.90
N LYS B 501 -0.50 -14.67 12.96
CA LYS B 501 -1.01 -14.61 14.30
C LYS B 501 -0.64 -13.29 14.93
N VAL B 502 -1.65 -12.61 15.49
CA VAL B 502 -1.47 -11.27 16.07
C VAL B 502 -2.00 -11.18 17.51
N ASP B 503 -1.09 -11.34 18.47
CA ASP B 503 -1.44 -11.39 19.89
C ASP B 503 -1.36 -10.01 20.52
N LEU B 504 -2.35 -9.20 20.17
CA LEU B 504 -2.50 -7.90 20.74
C LEU B 504 -2.96 -8.03 22.19
N ASP B 505 -2.19 -7.43 23.11
CA ASP B 505 -2.61 -7.19 24.49
C ASP B 505 -2.84 -5.69 24.74
N VAL B 506 -3.91 -5.17 24.13
CA VAL B 506 -4.26 -3.76 24.19
C VAL B 506 -4.51 -3.31 25.63
N ALA B 507 -3.52 -2.69 26.25
CA ALA B 507 -3.66 -2.18 27.61
C ALA B 507 -3.93 -3.31 28.60
N GLY B 508 -3.09 -4.34 28.57
CA GLY B 508 -3.30 -5.57 29.33
C GLY B 508 -4.13 -6.57 28.55
N LEU B 509 -4.33 -7.76 29.12
CA LEU B 509 -4.85 -8.93 28.40
C LEU B 509 -6.31 -8.86 27.99
N GLU B 510 -7.15 -8.22 28.80
CA GLU B 510 -8.59 -8.38 28.63
C GLU B 510 -9.03 -7.46 27.53
N ASN B 511 -9.42 -8.02 26.40
CA ASN B 511 -9.80 -7.20 25.27
C ASN B 511 -11.20 -7.54 24.82
N TRP B 512 -11.83 -6.63 24.12
CA TRP B 512 -13.15 -6.84 23.48
C TRP B 512 -12.92 -6.51 22.00
N VAL B 513 -13.90 -6.74 21.14
CA VAL B 513 -13.72 -6.32 19.78
C VAL B 513 -14.94 -5.61 19.28
N TRP B 514 -14.64 -4.48 18.66
CA TRP B 514 -15.60 -3.55 18.20
C TRP B 514 -15.51 -3.48 16.71
N ALA B 515 -16.66 -3.23 16.09
CA ALA B 515 -16.70 -3.02 14.69
C ALA B 515 -17.49 -1.76 14.48
N GLU B 516 -16.90 -0.78 13.79
CA GLU B 516 -17.63 0.44 13.40
C GLU B 516 -17.52 0.75 11.92
N ASP B 517 -18.51 1.49 11.44
CA ASP B 517 -18.75 1.65 10.02
C ASP B 517 -19.69 2.84 9.85
N MET B 518 -20.38 2.95 8.73
CA MET B 518 -21.05 4.20 8.42
C MET B 518 -22.39 3.97 7.83
N VAL B 519 -23.26 4.97 7.85
CA VAL B 519 -24.56 4.82 7.21
C VAL B 519 -25.26 6.16 6.94
N PHE B 520 -26.13 6.17 5.92
CA PHE B 520 -26.83 7.38 5.55
C PHE B 520 -28.29 7.27 5.89
N VAL B 521 -28.82 8.27 6.58
CA VAL B 521 -30.18 8.19 7.06
C VAL B 521 -30.93 9.40 6.56
N PRO B 522 -31.93 9.18 5.71
CA PRO B 522 -32.78 10.30 5.28
C PRO B 522 -33.53 10.94 6.44
N MET B 523 -33.52 12.26 6.49
CA MET B 523 -34.09 13.06 7.56
C MET B 523 -34.41 14.43 7.02
N ALA B 524 -35.51 14.99 7.48
CA ALA B 524 -35.83 16.39 7.22
C ALA B 524 -34.73 17.28 7.79
N VAL B 525 -34.52 18.41 7.12
CA VAL B 525 -33.50 19.37 7.52
C VAL B 525 -34.11 20.17 8.64
N PRO B 526 -33.46 20.20 9.81
CA PRO B 526 -34.08 20.88 10.96
C PRO B 526 -34.64 22.27 10.62
N TRP B 527 -33.77 23.20 10.25
CA TRP B 527 -34.13 24.61 9.93
C TRP B 527 -34.89 24.77 8.61
N SER B 528 -35.14 23.68 7.90
CA SER B 528 -35.99 23.69 6.72
C SER B 528 -36.55 22.28 6.49
N PRO B 529 -37.61 21.94 7.23
CA PRO B 529 -38.16 20.59 7.22
C PRO B 529 -38.69 20.09 5.89
N GLU B 530 -39.09 21.02 5.02
CA GLU B 530 -39.52 20.67 3.65
C GLU B 530 -38.44 19.98 2.87
N HIS B 531 -37.19 20.35 3.13
CA HIS B 531 -36.04 19.76 2.47
C HIS B 531 -35.55 18.54 3.21
N GLN B 532 -35.17 17.53 2.43
CA GLN B 532 -34.63 16.26 2.92
C GLN B 532 -33.12 16.41 3.00
N LEU B 533 -32.40 15.35 3.35
CA LEU B 533 -30.96 15.45 3.62
C LEU B 533 -30.42 14.09 4.09
N GLN B 534 -29.32 13.63 3.54
CA GLN B 534 -28.78 12.32 3.89
C GLN B 534 -27.78 12.46 5.03
N ARG B 535 -28.22 11.98 6.17
CA ARG B 535 -27.53 12.18 7.41
C ARG B 535 -26.53 11.06 7.67
N LEU B 536 -25.26 11.44 7.65
CA LEU B 536 -24.18 10.48 7.77
C LEU B 536 -23.95 10.17 9.25
N GLN B 537 -23.93 8.89 9.62
CA GLN B 537 -23.73 8.48 10.99
C GLN B 537 -22.73 7.36 11.14
N VAL B 538 -21.92 7.41 12.17
CA VAL B 538 -21.15 6.25 12.62
C VAL B 538 -22.09 5.15 13.19
N THR B 539 -21.58 3.94 13.21
CA THR B 539 -22.32 2.73 13.48
C THR B 539 -21.36 1.86 14.21
N ARG B 540 -21.62 1.59 15.48
CA ARG B 540 -20.71 0.79 16.32
C ARG B 540 -21.45 -0.48 16.78
N LYS B 541 -20.67 -1.48 17.17
CA LYS B 541 -21.22 -2.76 17.53
C LYS B 541 -20.17 -3.64 18.20
N LEU B 542 -20.55 -4.24 19.32
CA LEU B 542 -19.64 -5.09 20.05
C LEU B 542 -19.81 -6.50 19.50
N LEU B 543 -18.72 -7.23 19.34
CA LEU B 543 -18.84 -8.58 18.86
C LEU B 543 -18.40 -9.51 19.98
N GLU B 544 -19.38 -10.14 20.66
CA GLU B 544 -19.11 -10.88 21.91
C GLU B 544 -18.56 -12.26 21.65
N MET B 545 -18.99 -12.88 20.53
CA MET B 545 -18.75 -14.31 20.24
C MET B 545 -17.79 -14.54 19.06
N GLU B 546 -16.86 -15.50 19.23
CA GLU B 546 -15.85 -15.83 18.20
C GLU B 546 -16.34 -15.71 16.76
N GLU B 547 -17.49 -16.28 16.44
CA GLU B 547 -17.88 -16.28 15.02
C GLU B 547 -18.53 -14.99 14.54
N GLN B 548 -18.77 -14.05 15.44
CA GLN B 548 -19.18 -12.73 14.97
C GLN B 548 -17.96 -12.04 14.34
N ALA B 549 -16.77 -12.33 14.86
CA ALA B 549 -15.49 -11.76 14.40
C ALA B 549 -14.64 -12.72 13.55
N ALA B 550 -15.31 -13.61 12.84
CA ALA B 550 -14.67 -14.47 11.86
C ALA B 550 -15.23 -13.97 10.58
N PHE B 551 -14.33 -13.56 9.68
CA PHE B 551 -14.73 -12.93 8.44
C PHE B 551 -14.21 -13.69 7.25
N LEU B 552 -15.11 -14.21 6.43
CA LEU B 552 -14.63 -15.04 5.35
C LEU B 552 -14.27 -14.19 4.15
N VAL B 553 -13.37 -14.74 3.35
CA VAL B 553 -13.08 -14.18 2.05
C VAL B 553 -14.40 -14.03 1.33
N GLY B 554 -14.56 -12.96 0.58
CA GLY B 554 -15.76 -12.81 -0.21
C GLY B 554 -16.94 -12.13 0.46
N SER B 555 -17.12 -12.34 1.76
CA SER B 555 -18.09 -11.54 2.53
C SER B 555 -17.45 -10.20 2.90
N ALA B 556 -18.28 -9.21 3.21
CA ALA B 556 -17.78 -7.84 3.46
C ALA B 556 -17.45 -7.61 4.92
N THR B 557 -16.63 -6.59 5.12
CA THR B 557 -15.96 -6.36 6.37
C THR B 557 -16.30 -4.96 6.89
N PRO B 558 -16.33 -4.81 8.22
CA PRO B 558 -16.57 -3.47 8.71
C PRO B 558 -15.35 -2.58 8.45
N ARG B 559 -15.62 -1.30 8.23
CA ARG B 559 -14.59 -0.40 7.78
C ARG B 559 -13.56 -0.16 8.89
N TYR B 560 -14.06 -0.04 10.11
CA TYR B 560 -13.22 0.10 11.29
C TYR B 560 -13.43 -1.13 12.14
N LEU B 561 -12.34 -1.77 12.52
CA LEU B 561 -12.41 -2.94 13.33
C LEU B 561 -11.22 -2.99 14.24
N TYR B 562 -11.46 -2.94 15.56
CA TYR B 562 -10.34 -2.92 16.54
C TYR B 562 -10.59 -3.74 17.78
N LEU B 563 -9.49 -4.10 18.41
CA LEU B 563 -9.48 -4.66 19.75
C LEU B 563 -9.34 -3.56 20.82
N ALA B 564 -10.31 -3.50 21.73
CA ALA B 564 -10.35 -2.51 22.81
C ALA B 564 -10.06 -3.13 24.18
N SER B 565 -9.46 -2.33 25.06
CA SER B 565 -9.50 -2.58 26.49
C SER B 565 -10.78 -1.96 27.06
N ASN B 566 -10.98 -2.12 28.37
CA ASN B 566 -12.10 -1.44 29.02
C ASN B 566 -11.58 -0.17 29.68
N HIS B 567 -10.28 -0.16 29.99
CA HIS B 567 -9.54 1.08 30.17
C HIS B 567 -9.81 2.07 29.02
N SER B 568 -10.36 3.21 29.36
CA SER B 568 -10.63 4.28 28.42
C SER B 568 -9.48 5.30 28.39
N ASN B 569 -9.34 6.04 27.29
CA ASN B 569 -8.35 7.14 27.21
C ASN B 569 -8.94 8.39 27.86
N LYS B 570 -8.13 9.45 27.92
CA LYS B 570 -8.54 10.67 28.57
C LYS B 570 -9.88 11.25 28.07
N TRP B 571 -10.28 10.99 26.84
CA TRP B 571 -11.53 11.62 26.33
C TRP B 571 -12.73 10.69 26.47
N GLY B 572 -12.49 9.54 27.09
CA GLY B 572 -13.58 8.66 27.49
C GLY B 572 -13.92 7.62 26.44
N HIS B 573 -12.91 7.21 25.69
CA HIS B 573 -13.08 6.28 24.59
C HIS B 573 -12.21 5.07 24.88
N PRO B 574 -12.70 3.87 24.50
CA PRO B 574 -11.95 2.64 24.80
C PRO B 574 -10.61 2.62 24.09
N ARG B 575 -9.55 2.48 24.86
CA ARG B 575 -8.24 2.36 24.28
C ARG B 575 -8.25 1.23 23.24
N GLY B 576 -7.99 1.57 21.97
CA GLY B 576 -8.09 0.65 20.83
C GLY B 576 -6.85 0.48 19.94
N TYR B 577 -6.86 -0.62 19.19
CA TYR B 577 -5.87 -0.87 18.17
C TYR B 577 -6.60 -1.54 17.04
N ARG B 578 -6.65 -0.83 15.93
CA ARG B 578 -7.44 -1.20 14.80
C ARG B 578 -6.62 -2.07 13.85
N ILE B 579 -7.29 -3.06 13.29
CA ILE B 579 -6.68 -3.83 12.22
C ILE B 579 -7.23 -3.32 10.91
N GLN B 580 -6.31 -3.06 10.00
CA GLN B 580 -6.62 -2.59 8.67
C GLN B 580 -5.84 -3.44 7.69
N MET B 581 -6.58 -4.02 6.76
CA MET B 581 -6.04 -5.07 5.94
C MET B 581 -5.73 -4.62 4.51
N LEU B 582 -4.56 -5.05 4.06
CA LEU B 582 -4.15 -4.85 2.69
C LEU B 582 -3.99 -6.19 2.00
N SER B 583 -5.06 -6.60 1.34
CA SER B 583 -5.10 -7.90 0.70
C SER B 583 -6.09 -7.86 -0.44
N PHE B 584 -5.78 -8.65 -1.48
CA PHE B 584 -6.55 -8.78 -2.70
C PHE B 584 -6.94 -10.23 -2.91
N ALA B 585 -7.22 -10.91 -1.80
CA ALA B 585 -7.17 -12.36 -1.74
C ALA B 585 -7.93 -13.05 -2.84
N GLY B 586 -7.24 -14.01 -3.46
CA GLY B 586 -7.82 -14.93 -4.42
C GLY B 586 -8.82 -15.87 -3.80
N GLU B 587 -9.87 -16.17 -4.54
CA GLU B 587 -10.91 -17.12 -4.13
C GLU B 587 -10.26 -18.43 -3.64
N PRO B 588 -10.62 -18.88 -2.42
CA PRO B 588 -9.89 -19.99 -1.84
C PRO B 588 -10.43 -21.34 -2.27
N LEU B 589 -9.55 -22.32 -2.19
CA LEU B 589 -9.88 -23.67 -2.58
C LEU B 589 -11.20 -24.00 -1.95
N PRO B 590 -12.20 -24.42 -2.74
CA PRO B 590 -13.52 -24.60 -2.12
C PRO B 590 -13.55 -25.67 -1.00
N GLN B 591 -14.55 -25.54 -0.14
CA GLN B 591 -14.68 -26.31 1.12
C GLN B 591 -14.89 -27.79 0.80
N ASN B 592 -15.77 -28.04 -0.18
CA ASN B 592 -15.96 -29.32 -0.85
C ASN B 592 -14.70 -30.17 -1.03
N SER B 593 -13.53 -29.55 -1.10
CA SER B 593 -12.30 -30.30 -1.33
C SER B 593 -11.92 -31.02 -0.09
N SER B 594 -11.65 -32.30 -0.22
CA SER B 594 -11.22 -33.11 0.93
C SER B 594 -9.86 -32.65 1.54
N MET B 595 -9.21 -31.73 0.88
CA MET B 595 -7.88 -31.30 1.28
C MET B 595 -7.95 -30.08 2.16
N ALA B 596 -9.00 -29.29 1.96
CA ALA B 596 -9.11 -27.95 2.50
C ALA B 596 -8.85 -27.79 4.01
N ARG B 597 -9.27 -28.77 4.80
CA ARG B 597 -9.08 -28.71 6.25
C ARG B 597 -7.61 -28.61 6.64
N GLY B 598 -6.72 -28.86 5.69
CA GLY B 598 -5.29 -28.68 5.91
C GLY B 598 -4.81 -27.25 5.87
N PHE B 599 -5.67 -26.33 5.43
CA PHE B 599 -5.37 -24.91 5.49
C PHE B 599 -6.67 -24.10 5.53
N SER B 600 -7.50 -24.41 6.51
CA SER B 600 -8.83 -23.83 6.60
C SER B 600 -8.79 -22.30 6.84
N TRP B 601 -7.62 -21.81 7.23
CA TRP B 601 -7.45 -20.38 7.44
C TRP B 601 -7.61 -19.56 6.16
N GLU B 602 -7.18 -20.14 5.05
CA GLU B 602 -7.38 -19.55 3.72
C GLU B 602 -8.80 -19.02 3.50
N ARG B 603 -9.79 -19.60 4.16
CA ARG B 603 -11.18 -19.20 3.88
C ARG B 603 -11.57 -17.88 4.58
N TYR B 604 -10.69 -17.43 5.47
CA TYR B 604 -10.91 -16.22 6.30
C TYR B 604 -9.97 -15.09 5.94
N GLN B 605 -10.49 -13.88 6.00
CA GLN B 605 -9.65 -12.72 5.92
C GLN B 605 -9.10 -12.52 7.31
N LEU B 606 -10.04 -12.40 8.23
CA LEU B 606 -9.75 -12.06 9.60
C LEU B 606 -10.55 -12.95 10.53
N ALA B 607 -9.90 -13.37 11.60
CA ALA B 607 -10.63 -13.99 12.71
C ALA B 607 -9.98 -13.72 14.06
N VAL B 608 -10.83 -13.55 15.09
CA VAL B 608 -10.38 -13.33 16.48
C VAL B 608 -10.93 -14.39 17.41
N THR B 609 -10.10 -14.73 18.39
CA THR B 609 -10.17 -16.00 19.07
C THR B 609 -9.66 -15.88 20.50
N GLN B 610 -10.16 -16.71 21.41
CA GLN B 610 -9.48 -16.79 22.70
C GLN B 610 -8.09 -17.36 22.59
N ARG B 611 -7.11 -16.62 23.05
CA ARG B 611 -5.77 -17.16 23.07
C ARG B 611 -5.72 -18.35 24.01
N LYS B 612 -5.06 -19.42 23.59
CA LYS B 612 -4.99 -20.63 24.41
C LYS B 612 -3.66 -21.28 24.25
N GLU B 613 -3.12 -21.82 25.32
CA GLU B 613 -1.84 -22.50 25.23
C GLU B 613 -1.92 -23.73 24.32
N GLU B 614 -3.06 -24.42 24.29
CA GLU B 614 -3.21 -25.58 23.40
C GLU B 614 -3.56 -25.17 21.97
N GLU B 615 -3.67 -23.87 21.66
CA GLU B 615 -3.80 -23.41 20.26
C GLU B 615 -2.65 -22.47 19.87
N PRO B 616 -1.39 -22.96 19.93
CA PRO B 616 -0.22 -22.11 19.62
C PRO B 616 -0.03 -21.72 18.15
N SER B 617 -0.58 -22.51 17.22
CA SER B 617 -0.28 -22.40 15.81
C SER B 617 -1.50 -22.69 14.97
N SER B 618 -1.54 -22.02 13.86
CA SER B 618 -2.65 -21.95 12.95
C SER B 618 -2.57 -23.10 11.95
N SER B 619 -1.37 -23.67 11.87
CA SER B 619 -1.09 -24.81 11.02
C SER B 619 0.07 -25.58 11.66
N SER B 620 0.62 -26.54 10.93
CA SER B 620 1.69 -27.38 11.43
C SER B 620 2.58 -27.86 10.28
N VAL B 621 3.83 -28.15 10.61
CA VAL B 621 4.77 -28.72 9.66
C VAL B 621 4.25 -30.02 9.04
N PHE B 622 3.31 -30.69 9.71
CA PHE B 622 2.87 -32.03 9.28
C PHE B 622 1.65 -31.99 8.38
N ASN B 623 1.07 -30.81 8.15
CA ASN B 623 -0.11 -30.73 7.28
C ASN B 623 0.18 -30.93 5.78
N GLN B 624 1.35 -30.49 5.30
CA GLN B 624 1.74 -30.58 3.88
C GLN B 624 1.50 -31.98 3.35
N ASN B 625 2.12 -32.95 4.03
CA ASN B 625 2.08 -34.33 3.62
C ASN B 625 0.81 -35.15 3.98
N ASP B 626 -0.15 -34.58 4.71
CA ASP B 626 -1.47 -35.21 4.86
C ASP B 626 -2.55 -34.19 5.26
N PRO B 627 -2.96 -33.32 4.34
CA PRO B 627 -4.00 -32.34 4.65
C PRO B 627 -5.40 -32.92 4.72
N TRP B 628 -5.52 -34.21 4.43
CA TRP B 628 -6.85 -34.84 4.42
C TRP B 628 -7.19 -35.31 5.85
N ALA B 629 -6.11 -35.66 6.58
CA ALA B 629 -6.10 -35.85 8.01
C ALA B 629 -5.18 -34.76 8.63
N PRO B 630 -5.69 -33.53 8.68
CA PRO B 630 -4.84 -32.41 9.08
C PRO B 630 -4.36 -32.52 10.53
N THR B 631 -3.06 -32.47 10.75
CA THR B 631 -2.49 -32.42 12.09
C THR B 631 -2.99 -31.23 12.92
N VAL B 632 -3.28 -30.09 12.29
CA VAL B 632 -3.98 -28.95 12.93
C VAL B 632 -5.00 -28.40 11.96
N ASP B 633 -6.22 -28.17 12.39
CA ASP B 633 -7.22 -27.59 11.50
C ASP B 633 -7.63 -26.28 12.15
N PHE B 634 -7.36 -25.18 11.45
CA PHE B 634 -7.56 -23.87 12.02
C PHE B 634 -9.02 -23.60 12.44
N SER B 635 -10.02 -24.09 11.70
CA SER B 635 -11.42 -23.69 11.98
C SER B 635 -11.93 -24.26 13.31
N ASP B 636 -11.16 -25.18 13.87
CA ASP B 636 -11.44 -25.66 15.21
C ASP B 636 -11.37 -24.55 16.25
N PHE B 637 -10.48 -23.57 16.05
CA PHE B 637 -10.24 -22.48 17.03
C PHE B 637 -11.47 -21.63 17.15
N ILE B 638 -12.22 -21.52 16.06
CA ILE B 638 -13.47 -20.78 16.11
C ILE B 638 -14.55 -21.78 16.46
N ASN B 639 -15.15 -21.61 17.64
CA ASN B 639 -16.09 -22.60 18.18
C ASN B 639 -17.02 -22.02 19.25
N ASN B 640 -17.64 -20.87 18.94
CA ASN B 640 -18.68 -20.29 19.82
C ASN B 640 -18.27 -20.08 21.26
N GLU B 641 -17.11 -19.50 21.47
CA GLU B 641 -16.74 -19.01 22.78
C GLU B 641 -17.06 -17.53 22.88
N THR B 642 -16.71 -16.90 24.00
CA THR B 642 -16.87 -15.48 24.14
C THR B 642 -15.53 -14.86 23.87
N ILE B 643 -15.58 -13.66 23.29
CA ILE B 643 -14.40 -12.82 23.11
C ILE B 643 -14.60 -11.46 23.81
N ALA B 644 -15.66 -11.33 24.63
CA ALA B 644 -15.88 -10.16 25.50
C ALA B 644 -15.08 -10.27 26.80
N GLY B 645 -14.00 -9.51 26.88
CA GLY B 645 -13.21 -9.44 28.06
C GLY B 645 -12.19 -10.54 28.25
N LYS B 646 -11.77 -11.26 27.21
CA LYS B 646 -10.71 -12.28 27.44
C LYS B 646 -9.43 -11.94 26.73
N ASP B 647 -8.39 -12.74 26.95
CA ASP B 647 -7.12 -12.56 26.25
C ASP B 647 -7.31 -12.96 24.81
N LEU B 648 -7.40 -11.98 23.90
CA LEU B 648 -7.72 -12.29 22.50
C LEU B 648 -6.49 -12.32 21.66
N VAL B 649 -6.58 -13.09 20.57
CA VAL B 649 -5.54 -13.18 19.56
C VAL B 649 -6.25 -13.13 18.22
N ALA B 650 -5.67 -12.39 17.28
CA ALA B 650 -6.30 -12.13 15.98
C ALA B 650 -5.53 -12.84 14.89
N TRP B 651 -6.24 -13.32 13.89
CA TRP B 651 -5.60 -14.09 12.82
C TRP B 651 -5.91 -13.43 11.51
N VAL B 652 -4.84 -13.13 10.77
CA VAL B 652 -4.94 -12.39 9.52
C VAL B 652 -4.33 -13.13 8.37
N THR B 653 -5.13 -13.19 7.31
CA THR B 653 -4.85 -13.92 6.09
C THR B 653 -4.69 -12.86 5.01
N ALA B 654 -3.56 -12.88 4.32
CA ALA B 654 -3.34 -11.93 3.23
C ALA B 654 -2.87 -12.64 1.96
N GLY B 655 -3.50 -12.34 0.84
CA GLY B 655 -3.04 -12.90 -0.43
C GLY B 655 -3.51 -12.22 -1.70
N PHE B 656 -3.15 -12.87 -2.82
CA PHE B 656 -3.56 -12.43 -4.15
C PHE B 656 -3.51 -13.54 -5.20
N LEU B 657 -4.33 -13.33 -6.23
CA LEU B 657 -4.30 -14.11 -7.50
C LEU B 657 -3.12 -13.67 -8.38
N HIS B 658 -2.33 -14.64 -8.81
CA HIS B 658 -1.21 -14.37 -9.67
C HIS B 658 -1.32 -15.17 -10.97
N ILE B 659 -1.68 -14.47 -12.06
CA ILE B 659 -1.69 -15.01 -13.41
C ILE B 659 -0.41 -14.59 -14.10
N PRO B 660 0.61 -15.47 -14.14
CA PRO B 660 1.88 -14.96 -14.66
C PRO B 660 1.80 -14.37 -16.08
N HIS B 661 2.80 -13.51 -16.37
CA HIS B 661 2.88 -12.73 -17.61
C HIS B 661 4.34 -12.39 -17.85
N ALA B 662 4.61 -11.82 -19.02
CA ALA B 662 5.99 -11.80 -19.52
C ALA B 662 6.92 -11.05 -18.59
N GLU B 663 6.37 -10.02 -17.99
CA GLU B 663 7.13 -9.18 -17.08
C GLU B 663 7.61 -9.91 -15.82
N ASP B 664 7.13 -11.15 -15.61
CA ASP B 664 7.63 -12.04 -14.56
C ASP B 664 8.90 -12.80 -14.99
N ILE B 665 9.51 -12.40 -16.11
CA ILE B 665 10.76 -13.02 -16.60
C ILE B 665 11.94 -12.04 -16.54
N PRO B 666 12.97 -12.38 -15.80
CA PRO B 666 13.24 -13.59 -15.05
C PRO B 666 12.40 -13.77 -13.78
N ASN B 667 12.25 -12.69 -13.00
CA ASN B 667 11.57 -12.76 -11.71
C ASN B 667 10.28 -12.00 -11.69
N THR B 668 9.47 -12.30 -10.68
CA THR B 668 8.32 -11.49 -10.36
C THR B 668 8.84 -10.35 -9.50
N VAL B 669 8.37 -9.14 -9.78
CA VAL B 669 8.86 -7.98 -9.04
C VAL B 669 7.92 -7.67 -7.91
N THR B 670 8.40 -6.90 -6.94
CA THR B 670 7.65 -6.62 -5.73
C THR B 670 6.52 -5.64 -5.94
N VAL B 671 6.75 -4.64 -6.77
CA VAL B 671 5.77 -3.59 -6.98
C VAL B 671 4.32 -4.09 -7.03
N GLY B 672 3.45 -3.56 -6.18
CA GLY B 672 2.02 -3.90 -6.24
C GLY B 672 1.63 -5.24 -5.62
N ASN B 673 2.64 -6.06 -5.27
CA ASN B 673 2.48 -7.39 -4.68
C ASN B 673 2.64 -7.42 -3.17
N GLY B 674 2.82 -6.27 -2.55
CA GLY B 674 2.84 -6.21 -1.10
C GLY B 674 1.47 -6.55 -0.61
N VAL B 675 1.39 -7.42 0.38
CA VAL B 675 0.16 -7.57 1.11
C VAL B 675 0.47 -7.71 2.58
N GLY B 676 -0.50 -7.28 3.37
CA GLY B 676 -0.43 -7.40 4.82
C GLY B 676 -1.54 -6.65 5.54
N PHE B 677 -1.15 -5.97 6.63
CA PHE B 677 -2.12 -5.25 7.43
C PHE B 677 -1.41 -4.21 8.28
N PHE B 678 -2.17 -3.19 8.64
CA PHE B 678 -1.78 -2.21 9.66
C PHE B 678 -2.44 -2.48 10.99
N LEU B 679 -1.63 -2.35 12.04
CA LEU B 679 -2.11 -2.20 13.42
C LEU B 679 -2.03 -0.74 13.81
N ARG B 680 -3.19 -0.10 13.95
CA ARG B 680 -3.24 1.34 14.17
C ARG B 680 -3.94 1.79 15.47
N PRO B 681 -3.27 2.64 16.27
CA PRO B 681 -3.85 3.25 17.46
C PRO B 681 -5.21 3.84 17.16
N TYR B 682 -6.22 3.47 17.95
CA TYR B 682 -7.52 4.08 17.81
C TYR B 682 -8.04 4.49 19.20
N ASN B 683 -7.76 5.75 19.56
CA ASN B 683 -7.99 6.31 20.89
C ASN B 683 -7.16 5.59 21.92
N PHE B 684 -6.11 4.92 21.50
CA PHE B 684 -5.21 4.30 22.44
C PHE B 684 -4.49 5.36 23.24
N PHE B 685 -4.04 6.43 22.58
CA PHE B 685 -3.43 7.56 23.27
C PHE B 685 -4.43 8.72 23.38
N ASP B 686 -4.00 9.80 24.06
CA ASP B 686 -4.85 10.99 24.28
C ASP B 686 -4.59 12.02 23.16
N GLU B 687 -3.41 11.91 22.55
CA GLU B 687 -2.99 12.75 21.45
C GLU B 687 -1.88 11.99 20.69
N ASP B 688 -1.66 12.29 19.42
CA ASP B 688 -0.61 11.64 18.62
C ASP B 688 0.82 11.73 19.23
N PRO B 689 1.43 10.59 19.58
CA PRO B 689 2.77 10.60 20.17
C PRO B 689 3.86 11.31 19.42
N SER B 690 3.69 11.42 18.09
CA SER B 690 4.69 12.07 17.21
C SER B 690 4.84 13.56 17.57
N PHE B 691 3.79 14.11 18.20
CA PHE B 691 3.80 15.47 18.70
C PHE B 691 4.97 15.69 19.65
N TYR B 692 5.49 14.63 20.27
CA TYR B 692 6.66 14.75 21.15
C TYR B 692 7.91 14.34 20.43
N SER B 693 7.90 14.46 19.11
CA SER B 693 9.03 13.95 18.34
C SER B 693 10.25 14.82 18.53
N ALA B 694 11.38 14.19 18.81
CA ALA B 694 12.68 14.90 18.72
C ALA B 694 12.97 15.47 17.33
N ASP B 695 12.31 14.97 16.29
CA ASP B 695 12.63 15.33 14.92
C ASP B 695 11.58 16.26 14.28
N SER B 696 10.64 16.75 15.07
CA SER B 696 9.57 17.60 14.57
C SER B 696 10.15 18.95 14.12
N ILE B 697 9.52 19.58 13.10
CA ILE B 697 9.89 20.95 12.66
C ILE B 697 8.72 21.93 12.74
N TYR B 698 9.00 23.12 13.29
CA TYR B 698 7.99 24.19 13.39
C TYR B 698 8.57 25.60 13.26
N PHE B 699 7.82 26.47 12.58
CA PHE B 699 8.08 27.90 12.51
C PHE B 699 6.86 28.69 12.03
N ARG B 700 6.77 29.93 12.55
CA ARG B 700 5.78 30.90 12.15
C ARG B 700 6.49 31.77 11.13
N GLY B 701 5.71 32.46 10.30
CA GLY B 701 6.27 33.32 9.25
C GLY B 701 7.12 34.47 9.76
N ASP B 702 6.69 35.04 10.89
CA ASP B 702 7.46 36.06 11.60
C ASP B 702 8.80 35.56 12.18
N GLN B 703 9.24 34.36 11.84
CA GLN B 703 10.56 33.91 12.26
C GLN B 703 11.49 33.78 11.06
N ASP B 704 12.77 33.60 11.38
CA ASP B 704 13.78 33.32 10.37
C ASP B 704 13.91 31.80 10.25
N ALA B 705 13.15 31.21 9.31
CA ALA B 705 13.22 29.77 9.08
C ALA B 705 14.63 29.24 8.76
N GLY B 706 15.55 30.12 8.39
CA GLY B 706 16.94 29.75 8.10
C GLY B 706 17.87 29.79 9.31
N ALA B 707 17.31 30.11 10.48
CA ALA B 707 18.11 30.22 11.72
C ALA B 707 18.17 28.87 12.45
N CYS B 708 19.37 28.42 12.78
CA CYS B 708 19.56 27.07 13.33
C CYS B 708 18.72 26.78 14.58
N GLU B 709 18.49 27.80 15.41
CA GLU B 709 17.75 27.61 16.65
C GLU B 709 16.27 28.01 16.57
N VAL B 710 15.81 28.52 15.43
CA VAL B 710 14.37 28.48 15.13
C VAL B 710 14.02 27.10 14.59
N ASN B 711 15.01 26.46 13.94
CA ASN B 711 14.75 25.34 13.03
C ASN B 711 15.97 24.45 12.83
N PRO B 712 15.94 23.23 13.34
CA PRO B 712 17.17 22.42 13.29
C PRO B 712 17.65 22.02 11.88
N LEU B 713 16.82 22.22 10.85
CA LEU B 713 17.22 21.92 9.47
C LEU B 713 18.23 22.92 8.93
N ALA B 714 18.13 24.16 9.37
CA ALA B 714 19.14 25.14 9.06
C ALA B 714 20.48 24.91 9.80
N CYS B 715 20.87 23.66 10.07
CA CYS B 715 22.15 23.35 10.73
C CYS B 715 22.86 22.25 9.96
N LEU B 716 24.20 22.25 9.98
CA LEU B 716 24.96 21.32 9.14
C LEU B 716 25.86 20.34 9.90
N PRO B 717 25.43 19.06 10.02
CA PRO B 717 26.15 18.02 10.77
C PRO B 717 27.22 17.27 9.96
N GLN B 718 28.46 17.73 10.06
CA GLN B 718 29.66 17.02 9.56
C GLN B 718 29.81 16.85 8.04
N ALA B 719 29.08 17.66 7.25
CA ALA B 719 29.15 17.64 5.77
C ALA B 719 30.28 18.55 5.25
N ALA B 720 31.22 18.04 4.45
CA ALA B 720 31.20 16.70 3.81
C ALA B 720 31.18 15.45 4.74
N ALA B 721 32.12 15.24 5.68
CA ALA B 721 33.46 15.83 5.78
C ALA B 721 34.38 14.82 6.48
N CYS B 722 34.74 13.69 5.83
CA CYS B 722 34.15 13.23 4.56
C CYS B 722 33.35 11.92 4.71
N ALA B 723 32.09 11.97 4.28
CA ALA B 723 31.32 10.79 3.85
C ALA B 723 30.63 10.07 4.99
N PRO B 724 29.71 9.15 4.63
CA PRO B 724 29.41 8.02 5.50
C PRO B 724 30.54 7.02 5.38
N ASP B 725 31.00 6.45 6.49
CA ASP B 725 32.06 5.45 6.42
C ASP B 725 31.41 4.08 6.28
N LEU B 726 31.70 3.41 5.18
CA LEU B 726 30.98 2.20 4.82
C LEU B 726 31.80 0.96 5.12
N PRO B 727 31.16 -0.08 5.69
CA PRO B 727 31.86 -1.33 5.91
C PRO B 727 32.14 -2.07 4.60
N ALA B 728 33.20 -2.88 4.63
CA ALA B 728 33.58 -3.72 3.50
C ALA B 728 32.47 -4.69 3.19
N PHE B 729 32.08 -4.74 1.92
CA PHE B 729 31.06 -5.70 1.51
C PHE B 729 31.51 -7.14 1.77
N SER B 730 30.53 -7.96 2.14
CA SER B 730 30.67 -9.41 2.19
C SER B 730 29.29 -10.07 2.04
N HIS B 731 29.33 -11.36 1.69
CA HIS B 731 28.12 -12.15 1.48
C HIS B 731 28.10 -13.41 2.34
N GLY B 732 26.89 -13.77 2.77
CA GLY B 732 26.64 -14.95 3.59
C GLY B 732 27.25 -16.21 3.01
N GLY B 733 26.98 -16.46 1.73
CA GLY B 733 27.53 -17.62 1.03
C GLY B 733 26.41 -18.55 0.66
N PHE B 734 26.77 -19.77 0.29
CA PHE B 734 25.76 -20.77 -0.10
C PHE B 734 25.84 -22.07 0.75
N SER B 735 24.83 -22.93 0.62
CA SER B 735 24.64 -24.10 1.51
C SER B 735 25.72 -25.20 1.39
N HIS B 736 26.69 -25.00 0.49
CA HIS B 736 27.94 -25.79 0.39
C HIS B 736 27.70 -27.24 -0.06
#